data_7BQE
#
_entry.id   7BQE
#
_entity_poly.entity_id   1
_entity_poly.type   'polypeptide(L)'
_entity_poly.pdbx_seq_one_letter_code
;GSDEEIRKKLEELAKRKGKDLQLRRYNDPNEVEKSIREALKKGRTLIIIINGVFVVVSTDEDLIREIKRLIKESNPNKKT
LDVTTEEDLEEVLRRIKKGSWSLEHHHHHH
;
_entity_poly.pdbx_strand_id   A
#
# COMPACT_ATOMS: atom_id res chain seq x y z
N GLY A 1 -10.94 9.32 9.35
CA GLY A 1 -9.95 10.41 9.38
C GLY A 1 -9.47 10.75 7.98
N SER A 2 -8.16 11.05 7.83
CA SER A 2 -7.53 11.42 6.55
C SER A 2 -7.55 10.29 5.49
N ASP A 3 -7.77 9.04 5.91
CA ASP A 3 -8.03 7.91 5.01
C ASP A 3 -9.25 8.14 4.09
N GLU A 4 -10.28 8.84 4.58
CA GLU A 4 -11.47 9.20 3.79
C GLU A 4 -11.16 10.32 2.76
N GLU A 5 -10.21 11.20 3.10
CA GLU A 5 -9.72 12.28 2.23
C GLU A 5 -8.81 11.73 1.12
N ILE A 6 -8.01 10.69 1.41
CA ILE A 6 -7.20 9.98 0.42
C ILE A 6 -8.06 9.10 -0.48
N ARG A 7 -9.13 8.48 0.05
CA ARG A 7 -9.98 7.53 -0.69
C ARG A 7 -10.43 8.08 -2.05
N LYS A 8 -10.79 9.37 -2.11
CA LYS A 8 -11.20 10.06 -3.35
C LYS A 8 -10.11 10.00 -4.43
N LYS A 9 -8.83 10.17 -4.05
CA LYS A 9 -7.71 10.18 -5.00
C LYS A 9 -7.51 8.80 -5.62
N LEU A 10 -7.76 7.76 -4.82
CA LEU A 10 -7.65 6.35 -5.18
C LEU A 10 -8.85 5.90 -6.04
N GLU A 11 -10.07 6.21 -5.63
CA GLU A 11 -11.28 5.80 -6.34
C GLU A 11 -11.49 6.57 -7.66
N GLU A 12 -11.02 7.82 -7.76
CA GLU A 12 -10.94 8.55 -9.02
C GLU A 12 -9.93 7.88 -9.97
N LEU A 13 -8.78 7.41 -9.45
CA LEU A 13 -7.74 6.73 -10.22
C LEU A 13 -8.22 5.40 -10.81
N ALA A 14 -9.12 4.71 -10.10
CA ALA A 14 -9.81 3.52 -10.58
C ALA A 14 -10.64 3.79 -11.86
N LYS A 15 -11.29 4.96 -11.97
CA LYS A 15 -11.99 5.39 -13.19
C LYS A 15 -11.03 5.85 -14.30
N ARG A 16 -9.90 6.46 -13.93
CA ARG A 16 -8.88 6.95 -14.89
C ARG A 16 -8.21 5.79 -15.63
N LYS A 17 -7.82 4.72 -14.91
CA LYS A 17 -7.07 3.59 -15.48
C LYS A 17 -7.92 2.34 -15.74
N GLY A 18 -9.14 2.28 -15.19
CA GLY A 18 -10.08 1.17 -15.37
C GLY A 18 -9.81 -0.08 -14.51
N LYS A 19 -8.95 0.02 -13.49
CA LYS A 19 -8.64 -1.07 -12.54
C LYS A 19 -9.51 -0.99 -11.27
N ASP A 20 -9.67 -2.11 -10.56
CA ASP A 20 -10.35 -2.16 -9.26
C ASP A 20 -9.38 -1.82 -8.11
N LEU A 21 -9.61 -0.68 -7.46
CA LEU A 21 -8.94 -0.23 -6.23
C LEU A 21 -9.95 -0.21 -5.07
N GLN A 22 -9.57 -0.71 -3.89
CA GLN A 22 -10.40 -0.70 -2.67
C GLN A 22 -9.54 -0.44 -1.42
N LEU A 23 -10.10 0.26 -0.42
CA LEU A 23 -9.42 0.66 0.81
C LEU A 23 -10.03 -0.04 2.04
N ARG A 24 -9.17 -0.61 2.90
CA ARG A 24 -9.55 -1.34 4.14
C ARG A 24 -8.56 -1.09 5.28
N ARG A 25 -9.00 -1.25 6.53
CA ARG A 25 -8.18 -1.15 7.76
C ARG A 25 -8.04 -2.53 8.45
N TYR A 26 -6.89 -2.81 9.05
CA TYR A 26 -6.54 -4.05 9.76
C TYR A 26 -5.78 -3.79 11.07
N ASN A 27 -5.78 -4.75 11.99
CA ASN A 27 -5.11 -4.64 13.30
C ASN A 27 -3.84 -5.51 13.45
N ASP A 28 -3.73 -6.64 12.73
CA ASP A 28 -2.61 -7.59 12.88
C ASP A 28 -2.03 -8.09 11.53
N PRO A 29 -0.71 -8.32 11.43
CA PRO A 29 -0.08 -9.02 10.29
C PRO A 29 -0.75 -10.37 9.94
N ASN A 30 -1.27 -11.11 10.93
CA ASN A 30 -1.91 -12.40 10.68
C ASN A 30 -3.27 -12.27 9.97
N GLU A 31 -4.02 -11.20 10.24
CA GLU A 31 -5.30 -10.93 9.59
C GLU A 31 -5.08 -10.30 8.21
N VAL A 32 -4.08 -9.43 8.09
CA VAL A 32 -3.86 -8.63 6.88
C VAL A 32 -3.34 -9.47 5.72
N GLU A 33 -2.47 -10.46 6.02
CA GLU A 33 -1.89 -11.42 5.07
C GLU A 33 -2.96 -12.08 4.19
N LYS A 34 -4.10 -12.44 4.78
CA LYS A 34 -5.21 -13.13 4.08
C LYS A 34 -5.81 -12.29 2.96
N SER A 35 -5.82 -10.96 3.14
CA SER A 35 -6.32 -10.00 2.15
C SER A 35 -5.37 -9.84 0.96
N ILE A 36 -4.06 -10.03 1.16
CA ILE A 36 -3.05 -9.88 0.10
C ILE A 36 -3.18 -11.01 -0.92
N ARG A 37 -3.42 -12.24 -0.45
CA ARG A 37 -3.54 -13.43 -1.30
C ARG A 37 -4.70 -13.27 -2.31
N GLU A 38 -5.82 -12.71 -1.87
CA GLU A 38 -6.99 -12.43 -2.72
C GLU A 38 -6.67 -11.41 -3.81
N ALA A 39 -6.08 -10.28 -3.42
CA ALA A 39 -5.72 -9.19 -4.32
C ALA A 39 -4.76 -9.65 -5.43
N LEU A 40 -3.71 -10.39 -5.07
CA LEU A 40 -2.68 -10.86 -6.00
C LEU A 40 -3.18 -11.99 -6.92
N LYS A 41 -4.02 -12.90 -6.40
CA LYS A 41 -4.63 -13.97 -7.19
C LYS A 41 -5.62 -13.44 -8.24
N LYS A 42 -6.34 -12.36 -7.92
CA LYS A 42 -7.36 -11.73 -8.77
C LYS A 42 -6.87 -10.56 -9.62
N GLY A 43 -5.59 -10.18 -9.49
CA GLY A 43 -4.98 -9.08 -10.26
C GLY A 43 -5.48 -7.69 -9.88
N ARG A 44 -5.86 -7.50 -8.62
CA ARG A 44 -6.52 -6.31 -8.06
C ARG A 44 -5.62 -5.50 -7.13
N THR A 45 -5.99 -4.25 -6.93
CA THR A 45 -5.31 -3.30 -6.05
C THR A 45 -6.05 -3.16 -4.73
N LEU A 46 -5.35 -3.36 -3.61
CA LEU A 46 -5.84 -3.06 -2.26
C LEU A 46 -4.93 -2.02 -1.61
N ILE A 47 -5.55 -1.04 -0.97
CA ILE A 47 -4.87 -0.03 -0.15
C ILE A 47 -5.26 -0.29 1.30
N ILE A 48 -4.28 -0.65 2.11
CA ILE A 48 -4.51 -1.16 3.45
C ILE A 48 -3.86 -0.26 4.49
N ILE A 49 -4.57 0.00 5.59
CA ILE A 49 -4.09 0.76 6.74
C ILE A 49 -3.97 -0.18 7.94
N ILE A 50 -2.76 -0.39 8.44
CA ILE A 50 -2.47 -1.21 9.61
C ILE A 50 -1.60 -0.48 10.61
N ASN A 51 -2.12 -0.26 11.81
CA ASN A 51 -1.43 0.38 12.94
C ASN A 51 -0.71 1.71 12.57
N GLY A 52 -1.35 2.49 11.69
CA GLY A 52 -0.84 3.76 11.15
C GLY A 52 0.07 3.64 9.92
N VAL A 53 0.38 2.42 9.44
CA VAL A 53 1.20 2.19 8.22
C VAL A 53 0.29 1.91 7.02
N PHE A 54 0.57 2.55 5.88
CA PHE A 54 -0.12 2.28 4.62
C PHE A 54 0.59 1.18 3.83
N VAL A 55 -0.04 0.02 3.67
CA VAL A 55 0.43 -1.13 2.87
C VAL A 55 -0.35 -1.17 1.55
N VAL A 56 0.34 -0.96 0.43
CA VAL A 56 -0.25 -0.98 -0.92
C VAL A 56 0.05 -2.32 -1.60
N VAL A 57 -1.00 -3.05 -2.00
CA VAL A 57 -0.90 -4.30 -2.76
C VAL A 57 -1.44 -4.08 -4.17
N SER A 58 -0.68 -4.44 -5.20
CA SER A 58 -1.16 -4.50 -6.59
C SER A 58 -0.22 -5.36 -7.44
N THR A 59 -0.73 -5.93 -8.53
CA THR A 59 0.08 -6.60 -9.55
C THR A 59 0.64 -5.61 -10.58
N ASP A 60 0.41 -4.30 -10.41
CA ASP A 60 0.89 -3.23 -11.29
C ASP A 60 1.68 -2.17 -10.51
N GLU A 61 3.00 -2.13 -10.67
CA GLU A 61 3.89 -1.18 -9.95
C GLU A 61 3.56 0.29 -10.23
N ASP A 62 3.08 0.61 -11.44
CA ASP A 62 2.58 1.93 -11.81
C ASP A 62 1.33 2.33 -11.02
N LEU A 63 0.51 1.38 -10.58
CA LEU A 63 -0.60 1.67 -9.67
C LEU A 63 -0.13 1.95 -8.25
N ILE A 64 0.79 1.15 -7.70
CA ILE A 64 1.39 1.42 -6.38
C ILE A 64 2.09 2.78 -6.35
N ARG A 65 2.99 3.06 -7.29
CA ARG A 65 3.84 4.27 -7.23
C ARG A 65 3.04 5.58 -7.31
N GLU A 66 1.90 5.58 -8.01
CA GLU A 66 0.96 6.70 -8.02
C GLU A 66 0.13 6.79 -6.73
N ILE A 67 -0.28 5.65 -6.16
CA ILE A 67 -0.99 5.62 -4.87
C ILE A 67 -0.09 6.16 -3.75
N LYS A 68 1.18 5.74 -3.70
CA LYS A 68 2.18 6.19 -2.72
C LYS A 68 2.31 7.71 -2.70
N ARG A 69 2.36 8.33 -3.88
CA ARG A 69 2.36 9.79 -4.03
C ARG A 69 1.09 10.42 -3.44
N LEU A 70 -0.09 9.88 -3.76
CA LEU A 70 -1.39 10.43 -3.32
C LEU A 70 -1.63 10.25 -1.81
N ILE A 71 -1.12 9.16 -1.22
CA ILE A 71 -1.07 8.93 0.23
C ILE A 71 -0.16 9.98 0.88
N LYS A 72 1.06 10.14 0.34
CA LYS A 72 2.09 11.01 0.92
C LYS A 72 1.81 12.50 0.77
N GLU A 73 1.06 12.91 -0.25
CA GLU A 73 0.51 14.28 -0.35
C GLU A 73 -0.33 14.65 0.87
N SER A 74 -1.19 13.73 1.30
CA SER A 74 -2.16 13.94 2.38
C SER A 74 -1.58 13.65 3.78
N ASN A 75 -0.63 12.72 3.88
CA ASN A 75 0.13 12.44 5.10
C ASN A 75 1.64 12.32 4.78
N PRO A 76 2.38 13.45 4.69
CA PRO A 76 3.83 13.42 4.39
C PRO A 76 4.68 12.82 5.51
N ASN A 77 4.13 12.70 6.72
CA ASN A 77 4.75 12.12 7.90
C ASN A 77 4.46 10.61 8.10
N LYS A 78 3.57 9.99 7.32
CA LYS A 78 3.21 8.56 7.44
C LYS A 78 4.18 7.64 6.70
N LYS A 79 4.42 6.47 7.30
CA LYS A 79 5.19 5.37 6.72
C LYS A 79 4.34 4.49 5.81
N THR A 80 4.99 3.91 4.82
CA THR A 80 4.37 3.22 3.68
C THR A 80 5.11 1.92 3.33
N LEU A 81 4.40 0.99 2.69
CA LEU A 81 4.86 -0.34 2.29
C LEU A 81 4.22 -0.74 0.95
N ASP A 82 4.90 -1.58 0.17
CA ASP A 82 4.48 -2.02 -1.17
C ASP A 82 4.70 -3.53 -1.39
N VAL A 83 3.75 -4.16 -2.08
CA VAL A 83 3.67 -5.62 -2.27
C VAL A 83 3.12 -5.95 -3.67
N THR A 84 3.81 -6.82 -4.43
CA THR A 84 3.35 -7.31 -5.76
C THR A 84 3.31 -8.83 -5.89
N THR A 85 4.00 -9.53 -5.00
CA THR A 85 3.98 -10.99 -4.81
C THR A 85 3.78 -11.33 -3.33
N GLU A 86 3.35 -12.56 -3.01
CA GLU A 86 3.32 -13.05 -1.63
C GLU A 86 4.72 -13.19 -1.01
N GLU A 87 5.78 -13.22 -1.83
CA GLU A 87 7.17 -13.15 -1.37
C GLU A 87 7.56 -11.71 -0.95
N ASP A 88 7.08 -10.67 -1.65
CA ASP A 88 7.30 -9.27 -1.25
C ASP A 88 6.69 -8.99 0.14
N LEU A 89 5.53 -9.55 0.44
CA LEU A 89 4.87 -9.40 1.74
C LEU A 89 5.79 -9.85 2.90
N GLU A 90 6.37 -11.04 2.78
CA GLU A 90 7.34 -11.55 3.77
C GLU A 90 8.63 -10.71 3.81
N GLU A 91 9.11 -10.25 2.65
CA GLU A 91 10.29 -9.37 2.54
C GLU A 91 10.11 -8.06 3.32
N VAL A 92 8.96 -7.38 3.14
CA VAL A 92 8.66 -6.12 3.85
C VAL A 92 8.30 -6.34 5.31
N LEU A 93 7.57 -7.39 5.69
CA LEU A 93 7.31 -7.69 7.11
C LEU A 93 8.59 -8.03 7.88
N ARG A 94 9.57 -8.68 7.25
CA ARG A 94 10.89 -8.95 7.84
C ARG A 94 11.66 -7.64 8.08
N ARG A 95 11.57 -6.70 7.14
CA ARG A 95 12.13 -5.33 7.25
C ARG A 95 11.43 -4.46 8.30
N ILE A 96 10.12 -4.61 8.49
CA ILE A 96 9.36 -3.93 9.55
C ILE A 96 9.93 -4.28 10.94
N LYS A 97 10.23 -5.57 11.19
CA LYS A 97 10.84 -6.02 12.46
C LYS A 97 12.29 -5.55 12.65
N LYS A 98 13.03 -5.34 11.55
CA LYS A 98 14.45 -4.92 11.54
C LYS A 98 14.65 -3.39 11.47
N GLY A 99 13.59 -2.60 11.29
CA GLY A 99 13.65 -1.13 11.18
C GLY A 99 14.00 -0.60 9.78
N SER A 100 14.00 -1.45 8.76
CA SER A 100 14.34 -1.13 7.36
C SER A 100 13.11 -0.68 6.54
N TRP A 101 12.32 0.24 7.12
CA TRP A 101 11.06 0.76 6.57
C TRP A 101 11.31 1.69 5.37
N SER A 102 10.27 2.03 4.60
CA SER A 102 10.41 2.83 3.36
C SER A 102 10.99 4.24 3.59
N LEU A 103 11.79 4.71 2.63
CA LEU A 103 12.49 6.00 2.62
C LEU A 103 11.96 6.91 1.49
N GLU A 104 10.64 7.00 1.39
CA GLU A 104 9.94 7.87 0.43
C GLU A 104 10.02 9.34 0.89
N HIS A 105 10.97 10.08 0.33
CA HIS A 105 11.16 11.53 0.53
C HIS A 105 11.35 12.20 -0.84
N HIS A 106 10.76 13.36 -1.08
CA HIS A 106 10.77 13.99 -2.41
C HIS A 106 12.18 14.41 -2.89
N HIS A 107 13.10 14.69 -1.95
CA HIS A 107 14.52 14.97 -2.24
C HIS A 107 15.33 13.70 -2.58
N HIS A 108 14.84 12.52 -2.18
CA HIS A 108 15.44 11.20 -2.45
C HIS A 108 14.81 10.49 -3.68
N HIS A 109 13.56 10.83 -4.00
CA HIS A 109 12.78 10.27 -5.12
C HIS A 109 13.30 10.71 -6.51
N HIS A 110 13.99 11.85 -6.58
CA HIS A 110 14.58 12.43 -7.81
C HIS A 110 16.08 12.07 -7.96
N GLY A 1 -11.16 9.98 8.88
CA GLY A 1 -10.10 11.01 8.92
C GLY A 1 -9.39 11.10 7.59
N SER A 2 -8.05 11.20 7.58
CA SER A 2 -7.24 11.32 6.35
C SER A 2 -7.36 10.11 5.40
N ASP A 3 -7.75 8.95 5.92
CA ASP A 3 -8.09 7.77 5.13
C ASP A 3 -9.23 8.04 4.12
N GLU A 4 -10.24 8.82 4.50
CA GLU A 4 -11.35 9.22 3.60
C GLU A 4 -10.90 10.25 2.56
N GLU A 5 -9.94 11.10 2.93
CA GLU A 5 -9.35 12.13 2.08
C GLU A 5 -8.45 11.54 1.00
N ILE A 6 -7.80 10.41 1.30
CA ILE A 6 -7.12 9.60 0.28
C ILE A 6 -8.12 8.79 -0.52
N ARG A 7 -9.17 8.24 0.11
CA ARG A 7 -10.12 7.30 -0.54
C ARG A 7 -10.75 7.92 -1.78
N LYS A 8 -11.17 9.18 -1.69
CA LYS A 8 -11.72 9.96 -2.82
C LYS A 8 -10.71 10.17 -3.97
N LYS A 9 -9.40 10.31 -3.66
CA LYS A 9 -8.35 10.48 -4.67
C LYS A 9 -8.06 9.15 -5.36
N LEU A 10 -8.15 8.06 -4.60
CA LEU A 10 -7.92 6.69 -5.02
C LEU A 10 -9.06 6.14 -5.90
N GLU A 11 -10.31 6.45 -5.58
CA GLU A 11 -11.47 6.17 -6.45
C GLU A 11 -11.39 6.91 -7.80
N GLU A 12 -10.75 8.09 -7.86
CA GLU A 12 -10.42 8.73 -9.14
C GLU A 12 -9.35 7.94 -9.88
N LEU A 13 -8.28 7.50 -9.21
CA LEU A 13 -7.18 6.78 -9.86
C LEU A 13 -7.64 5.43 -10.44
N ALA A 14 -8.58 4.77 -9.76
CA ALA A 14 -9.30 3.59 -10.25
C ALA A 14 -9.94 3.84 -11.63
N LYS A 15 -10.54 5.03 -11.81
CA LYS A 15 -11.18 5.49 -13.04
C LYS A 15 -10.17 5.90 -14.12
N ARG A 16 -8.99 6.42 -13.74
CA ARG A 16 -7.90 6.80 -14.66
C ARG A 16 -7.24 5.57 -15.28
N LYS A 17 -6.99 4.50 -14.50
CA LYS A 17 -6.36 3.28 -15.00
C LYS A 17 -7.34 2.19 -15.46
N GLY A 18 -8.61 2.27 -15.04
CA GLY A 18 -9.65 1.29 -15.37
C GLY A 18 -9.61 0.00 -14.51
N LYS A 19 -8.95 0.03 -13.34
CA LYS A 19 -8.85 -1.10 -12.39
C LYS A 19 -9.80 -0.90 -11.20
N ASP A 20 -10.40 -1.99 -10.71
CA ASP A 20 -11.20 -1.99 -9.49
C ASP A 20 -10.29 -2.12 -8.26
N LEU A 21 -10.37 -1.15 -7.33
CA LEU A 21 -9.55 -1.11 -6.10
C LEU A 21 -10.34 -0.67 -4.87
N GLN A 22 -9.82 -0.96 -3.67
CA GLN A 22 -10.47 -0.65 -2.40
C GLN A 22 -9.44 -0.22 -1.33
N LEU A 23 -9.78 0.83 -0.57
CA LEU A 23 -9.04 1.30 0.60
C LEU A 23 -9.79 0.87 1.88
N ARG A 24 -9.14 0.12 2.77
CA ARG A 24 -9.70 -0.45 4.01
C ARG A 24 -8.75 -0.27 5.20
N ARG A 25 -9.28 -0.31 6.43
CA ARG A 25 -8.55 -0.30 7.70
C ARG A 25 -8.71 -1.65 8.41
N TYR A 26 -7.64 -2.13 9.01
CA TYR A 26 -7.50 -3.45 9.65
C TYR A 26 -6.98 -3.31 11.09
N ASN A 27 -7.20 -4.34 11.92
CA ASN A 27 -6.90 -4.32 13.36
C ASN A 27 -5.84 -5.34 13.83
N ASP A 28 -5.37 -6.25 12.96
CA ASP A 28 -4.21 -7.11 13.23
C ASP A 28 -3.40 -7.43 11.97
N PRO A 29 -2.05 -7.44 12.02
CA PRO A 29 -1.21 -7.97 10.95
C PRO A 29 -1.61 -9.38 10.46
N ASN A 30 -2.13 -10.24 11.33
CA ASN A 30 -2.56 -11.59 10.94
C ASN A 30 -3.74 -11.57 9.95
N GLU A 31 -4.71 -10.67 10.18
CA GLU A 31 -5.86 -10.49 9.27
C GLU A 31 -5.48 -9.74 8.00
N VAL A 32 -4.56 -8.75 8.11
CA VAL A 32 -4.01 -8.02 6.96
C VAL A 32 -3.39 -8.99 5.97
N GLU A 33 -2.60 -9.92 6.49
CA GLU A 33 -1.74 -10.73 5.66
C GLU A 33 -2.55 -11.53 4.62
N LYS A 34 -3.74 -12.02 5.03
CA LYS A 34 -4.64 -12.81 4.18
C LYS A 34 -5.24 -11.97 3.06
N SER A 35 -5.51 -10.69 3.33
CA SER A 35 -5.98 -9.73 2.33
C SER A 35 -4.95 -9.47 1.23
N ILE A 36 -3.64 -9.54 1.53
CA ILE A 36 -2.59 -9.45 0.51
C ILE A 36 -2.70 -10.62 -0.46
N ARG A 37 -2.82 -11.84 0.07
CA ARG A 37 -2.89 -13.09 -0.72
C ARG A 37 -4.07 -13.07 -1.70
N GLU A 38 -5.22 -12.50 -1.29
CA GLU A 38 -6.39 -12.35 -2.16
C GLU A 38 -6.13 -11.39 -3.32
N ALA A 39 -5.61 -10.19 -3.02
CA ALA A 39 -5.34 -9.16 -4.03
C ALA A 39 -4.33 -9.64 -5.08
N LEU A 40 -3.28 -10.35 -4.65
CA LEU A 40 -2.23 -10.86 -5.53
C LEU A 40 -2.76 -11.96 -6.44
N LYS A 41 -3.52 -12.92 -5.89
CA LYS A 41 -3.99 -14.11 -6.62
C LYS A 41 -5.17 -13.82 -7.55
N LYS A 42 -5.95 -12.78 -7.27
CA LYS A 42 -6.99 -12.23 -8.16
C LYS A 42 -6.47 -11.14 -9.13
N GLY A 43 -5.22 -10.70 -9.00
CA GLY A 43 -4.59 -9.70 -9.87
C GLY A 43 -5.16 -8.28 -9.70
N ARG A 44 -5.62 -7.95 -8.48
CA ARG A 44 -6.28 -6.69 -8.09
C ARG A 44 -5.44 -5.84 -7.13
N THR A 45 -5.83 -4.58 -6.99
CA THR A 45 -5.22 -3.61 -6.08
C THR A 45 -6.02 -3.51 -4.78
N LEU A 46 -5.38 -3.70 -3.62
CA LEU A 46 -5.95 -3.42 -2.30
C LEU A 46 -5.00 -2.51 -1.52
N ILE A 47 -5.57 -1.57 -0.76
CA ILE A 47 -4.84 -0.63 0.09
C ILE A 47 -5.36 -0.77 1.52
N ILE A 48 -4.45 -1.05 2.45
CA ILE A 48 -4.79 -1.44 3.82
C ILE A 48 -4.06 -0.55 4.84
N ILE A 49 -4.79 -0.06 5.83
CA ILE A 49 -4.24 0.72 6.96
C ILE A 49 -4.19 -0.17 8.19
N ILE A 50 -3.00 -0.42 8.74
CA ILE A 50 -2.76 -1.21 9.95
C ILE A 50 -1.80 -0.48 10.90
N ASN A 51 -2.20 -0.31 12.15
CA ASN A 51 -1.42 0.41 13.19
C ASN A 51 -0.90 1.80 12.74
N GLY A 52 -1.66 2.46 11.84
CA GLY A 52 -1.32 3.74 11.21
C GLY A 52 -0.39 3.68 9.99
N VAL A 53 0.06 2.50 9.55
CA VAL A 53 0.93 2.26 8.38
C VAL A 53 0.08 1.88 7.18
N PHE A 54 0.39 2.45 6.01
CA PHE A 54 -0.29 2.14 4.75
C PHE A 54 0.40 1.01 3.98
N VAL A 55 -0.27 -0.13 3.82
CA VAL A 55 0.19 -1.30 3.06
C VAL A 55 -0.52 -1.33 1.72
N VAL A 56 0.23 -1.10 0.64
CA VAL A 56 -0.27 -1.09 -0.75
C VAL A 56 0.07 -2.41 -1.44
N VAL A 57 -0.94 -3.08 -2.02
CA VAL A 57 -0.79 -4.34 -2.76
C VAL A 57 -1.38 -4.20 -4.15
N SER A 58 -0.62 -4.54 -5.20
CA SER A 58 -1.11 -4.67 -6.57
C SER A 58 -0.10 -5.43 -7.43
N THR A 59 -0.55 -6.09 -8.50
CA THR A 59 0.32 -6.64 -9.54
C THR A 59 0.76 -5.57 -10.56
N ASP A 60 0.33 -4.31 -10.40
CA ASP A 60 0.65 -3.19 -11.28
C ASP A 60 1.48 -2.12 -10.54
N GLU A 61 2.79 -2.09 -10.79
CA GLU A 61 3.73 -1.15 -10.16
C GLU A 61 3.37 0.33 -10.44
N ASP A 62 2.82 0.62 -11.62
CA ASP A 62 2.32 1.95 -12.00
C ASP A 62 1.12 2.39 -11.14
N LEU A 63 0.34 1.45 -10.59
CA LEU A 63 -0.68 1.75 -9.59
C LEU A 63 -0.09 2.06 -8.22
N ILE A 64 0.80 1.22 -7.69
CA ILE A 64 1.44 1.45 -6.38
C ILE A 64 2.22 2.76 -6.36
N ARG A 65 3.05 3.03 -7.37
CA ARG A 65 3.95 4.21 -7.39
C ARG A 65 3.19 5.54 -7.38
N GLU A 66 1.96 5.57 -7.90
CA GLU A 66 1.05 6.71 -7.78
C GLU A 66 0.22 6.71 -6.49
N ILE A 67 -0.15 5.54 -5.94
CA ILE A 67 -0.84 5.45 -4.64
C ILE A 67 0.06 5.99 -3.53
N LYS A 68 1.37 5.70 -3.58
CA LYS A 68 2.35 6.28 -2.65
C LYS A 68 2.30 7.81 -2.66
N ARG A 69 2.14 8.44 -3.83
CA ARG A 69 1.95 9.90 -3.93
C ARG A 69 0.63 10.35 -3.28
N LEU A 70 -0.49 9.69 -3.57
CA LEU A 70 -1.80 10.00 -2.97
C LEU A 70 -1.77 9.97 -1.44
N ILE A 71 -1.12 8.95 -0.88
CA ILE A 71 -0.96 8.75 0.57
C ILE A 71 -0.06 9.84 1.14
N LYS A 72 1.10 10.07 0.53
CA LYS A 72 2.12 11.01 1.02
C LYS A 72 1.69 12.48 0.88
N GLU A 73 0.91 12.82 -0.13
CA GLU A 73 0.27 14.13 -0.29
C GLU A 73 -0.68 14.46 0.87
N SER A 74 -1.40 13.46 1.38
CA SER A 74 -2.39 13.62 2.45
C SER A 74 -1.77 13.50 3.85
N ASN A 75 -0.77 12.63 4.00
CA ASN A 75 -0.04 12.36 5.24
C ASN A 75 1.49 12.23 4.97
N PRO A 76 2.24 13.34 4.87
CA PRO A 76 3.66 13.31 4.48
C PRO A 76 4.57 12.65 5.53
N ASN A 77 4.11 12.49 6.77
CA ASN A 77 4.81 11.82 7.86
C ASN A 77 4.59 10.29 7.92
N LYS A 78 3.59 9.74 7.21
CA LYS A 78 3.18 8.34 7.37
C LYS A 78 4.12 7.36 6.67
N LYS A 79 4.36 6.22 7.34
CA LYS A 79 5.11 5.07 6.82
C LYS A 79 4.24 4.26 5.86
N THR A 80 4.88 3.65 4.86
CA THR A 80 4.24 2.83 3.83
C THR A 80 4.90 1.46 3.64
N LEU A 81 4.19 0.57 2.95
CA LEU A 81 4.64 -0.73 2.48
C LEU A 81 4.09 -0.99 1.07
N ASP A 82 4.83 -1.72 0.24
CA ASP A 82 4.49 -2.03 -1.16
C ASP A 82 4.76 -3.50 -1.51
N VAL A 83 3.80 -4.16 -2.17
CA VAL A 83 3.80 -5.60 -2.42
C VAL A 83 3.23 -5.91 -3.82
N THR A 84 3.96 -6.73 -4.60
CA THR A 84 3.54 -7.20 -5.93
C THR A 84 3.51 -8.72 -6.13
N THR A 85 4.14 -9.48 -5.23
CA THR A 85 4.10 -10.95 -5.15
C THR A 85 4.11 -11.43 -3.69
N GLU A 86 3.84 -12.73 -3.45
CA GLU A 86 3.95 -13.31 -2.11
C GLU A 86 5.41 -13.39 -1.60
N GLU A 87 6.39 -13.36 -2.49
CA GLU A 87 7.81 -13.18 -2.14
C GLU A 87 8.09 -11.72 -1.75
N ASP A 88 7.48 -10.76 -2.43
CA ASP A 88 7.57 -9.32 -2.10
C ASP A 88 6.94 -9.02 -0.72
N LEU A 89 5.85 -9.72 -0.37
CA LEU A 89 5.21 -9.69 0.95
C LEU A 89 6.19 -10.13 2.05
N GLU A 90 6.86 -11.28 1.87
CA GLU A 90 7.88 -11.75 2.82
C GLU A 90 9.08 -10.80 2.92
N GLU A 91 9.49 -10.19 1.81
CA GLU A 91 10.60 -9.23 1.76
C GLU A 91 10.29 -7.97 2.58
N VAL A 92 9.08 -7.41 2.45
CA VAL A 92 8.69 -6.26 3.28
C VAL A 92 8.40 -6.61 4.74
N LEU A 93 7.91 -7.82 5.05
CA LEU A 93 7.82 -8.28 6.43
C LEU A 93 9.21 -8.46 7.06
N ARG A 94 10.23 -8.86 6.30
CA ARG A 94 11.61 -8.92 6.79
C ARG A 94 12.13 -7.52 7.12
N ARG A 95 11.83 -6.53 6.28
CA ARG A 95 12.12 -5.11 6.51
C ARG A 95 11.37 -4.52 7.70
N ILE A 96 10.13 -4.92 7.97
CA ILE A 96 9.38 -4.54 9.16
C ILE A 96 10.10 -5.00 10.43
N LYS A 97 10.61 -6.24 10.47
CA LYS A 97 11.41 -6.76 11.61
C LYS A 97 12.79 -6.09 11.73
N LYS A 98 13.42 -5.77 10.60
CA LYS A 98 14.77 -5.15 10.54
C LYS A 98 14.79 -3.62 10.70
N GLY A 99 13.64 -2.95 10.69
CA GLY A 99 13.51 -1.49 10.84
C GLY A 99 13.65 -0.68 9.54
N SER A 100 13.64 -1.34 8.37
CA SER A 100 13.83 -0.73 7.03
C SER A 100 12.50 -0.31 6.39
N TRP A 101 11.64 0.36 7.17
CA TRP A 101 10.26 0.72 6.82
C TRP A 101 10.20 1.82 5.74
N SER A 102 9.11 1.82 4.95
CA SER A 102 8.81 2.85 3.94
C SER A 102 9.86 3.01 2.82
N LEU A 103 9.64 3.98 1.93
CA LEU A 103 10.49 4.28 0.77
C LEU A 103 10.93 5.77 0.79
N GLU A 104 11.40 6.21 1.96
CA GLU A 104 11.83 7.59 2.24
C GLU A 104 13.24 7.63 2.88
N HIS A 105 14.23 8.17 2.16
CA HIS A 105 15.61 8.32 2.63
C HIS A 105 16.31 9.50 1.91
N HIS A 106 17.41 9.26 1.17
CA HIS A 106 18.25 10.29 0.55
C HIS A 106 17.55 11.12 -0.55
N HIS A 107 16.40 10.66 -1.03
CA HIS A 107 15.64 11.25 -2.15
C HIS A 107 15.12 12.68 -1.87
N HIS A 108 15.08 13.06 -0.58
CA HIS A 108 14.49 14.31 -0.07
C HIS A 108 15.55 15.38 0.28
N HIS A 109 16.74 15.29 -0.32
CA HIS A 109 17.87 16.21 -0.08
C HIS A 109 17.59 17.67 -0.50
N HIS A 110 18.40 18.60 0.02
CA HIS A 110 18.39 20.02 -0.35
C HIS A 110 18.93 20.27 -1.78
N GLY A 1 -8.56 8.54 10.59
CA GLY A 1 -8.58 10.01 10.67
C GLY A 1 -8.71 10.63 9.29
N SER A 2 -7.71 11.41 8.87
CA SER A 2 -7.67 12.13 7.57
C SER A 2 -7.60 11.23 6.34
N ASP A 3 -7.43 9.92 6.52
CA ASP A 3 -7.22 8.90 5.48
C ASP A 3 -8.38 8.82 4.46
N GLU A 4 -9.61 9.16 4.88
CA GLU A 4 -10.77 9.20 3.97
C GLU A 4 -10.70 10.36 2.94
N GLU A 5 -9.92 11.41 3.24
CA GLU A 5 -9.62 12.48 2.27
C GLU A 5 -8.72 11.98 1.13
N ILE A 6 -7.92 10.93 1.38
CA ILE A 6 -7.18 10.22 0.33
C ILE A 6 -8.05 9.16 -0.35
N ARG A 7 -8.97 8.52 0.38
CA ARG A 7 -9.85 7.48 -0.17
C ARG A 7 -10.61 7.95 -1.41
N LYS A 8 -11.11 9.19 -1.39
CA LYS A 8 -11.78 9.83 -2.54
C LYS A 8 -10.88 9.95 -3.78
N LYS A 9 -9.58 10.20 -3.59
CA LYS A 9 -8.57 10.33 -4.66
C LYS A 9 -8.24 8.95 -5.22
N LEU A 10 -8.17 7.93 -4.36
CA LEU A 10 -7.93 6.53 -4.73
C LEU A 10 -9.06 5.95 -5.58
N GLU A 11 -10.31 6.32 -5.29
CA GLU A 11 -11.47 5.91 -6.09
C GLU A 11 -11.55 6.61 -7.45
N GLU A 12 -11.05 7.85 -7.57
CA GLU A 12 -10.87 8.51 -8.87
C GLU A 12 -9.69 7.89 -9.65
N LEU A 13 -8.58 7.57 -8.97
CA LEU A 13 -7.40 6.93 -9.57
C LEU A 13 -7.76 5.56 -10.17
N ALA A 14 -8.67 4.82 -9.54
CA ALA A 14 -9.13 3.53 -10.03
C ALA A 14 -9.62 3.59 -11.49
N LYS A 15 -10.49 4.57 -11.78
CA LYS A 15 -11.04 4.81 -13.13
C LYS A 15 -9.98 5.32 -14.13
N ARG A 16 -8.97 6.06 -13.65
CA ARG A 16 -7.83 6.57 -14.45
C ARG A 16 -6.88 5.43 -14.88
N LYS A 17 -6.62 4.47 -14.00
CA LYS A 17 -5.74 3.30 -14.23
C LYS A 17 -6.46 2.07 -14.77
N GLY A 18 -7.79 2.13 -14.92
CA GLY A 18 -8.62 1.08 -15.54
C GLY A 18 -8.92 -0.14 -14.64
N LYS A 19 -8.75 0.00 -13.32
CA LYS A 19 -8.92 -1.06 -12.31
C LYS A 19 -9.92 -0.64 -11.21
N ASP A 20 -10.18 -1.51 -10.24
CA ASP A 20 -10.99 -1.22 -9.05
C ASP A 20 -10.14 -1.33 -7.77
N LEU A 21 -9.97 -0.19 -7.08
CA LEU A 21 -9.17 -0.04 -5.85
C LEU A 21 -10.09 0.01 -4.63
N GLN A 22 -9.71 -0.71 -3.57
CA GLN A 22 -10.47 -0.80 -2.31
C GLN A 22 -9.58 -0.40 -1.12
N LEU A 23 -10.16 0.29 -0.13
CA LEU A 23 -9.46 0.76 1.07
C LEU A 23 -10.11 0.21 2.35
N ARG A 24 -9.31 -0.39 3.24
CA ARG A 24 -9.78 -1.01 4.50
C ARG A 24 -8.74 -0.91 5.64
N ARG A 25 -9.20 -0.98 6.90
CA ARG A 25 -8.39 -1.12 8.12
C ARG A 25 -8.24 -2.59 8.53
N TYR A 26 -7.03 -2.97 8.93
CA TYR A 26 -6.66 -4.31 9.42
C TYR A 26 -5.89 -4.21 10.75
N ASN A 27 -5.98 -5.21 11.62
CA ASN A 27 -5.47 -5.14 12.99
C ASN A 27 -4.11 -5.85 13.16
N ASP A 28 -3.95 -7.01 12.53
CA ASP A 28 -2.79 -7.90 12.69
C ASP A 28 -2.26 -8.43 11.34
N PRO A 29 -0.95 -8.68 11.20
CA PRO A 29 -0.35 -9.22 9.97
C PRO A 29 -0.94 -10.60 9.59
N ASN A 30 -1.39 -11.37 10.59
CA ASN A 30 -2.04 -12.66 10.40
C ASN A 30 -3.43 -12.57 9.74
N GLU A 31 -4.15 -11.45 9.90
CA GLU A 31 -5.40 -11.20 9.17
C GLU A 31 -5.12 -10.70 7.76
N VAL A 32 -4.12 -9.82 7.66
CA VAL A 32 -3.88 -9.04 6.45
C VAL A 32 -3.32 -9.89 5.31
N GLU A 33 -2.45 -10.85 5.65
CA GLU A 33 -1.84 -11.83 4.75
C GLU A 33 -2.87 -12.57 3.87
N LYS A 34 -4.07 -12.89 4.40
CA LYS A 34 -5.16 -13.53 3.62
C LYS A 34 -5.75 -12.58 2.58
N SER A 35 -5.85 -11.30 2.92
CA SER A 35 -6.30 -10.24 2.01
C SER A 35 -5.30 -9.98 0.88
N ILE A 36 -3.99 -10.09 1.15
CA ILE A 36 -2.96 -9.93 0.10
C ILE A 36 -3.08 -11.03 -0.95
N ARG A 37 -3.31 -12.28 -0.52
CA ARG A 37 -3.48 -13.42 -1.42
C ARG A 37 -4.67 -13.25 -2.36
N GLU A 38 -5.78 -12.69 -1.90
CA GLU A 38 -6.95 -12.42 -2.74
C GLU A 38 -6.63 -11.32 -3.77
N ALA A 39 -5.92 -10.25 -3.36
CA ALA A 39 -5.51 -9.18 -4.26
C ALA A 39 -4.61 -9.69 -5.40
N LEU A 40 -3.58 -10.48 -5.06
CA LEU A 40 -2.59 -10.97 -6.01
C LEU A 40 -3.17 -12.05 -6.95
N LYS A 41 -4.06 -12.91 -6.44
CA LYS A 41 -4.70 -13.97 -7.24
C LYS A 41 -5.73 -13.42 -8.25
N LYS A 42 -6.46 -12.36 -7.87
CA LYS A 42 -7.48 -11.70 -8.72
C LYS A 42 -6.90 -10.63 -9.67
N GLY A 43 -5.64 -10.22 -9.49
CA GLY A 43 -5.06 -9.05 -10.17
C GLY A 43 -5.66 -7.71 -9.70
N ARG A 44 -6.12 -7.66 -8.46
CA ARG A 44 -6.75 -6.52 -7.79
C ARG A 44 -5.73 -5.66 -7.05
N THR A 45 -6.13 -4.41 -6.77
CA THR A 45 -5.38 -3.44 -5.96
C THR A 45 -6.08 -3.20 -4.63
N LEU A 46 -5.39 -3.42 -3.52
CA LEU A 46 -5.87 -3.12 -2.16
C LEU A 46 -4.94 -2.12 -1.48
N ILE A 47 -5.54 -1.15 -0.78
CA ILE A 47 -4.84 -0.14 0.01
C ILE A 47 -5.27 -0.30 1.46
N ILE A 48 -4.39 -0.89 2.27
CA ILE A 48 -4.72 -1.35 3.62
C ILE A 48 -4.02 -0.50 4.69
N ILE A 49 -4.73 -0.16 5.76
CA ILE A 49 -4.22 0.64 6.88
C ILE A 49 -4.10 -0.26 8.12
N ILE A 50 -2.87 -0.59 8.50
CA ILE A 50 -2.53 -1.42 9.65
C ILE A 50 -1.49 -0.75 10.55
N ASN A 51 -1.84 -0.54 11.83
CA ASN A 51 -0.98 0.09 12.85
C ASN A 51 -0.38 1.45 12.40
N GLY A 52 -1.15 2.21 11.63
CA GLY A 52 -0.75 3.48 11.02
C GLY A 52 0.07 3.38 9.73
N VAL A 53 0.35 2.16 9.22
CA VAL A 53 1.09 1.93 7.98
C VAL A 53 0.12 1.69 6.82
N PHE A 54 0.34 2.38 5.69
CA PHE A 54 -0.38 2.15 4.44
C PHE A 54 0.32 1.06 3.62
N VAL A 55 -0.29 -0.11 3.52
CA VAL A 55 0.21 -1.27 2.78
C VAL A 55 -0.50 -1.35 1.43
N VAL A 56 0.24 -1.12 0.35
CA VAL A 56 -0.27 -1.11 -1.02
C VAL A 56 0.01 -2.45 -1.71
N VAL A 57 -1.03 -3.22 -2.03
CA VAL A 57 -0.92 -4.48 -2.79
C VAL A 57 -1.45 -4.28 -4.21
N SER A 58 -0.68 -4.64 -5.23
CA SER A 58 -1.14 -4.74 -6.63
C SER A 58 -0.14 -5.55 -7.45
N THR A 59 -0.59 -6.13 -8.56
CA THR A 59 0.28 -6.73 -9.59
C THR A 59 0.78 -5.67 -10.59
N ASP A 60 0.37 -4.40 -10.44
CA ASP A 60 0.72 -3.29 -11.34
C ASP A 60 1.52 -2.20 -10.61
N GLU A 61 2.85 -2.18 -10.79
CA GLU A 61 3.74 -1.20 -10.15
C GLU A 61 3.42 0.25 -10.54
N ASP A 62 2.97 0.48 -11.77
CA ASP A 62 2.46 1.76 -12.27
C ASP A 62 1.17 2.20 -11.54
N LEU A 63 0.45 1.28 -10.89
CA LEU A 63 -0.63 1.63 -9.96
C LEU A 63 -0.12 1.99 -8.56
N ILE A 64 0.74 1.14 -7.97
CA ILE A 64 1.31 1.39 -6.63
C ILE A 64 2.03 2.74 -6.57
N ARG A 65 2.87 3.05 -7.56
CA ARG A 65 3.63 4.31 -7.60
C ARG A 65 2.74 5.56 -7.58
N GLU A 66 1.58 5.50 -8.23
CA GLU A 66 0.59 6.59 -8.21
C GLU A 66 -0.20 6.65 -6.90
N ILE A 67 -0.44 5.50 -6.24
CA ILE A 67 -1.00 5.46 -4.88
C ILE A 67 -0.04 6.09 -3.89
N LYS A 68 1.27 5.81 -4.01
CA LYS A 68 2.29 6.42 -3.16
C LYS A 68 2.30 7.94 -3.28
N ARG A 69 2.13 8.52 -4.48
CA ARG A 69 1.90 9.95 -4.65
C ARG A 69 0.66 10.44 -3.90
N LEU A 70 -0.50 9.80 -4.10
CA LEU A 70 -1.76 10.21 -3.47
C LEU A 70 -1.66 10.24 -1.94
N ILE A 71 -1.00 9.24 -1.35
CA ILE A 71 -0.79 9.13 0.09
C ILE A 71 0.24 10.15 0.56
N LYS A 72 1.40 10.26 -0.11
CA LYS A 72 2.50 11.14 0.31
C LYS A 72 2.17 12.62 0.11
N GLU A 73 1.43 12.98 -0.93
CA GLU A 73 1.04 14.37 -1.21
C GLU A 73 0.03 14.92 -0.19
N SER A 74 -0.85 14.07 0.34
CA SER A 74 -1.79 14.45 1.41
C SER A 74 -1.19 14.30 2.82
N ASN A 75 -0.40 13.24 3.04
CA ASN A 75 0.28 12.93 4.30
C ASN A 75 1.78 12.61 4.05
N PRO A 76 2.67 13.63 3.99
CA PRO A 76 4.10 13.41 3.76
C PRO A 76 4.80 12.69 4.94
N ASN A 77 4.14 12.62 6.10
CA ASN A 77 4.59 11.96 7.32
C ASN A 77 4.11 10.49 7.48
N LYS A 78 3.23 9.98 6.60
CA LYS A 78 2.75 8.59 6.65
C LYS A 78 3.84 7.58 6.27
N LYS A 79 3.82 6.42 6.93
CA LYS A 79 4.63 5.24 6.56
C LYS A 79 3.88 4.41 5.52
N THR A 80 4.57 4.02 4.45
CA THR A 80 4.00 3.19 3.37
C THR A 80 4.84 1.95 3.07
N LEU A 81 4.13 0.93 2.59
CA LEU A 81 4.60 -0.40 2.21
C LEU A 81 4.04 -0.77 0.82
N ASP A 82 4.73 -1.65 0.10
CA ASP A 82 4.41 -2.07 -1.26
C ASP A 82 4.51 -3.61 -1.36
N VAL A 83 3.61 -4.25 -2.11
CA VAL A 83 3.54 -5.70 -2.26
C VAL A 83 3.08 -6.09 -3.67
N THR A 84 3.87 -6.89 -4.38
CA THR A 84 3.49 -7.47 -5.70
C THR A 84 3.52 -9.00 -5.78
N THR A 85 4.16 -9.66 -4.80
CA THR A 85 4.13 -11.12 -4.58
C THR A 85 4.02 -11.44 -3.09
N GLU A 86 3.70 -12.69 -2.73
CA GLU A 86 3.73 -13.13 -1.32
C GLU A 86 5.16 -13.15 -0.72
N GLU A 87 6.19 -13.29 -1.56
CA GLU A 87 7.59 -13.11 -1.13
C GLU A 87 7.91 -11.64 -0.88
N ASP A 88 7.33 -10.72 -1.67
CA ASP A 88 7.45 -9.27 -1.45
C ASP A 88 6.79 -8.83 -0.14
N LEU A 89 5.65 -9.44 0.23
CA LEU A 89 5.01 -9.27 1.54
C LEU A 89 5.96 -9.63 2.69
N GLU A 90 6.55 -10.82 2.65
CA GLU A 90 7.51 -11.27 3.68
C GLU A 90 8.75 -10.36 3.76
N GLU A 91 9.23 -9.89 2.60
CA GLU A 91 10.39 -8.99 2.50
C GLU A 91 10.13 -7.60 3.12
N VAL A 92 8.92 -7.06 3.00
CA VAL A 92 8.53 -5.80 3.68
C VAL A 92 8.12 -5.98 5.14
N LEU A 93 7.49 -7.10 5.52
CA LEU A 93 7.26 -7.42 6.94
C LEU A 93 8.60 -7.61 7.67
N ARG A 94 9.63 -8.16 7.02
CA ARG A 94 11.00 -8.19 7.53
C ARG A 94 11.54 -6.78 7.78
N ARG A 95 11.28 -5.81 6.90
CA ARG A 95 11.62 -4.38 7.11
C ARG A 95 10.86 -3.74 8.27
N ILE A 96 9.62 -4.14 8.54
CA ILE A 96 8.90 -3.73 9.77
C ILE A 96 9.59 -4.27 11.03
N LYS A 97 9.99 -5.55 11.06
CA LYS A 97 10.65 -6.17 12.22
C LYS A 97 12.10 -5.69 12.44
N LYS A 98 12.81 -5.34 11.35
CA LYS A 98 14.19 -4.81 11.37
C LYS A 98 14.28 -3.30 11.63
N GLY A 99 13.15 -2.59 11.68
CA GLY A 99 13.09 -1.15 11.96
C GLY A 99 13.36 -0.24 10.75
N SER A 100 13.49 -0.80 9.55
CA SER A 100 13.70 -0.06 8.29
C SER A 100 12.40 0.56 7.76
N TRP A 101 11.29 -0.17 7.88
CA TRP A 101 9.91 0.18 7.50
C TRP A 101 9.75 0.62 6.03
N SER A 102 9.97 1.90 5.72
CA SER A 102 9.79 2.51 4.40
C SER A 102 10.61 1.79 3.30
N LEU A 103 9.97 1.49 2.17
CA LEU A 103 10.56 0.71 1.06
C LEU A 103 11.41 1.58 0.11
N GLU A 104 12.33 2.37 0.67
CA GLU A 104 13.16 3.35 -0.06
C GLU A 104 14.40 2.70 -0.72
N HIS A 105 14.19 1.65 -1.50
CA HIS A 105 15.23 1.05 -2.37
C HIS A 105 15.55 1.96 -3.57
N HIS A 106 14.57 2.77 -4.01
CA HIS A 106 14.70 3.84 -5.00
C HIS A 106 13.73 4.99 -4.68
N HIS A 107 14.02 6.20 -5.19
CA HIS A 107 13.21 7.41 -4.95
C HIS A 107 12.41 7.88 -6.19
N HIS A 108 12.71 7.33 -7.38
CA HIS A 108 12.22 7.72 -8.72
C HIS A 108 12.62 9.14 -9.18
N HIS A 109 12.85 9.30 -10.49
CA HIS A 109 13.08 10.60 -11.13
C HIS A 109 11.77 11.41 -11.23
N HIS A 110 11.85 12.74 -11.09
CA HIS A 110 10.72 13.68 -11.22
C HIS A 110 11.16 15.07 -11.75
N GLY A 1 -12.25 11.03 8.75
CA GLY A 1 -10.87 10.56 8.96
C GLY A 1 -9.98 10.85 7.77
N SER A 2 -8.68 11.07 8.01
CA SER A 2 -7.68 11.46 6.98
C SER A 2 -7.50 10.42 5.86
N ASP A 3 -7.84 9.16 6.12
CA ASP A 3 -7.88 8.09 5.13
C ASP A 3 -8.95 8.30 4.05
N GLU A 4 -10.09 8.92 4.38
CA GLU A 4 -11.17 9.18 3.41
C GLU A 4 -10.77 10.26 2.39
N GLU A 5 -9.92 11.21 2.80
CA GLU A 5 -9.37 12.28 1.95
C GLU A 5 -8.42 11.73 0.87
N ILE A 6 -7.80 10.58 1.13
CA ILE A 6 -7.04 9.79 0.15
C ILE A 6 -7.96 8.82 -0.62
N ARG A 7 -8.95 8.21 0.04
CA ARG A 7 -9.83 7.18 -0.56
C ARG A 7 -10.55 7.71 -1.80
N LYS A 8 -11.03 8.96 -1.74
CA LYS A 8 -11.63 9.68 -2.87
C LYS A 8 -10.68 9.83 -4.07
N LYS A 9 -9.37 9.93 -3.83
CA LYS A 9 -8.33 10.04 -4.86
C LYS A 9 -8.07 8.69 -5.53
N LEU A 10 -8.15 7.60 -4.75
CA LEU A 10 -8.05 6.22 -5.22
C LEU A 10 -9.25 5.81 -6.09
N GLU A 11 -10.43 6.41 -5.83
CA GLU A 11 -11.62 6.25 -6.68
C GLU A 11 -11.50 7.01 -8.01
N GLU A 12 -10.79 8.13 -8.06
CA GLU A 12 -10.42 8.79 -9.32
C GLU A 12 -9.31 8.01 -10.05
N LEU A 13 -8.38 7.39 -9.32
CA LEU A 13 -7.32 6.54 -9.88
C LEU A 13 -7.89 5.27 -10.52
N ALA A 14 -8.97 4.72 -9.95
CA ALA A 14 -9.73 3.61 -10.53
C ALA A 14 -10.23 3.93 -11.96
N LYS A 15 -10.67 5.17 -12.18
CA LYS A 15 -11.13 5.68 -13.49
C LYS A 15 -9.97 5.99 -14.45
N ARG A 16 -8.80 6.40 -13.94
CA ARG A 16 -7.58 6.62 -14.75
C ARG A 16 -6.98 5.31 -15.26
N LYS A 17 -6.86 4.30 -14.40
CA LYS A 17 -6.18 3.02 -14.70
C LYS A 17 -7.14 1.89 -15.10
N GLY A 18 -8.46 2.12 -15.01
CA GLY A 18 -9.49 1.14 -15.41
C GLY A 18 -9.52 -0.13 -14.54
N LYS A 19 -9.12 -0.02 -13.26
CA LYS A 19 -8.98 -1.12 -12.30
C LYS A 19 -9.75 -0.86 -11.01
N ASP A 20 -10.06 -1.89 -10.24
CA ASP A 20 -10.68 -1.76 -8.92
C ASP A 20 -9.62 -1.47 -7.84
N LEU A 21 -9.87 -0.42 -7.02
CA LEU A 21 -9.11 -0.10 -5.81
C LEU A 21 -10.07 -0.05 -4.61
N GLN A 22 -9.72 -0.70 -3.50
CA GLN A 22 -10.49 -0.68 -2.25
C GLN A 22 -9.56 -0.55 -1.04
N LEU A 23 -9.98 0.24 -0.04
CA LEU A 23 -9.22 0.61 1.16
C LEU A 23 -9.89 0.05 2.44
N ARG A 24 -9.11 -0.61 3.31
CA ARG A 24 -9.58 -1.21 4.58
C ARG A 24 -8.62 -0.92 5.75
N ARG A 25 -9.12 -0.96 6.98
CA ARG A 25 -8.33 -0.86 8.23
C ARG A 25 -8.23 -2.23 8.90
N TYR A 26 -7.08 -2.53 9.51
CA TYR A 26 -6.75 -3.83 10.11
C TYR A 26 -6.02 -3.69 11.47
N ASN A 27 -6.13 -4.72 12.32
CA ASN A 27 -5.61 -4.73 13.69
C ASN A 27 -4.28 -5.52 13.83
N ASP A 28 -4.18 -6.70 13.20
CA ASP A 28 -3.03 -7.60 13.30
C ASP A 28 -2.55 -8.10 11.91
N PRO A 29 -1.22 -8.25 11.69
CA PRO A 29 -0.65 -8.63 10.39
C PRO A 29 -1.12 -10.00 9.90
N ASN A 30 -1.44 -10.91 10.81
CA ASN A 30 -2.00 -12.23 10.48
C ASN A 30 -3.37 -12.14 9.80
N GLU A 31 -4.21 -11.17 10.16
CA GLU A 31 -5.48 -10.90 9.50
C GLU A 31 -5.26 -10.16 8.17
N VAL A 32 -4.30 -9.22 8.13
CA VAL A 32 -3.95 -8.46 6.91
C VAL A 32 -3.53 -9.40 5.80
N GLU A 33 -2.74 -10.41 6.16
CA GLU A 33 -2.06 -11.25 5.20
C GLU A 33 -3.03 -11.88 4.18
N LYS A 34 -4.22 -12.25 4.66
CA LYS A 34 -5.29 -12.88 3.87
C LYS A 34 -5.86 -11.93 2.81
N SER A 35 -5.90 -10.63 3.09
CA SER A 35 -6.29 -9.59 2.14
C SER A 35 -5.27 -9.47 0.99
N ILE A 36 -3.97 -9.67 1.27
CA ILE A 36 -2.92 -9.64 0.24
C ILE A 36 -3.12 -10.80 -0.74
N ARG A 37 -3.45 -12.01 -0.22
CA ARG A 37 -3.71 -13.20 -1.05
C ARG A 37 -4.79 -12.95 -2.09
N GLU A 38 -5.90 -12.29 -1.69
CA GLU A 38 -7.02 -12.00 -2.59
C GLU A 38 -6.63 -11.04 -3.72
N ALA A 39 -5.92 -9.96 -3.40
CA ALA A 39 -5.45 -8.97 -4.37
C ALA A 39 -4.49 -9.58 -5.39
N LEU A 40 -3.53 -10.41 -4.94
CA LEU A 40 -2.54 -11.05 -5.80
C LEU A 40 -3.18 -12.17 -6.66
N LYS A 41 -4.15 -12.92 -6.12
CA LYS A 41 -4.88 -13.98 -6.83
C LYS A 41 -5.76 -13.45 -7.96
N LYS A 42 -6.44 -12.31 -7.74
CA LYS A 42 -7.38 -11.70 -8.69
C LYS A 42 -6.75 -10.64 -9.61
N GLY A 43 -5.49 -10.25 -9.39
CA GLY A 43 -4.82 -9.20 -10.17
C GLY A 43 -5.39 -7.80 -9.90
N ARG A 44 -5.89 -7.57 -8.68
CA ARG A 44 -6.57 -6.35 -8.22
C ARG A 44 -5.74 -5.56 -7.22
N THR A 45 -6.11 -4.30 -7.02
CA THR A 45 -5.44 -3.39 -6.09
C THR A 45 -6.20 -3.28 -4.77
N LEU A 46 -5.56 -3.65 -3.66
CA LEU A 46 -6.09 -3.44 -2.31
C LEU A 46 -5.12 -2.61 -1.47
N ILE A 47 -5.68 -1.75 -0.63
CA ILE A 47 -4.94 -0.82 0.23
C ILE A 47 -5.37 -1.06 1.67
N ILE A 48 -4.41 -1.20 2.57
CA ILE A 48 -4.65 -1.49 3.99
C ILE A 48 -3.95 -0.47 4.90
N ILE A 49 -4.60 -0.10 6.01
CA ILE A 49 -4.04 0.72 7.08
C ILE A 49 -3.98 -0.12 8.36
N ILE A 50 -2.79 -0.34 8.91
CA ILE A 50 -2.53 -1.08 10.15
C ILE A 50 -1.52 -0.35 11.03
N ASN A 51 -1.88 -0.10 12.29
CA ASN A 51 -1.01 0.54 13.31
C ASN A 51 -0.32 1.84 12.83
N GLY A 52 -1.02 2.61 12.00
CA GLY A 52 -0.53 3.84 11.36
C GLY A 52 0.32 3.63 10.09
N VAL A 53 0.49 2.39 9.61
CA VAL A 53 1.24 2.05 8.39
C VAL A 53 0.27 1.78 7.26
N PHE A 54 0.49 2.42 6.10
CA PHE A 54 -0.20 2.13 4.84
C PHE A 54 0.51 0.98 4.11
N VAL A 55 -0.24 -0.01 3.64
CA VAL A 55 0.24 -1.18 2.87
C VAL A 55 -0.53 -1.24 1.56
N VAL A 56 0.18 -1.10 0.43
CA VAL A 56 -0.40 -1.14 -0.92
C VAL A 56 -0.09 -2.47 -1.60
N VAL A 57 -1.11 -3.18 -2.09
CA VAL A 57 -0.97 -4.42 -2.88
C VAL A 57 -1.55 -4.21 -4.27
N SER A 58 -0.79 -4.55 -5.32
CA SER A 58 -1.27 -4.64 -6.70
C SER A 58 -0.28 -5.47 -7.53
N THR A 59 -0.72 -6.11 -8.60
CA THR A 59 0.17 -6.75 -9.58
C THR A 59 0.73 -5.74 -10.60
N ASP A 60 0.40 -4.45 -10.47
CA ASP A 60 0.86 -3.36 -11.36
C ASP A 60 1.57 -2.24 -10.58
N GLU A 61 2.89 -2.09 -10.78
CA GLU A 61 3.69 -1.04 -10.13
C GLU A 61 3.23 0.38 -10.49
N ASP A 62 2.71 0.59 -11.70
CA ASP A 62 2.07 1.82 -12.17
C ASP A 62 0.79 2.18 -11.39
N LEU A 63 0.14 1.21 -10.73
CA LEU A 63 -0.94 1.46 -9.77
C LEU A 63 -0.43 1.82 -8.37
N ILE A 64 0.53 1.07 -7.85
CA ILE A 64 1.13 1.37 -6.54
C ILE A 64 1.80 2.74 -6.51
N ARG A 65 2.62 3.07 -7.52
CA ARG A 65 3.37 4.35 -7.56
C ARG A 65 2.47 5.58 -7.47
N GLU A 66 1.30 5.54 -8.10
CA GLU A 66 0.30 6.62 -8.02
C GLU A 66 -0.40 6.65 -6.65
N ILE A 67 -0.65 5.49 -6.03
CA ILE A 67 -1.18 5.43 -4.67
C ILE A 67 -0.17 6.01 -3.67
N LYS A 68 1.13 5.70 -3.81
CA LYS A 68 2.19 6.22 -2.95
C LYS A 68 2.23 7.75 -2.98
N ARG A 69 2.10 8.38 -4.16
CA ARG A 69 1.93 9.83 -4.27
C ARG A 69 0.70 10.32 -3.52
N LEU A 70 -0.47 9.72 -3.71
CA LEU A 70 -1.73 10.18 -3.13
C LEU A 70 -1.76 10.02 -1.61
N ILE A 71 -1.09 9.01 -1.07
CA ILE A 71 -0.87 8.84 0.38
C ILE A 71 0.10 9.92 0.88
N LYS A 72 1.26 10.06 0.22
CA LYS A 72 2.36 10.90 0.72
C LYS A 72 2.08 12.40 0.58
N GLU A 73 1.38 12.81 -0.46
CA GLU A 73 0.99 14.19 -0.71
C GLU A 73 -0.05 14.71 0.31
N SER A 74 -0.89 13.81 0.83
CA SER A 74 -1.85 14.12 1.92
C SER A 74 -1.23 13.93 3.31
N ASN A 75 -0.31 12.98 3.48
CA ASN A 75 0.35 12.66 4.75
C ASN A 75 1.85 12.34 4.55
N PRO A 76 2.74 13.36 4.49
CA PRO A 76 4.15 13.15 4.16
C PRO A 76 4.95 12.40 5.24
N ASN A 77 4.44 12.37 6.48
CA ASN A 77 5.03 11.66 7.61
C ASN A 77 4.60 10.18 7.73
N LYS A 78 3.55 9.74 7.01
CA LYS A 78 3.00 8.38 7.13
C LYS A 78 3.91 7.33 6.52
N LYS A 79 4.00 6.18 7.20
CA LYS A 79 4.78 5.01 6.79
C LYS A 79 4.03 4.25 5.68
N THR A 80 4.75 3.84 4.64
CA THR A 80 4.18 3.20 3.44
C THR A 80 4.94 1.95 3.03
N LEU A 81 4.20 0.93 2.60
CA LEU A 81 4.66 -0.38 2.15
C LEU A 81 4.04 -0.72 0.78
N ASP A 82 4.74 -1.53 -0.02
CA ASP A 82 4.32 -1.99 -1.34
C ASP A 82 4.56 -3.49 -1.56
N VAL A 83 3.61 -4.16 -2.23
CA VAL A 83 3.62 -5.61 -2.49
C VAL A 83 3.09 -5.90 -3.90
N THR A 84 3.83 -6.72 -4.66
CA THR A 84 3.39 -7.23 -5.98
C THR A 84 3.41 -8.76 -6.10
N THR A 85 4.08 -9.44 -5.17
CA THR A 85 4.23 -10.90 -5.07
C THR A 85 4.36 -11.33 -3.61
N GLU A 86 4.19 -12.62 -3.30
CA GLU A 86 4.34 -13.13 -1.93
C GLU A 86 5.79 -13.08 -1.41
N GLU A 87 6.78 -13.12 -2.31
CA GLU A 87 8.20 -12.91 -1.96
C GLU A 87 8.46 -11.44 -1.56
N ASP A 88 7.78 -10.49 -2.20
CA ASP A 88 7.83 -9.07 -1.86
C ASP A 88 7.10 -8.78 -0.54
N LEU A 89 5.97 -9.44 -0.27
CA LEU A 89 5.27 -9.39 1.03
C LEU A 89 6.21 -9.82 2.18
N GLU A 90 6.87 -10.97 2.03
CA GLU A 90 7.82 -11.49 3.02
C GLU A 90 9.00 -10.53 3.22
N GLU A 91 9.53 -9.94 2.14
CA GLU A 91 10.65 -9.01 2.23
C GLU A 91 10.28 -7.66 2.88
N VAL A 92 9.10 -7.10 2.61
CA VAL A 92 8.66 -5.88 3.31
C VAL A 92 8.28 -6.13 4.77
N LEU A 93 7.74 -7.31 5.09
CA LEU A 93 7.55 -7.71 6.49
C LEU A 93 8.90 -7.92 7.20
N ARG A 94 9.91 -8.47 6.51
CA ARG A 94 11.30 -8.58 7.00
C ARG A 94 11.91 -7.20 7.28
N ARG A 95 11.73 -6.22 6.38
CA ARG A 95 12.07 -4.80 6.61
C ARG A 95 11.43 -4.25 7.90
N ILE A 96 10.12 -4.44 8.06
CA ILE A 96 9.36 -3.96 9.23
C ILE A 96 9.83 -4.62 10.53
N LYS A 97 10.04 -5.94 10.56
CA LYS A 97 10.48 -6.69 11.76
C LYS A 97 11.94 -6.46 12.13
N LYS A 98 12.79 -6.05 11.17
CA LYS A 98 14.17 -5.58 11.41
C LYS A 98 14.27 -4.11 11.84
N GLY A 99 13.15 -3.36 11.85
CA GLY A 99 13.12 -1.93 12.19
C GLY A 99 13.56 -1.00 11.05
N SER A 100 13.70 -1.52 9.83
CA SER A 100 14.08 -0.78 8.62
C SER A 100 12.85 -0.08 7.98
N TRP A 101 12.21 0.79 8.77
CA TRP A 101 10.94 1.45 8.44
C TRP A 101 11.14 2.62 7.46
N SER A 102 10.04 3.07 6.83
CA SER A 102 10.02 4.09 5.77
C SER A 102 10.14 5.53 6.34
N LEU A 103 11.30 5.85 6.91
CA LEU A 103 11.69 7.18 7.43
C LEU A 103 12.64 7.98 6.51
N GLU A 104 12.86 7.48 5.30
CA GLU A 104 13.71 8.07 4.25
C GLU A 104 12.91 8.48 3.00
N HIS A 105 13.48 9.40 2.21
CA HIS A 105 12.91 9.82 0.92
C HIS A 105 14.00 10.00 -0.16
N HIS A 106 14.68 8.91 -0.54
CA HIS A 106 15.67 8.91 -1.64
C HIS A 106 15.05 9.16 -3.04
N HIS A 107 13.73 9.12 -3.15
CA HIS A 107 12.97 9.21 -4.41
C HIS A 107 13.13 10.54 -5.17
N HIS A 108 13.50 11.62 -4.47
CA HIS A 108 13.79 12.94 -5.03
C HIS A 108 15.12 13.49 -4.50
N HIS A 109 15.87 14.22 -5.33
CA HIS A 109 17.13 14.88 -4.96
C HIS A 109 16.84 16.25 -4.32
N HIS A 110 16.26 16.25 -3.12
CA HIS A 110 15.77 17.42 -2.38
C HIS A 110 16.30 17.43 -0.92
N GLY A 1 -10.03 9.10 9.58
CA GLY A 1 -9.13 10.27 9.69
C GLY A 1 -8.80 10.83 8.32
N SER A 2 -7.54 11.24 8.09
CA SER A 2 -7.08 11.81 6.81
C SER A 2 -7.12 10.80 5.64
N ASP A 3 -7.23 9.50 5.92
CA ASP A 3 -7.51 8.46 4.94
C ASP A 3 -8.87 8.65 4.22
N GLU A 4 -9.86 9.26 4.87
CA GLU A 4 -11.14 9.62 4.27
C GLU A 4 -11.01 10.80 3.29
N GLU A 5 -9.95 11.60 3.42
CA GLU A 5 -9.57 12.66 2.47
C GLU A 5 -8.79 12.11 1.27
N ILE A 6 -8.00 11.04 1.47
CA ILE A 6 -7.28 10.35 0.39
C ILE A 6 -8.25 9.51 -0.45
N ARG A 7 -9.25 8.88 0.17
CA ARG A 7 -10.08 7.87 -0.53
C ARG A 7 -10.77 8.44 -1.78
N LYS A 8 -11.20 9.71 -1.72
CA LYS A 8 -11.85 10.39 -2.86
C LYS A 8 -10.92 10.49 -4.08
N LYS A 9 -9.61 10.64 -3.84
CA LYS A 9 -8.58 10.64 -4.90
C LYS A 9 -8.36 9.21 -5.39
N LEU A 10 -8.36 8.24 -4.47
CA LEU A 10 -8.18 6.81 -4.72
C LEU A 10 -9.30 6.22 -5.61
N GLU A 11 -10.57 6.50 -5.27
CA GLU A 11 -11.72 6.03 -6.05
C GLU A 11 -11.78 6.68 -7.44
N GLU A 12 -11.23 7.88 -7.62
CA GLU A 12 -11.03 8.49 -8.95
C GLU A 12 -9.82 7.92 -9.70
N LEU A 13 -8.77 7.47 -9.02
CA LEU A 13 -7.63 6.77 -9.62
C LEU A 13 -8.07 5.44 -10.26
N ALA A 14 -9.03 4.75 -9.63
CA ALA A 14 -9.67 3.55 -10.18
C ALA A 14 -10.30 3.81 -11.56
N LYS A 15 -10.86 5.01 -11.79
CA LYS A 15 -11.37 5.44 -13.10
C LYS A 15 -10.25 5.69 -14.13
N ARG A 16 -9.07 6.15 -13.70
CA ARG A 16 -7.91 6.42 -14.57
C ARG A 16 -7.25 5.13 -15.05
N LYS A 17 -7.12 4.13 -14.18
CA LYS A 17 -6.50 2.82 -14.51
C LYS A 17 -7.49 1.76 -14.99
N GLY A 18 -8.80 2.04 -14.92
CA GLY A 18 -9.86 1.12 -15.36
C GLY A 18 -9.94 -0.17 -14.54
N LYS A 19 -9.49 -0.12 -13.27
CA LYS A 19 -9.26 -1.27 -12.39
C LYS A 19 -9.95 -1.17 -11.04
N ASP A 20 -10.05 -2.29 -10.33
CA ASP A 20 -10.65 -2.38 -8.99
C ASP A 20 -9.61 -2.05 -7.90
N LEU A 21 -9.81 -0.93 -7.19
CA LEU A 21 -9.01 -0.51 -6.03
C LEU A 21 -9.92 -0.42 -4.79
N GLN A 22 -9.49 -0.96 -3.65
CA GLN A 22 -10.20 -0.85 -2.36
C GLN A 22 -9.26 -0.40 -1.22
N LEU A 23 -9.69 0.58 -0.43
CA LEU A 23 -9.00 1.06 0.78
C LEU A 23 -9.74 0.56 2.04
N ARG A 24 -9.04 -0.10 2.95
CA ARG A 24 -9.60 -0.70 4.18
C ARG A 24 -8.71 -0.50 5.41
N ARG A 25 -9.29 -0.58 6.61
CA ARG A 25 -8.58 -0.57 7.91
C ARG A 25 -8.60 -1.96 8.55
N TYR A 26 -7.46 -2.39 9.11
CA TYR A 26 -7.26 -3.73 9.69
C TYR A 26 -6.68 -3.64 11.11
N ASN A 27 -7.05 -4.61 11.97
CA ASN A 27 -6.72 -4.62 13.39
C ASN A 27 -5.44 -5.41 13.74
N ASP A 28 -5.13 -6.47 12.99
CA ASP A 28 -3.99 -7.37 13.22
C ASP A 28 -3.27 -7.72 11.91
N PRO A 29 -1.92 -7.82 11.90
CA PRO A 29 -1.13 -8.08 10.70
C PRO A 29 -1.44 -9.44 10.03
N ASN A 30 -1.80 -10.44 10.84
CA ASN A 30 -2.14 -11.78 10.36
C ASN A 30 -3.40 -11.81 9.49
N GLU A 31 -4.37 -10.95 9.77
CA GLU A 31 -5.60 -10.82 8.97
C GLU A 31 -5.35 -10.09 7.65
N VAL A 32 -4.42 -9.11 7.64
CA VAL A 32 -3.99 -8.43 6.41
C VAL A 32 -3.37 -9.43 5.45
N GLU A 33 -2.58 -10.36 5.98
CA GLU A 33 -1.75 -11.24 5.17
C GLU A 33 -2.60 -12.02 4.16
N LYS A 34 -3.80 -12.44 4.58
CA LYS A 34 -4.77 -13.19 3.77
C LYS A 34 -5.37 -12.35 2.65
N SER A 35 -5.55 -11.05 2.89
CA SER A 35 -6.00 -10.08 1.88
C SER A 35 -4.99 -9.95 0.73
N ILE A 36 -3.69 -10.06 1.03
CA ILE A 36 -2.61 -10.01 0.04
C ILE A 36 -2.70 -11.21 -0.90
N ARG A 37 -2.91 -12.41 -0.35
CA ARG A 37 -3.03 -13.66 -1.12
C ARG A 37 -4.19 -13.59 -2.11
N GLU A 38 -5.32 -12.99 -1.72
CA GLU A 38 -6.47 -12.77 -2.61
C GLU A 38 -6.17 -11.71 -3.69
N ALA A 39 -5.60 -10.58 -3.30
CA ALA A 39 -5.27 -9.48 -4.21
C ALA A 39 -4.30 -9.92 -5.32
N LEU A 40 -3.26 -10.68 -4.96
CA LEU A 40 -2.25 -11.16 -5.91
C LEU A 40 -2.79 -12.28 -6.82
N LYS A 41 -3.65 -13.17 -6.30
CA LYS A 41 -4.26 -14.26 -7.07
C LYS A 41 -5.30 -13.76 -8.08
N LYS A 42 -6.07 -12.72 -7.73
CA LYS A 42 -7.15 -12.14 -8.57
C LYS A 42 -6.72 -10.91 -9.40
N GLY A 43 -5.47 -10.48 -9.30
CA GLY A 43 -4.92 -9.34 -10.05
C GLY A 43 -5.49 -7.98 -9.63
N ARG A 44 -5.85 -7.83 -8.35
CA ARG A 44 -6.56 -6.68 -7.76
C ARG A 44 -5.64 -5.78 -6.95
N THR A 45 -6.08 -4.53 -6.76
CA THR A 45 -5.42 -3.55 -5.90
C THR A 45 -6.13 -3.42 -4.55
N LEU A 46 -5.40 -3.66 -3.46
CA LEU A 46 -5.84 -3.36 -2.09
C LEU A 46 -4.88 -2.38 -1.43
N ILE A 47 -5.44 -1.46 -0.64
CA ILE A 47 -4.72 -0.54 0.22
C ILE A 47 -5.21 -0.76 1.65
N ILE A 48 -4.31 -1.11 2.56
CA ILE A 48 -4.66 -1.43 3.94
C ILE A 48 -3.93 -0.54 4.93
N ILE A 49 -4.68 0.02 5.88
CA ILE A 49 -4.18 0.86 6.95
C ILE A 49 -4.14 0.04 8.25
N ILE A 50 -2.95 -0.12 8.82
CA ILE A 50 -2.71 -0.82 10.08
C ILE A 50 -1.62 -0.13 10.90
N ASN A 51 -1.93 0.22 12.16
CA ASN A 51 -1.01 0.88 13.10
C ASN A 51 -0.32 2.13 12.53
N GLY A 52 -1.02 2.87 11.68
CA GLY A 52 -0.53 4.05 10.95
C GLY A 52 0.31 3.75 9.70
N VAL A 53 0.45 2.48 9.29
CA VAL A 53 1.18 2.08 8.07
C VAL A 53 0.19 1.85 6.93
N PHE A 54 0.44 2.49 5.77
CA PHE A 54 -0.31 2.26 4.53
C PHE A 54 0.36 1.15 3.71
N VAL A 55 -0.26 -0.02 3.62
CA VAL A 55 0.22 -1.19 2.88
C VAL A 55 -0.50 -1.24 1.53
N VAL A 56 0.23 -0.98 0.45
CA VAL A 56 -0.30 -0.96 -0.94
C VAL A 56 0.09 -2.25 -1.66
N VAL A 57 -0.91 -2.98 -2.16
CA VAL A 57 -0.73 -4.27 -2.85
C VAL A 57 -1.43 -4.25 -4.19
N SER A 58 -0.72 -4.57 -5.27
CA SER A 58 -1.26 -4.73 -6.62
C SER A 58 -0.31 -5.56 -7.49
N THR A 59 -0.82 -6.21 -8.54
CA THR A 59 0.02 -6.86 -9.56
C THR A 59 0.53 -5.88 -10.62
N ASP A 60 0.22 -4.59 -10.50
CA ASP A 60 0.64 -3.52 -11.40
C ASP A 60 1.44 -2.42 -10.66
N GLU A 61 2.75 -2.32 -10.93
CA GLU A 61 3.63 -1.30 -10.33
C GLU A 61 3.16 0.13 -10.66
N ASP A 62 2.57 0.36 -11.83
CA ASP A 62 2.00 1.64 -12.25
C ASP A 62 0.79 2.06 -11.39
N LEU A 63 0.10 1.11 -10.77
CA LEU A 63 -0.93 1.40 -9.77
C LEU A 63 -0.32 1.80 -8.42
N ILE A 64 0.62 1.02 -7.87
CA ILE A 64 1.25 1.35 -6.58
C ILE A 64 2.00 2.69 -6.64
N ARG A 65 2.81 2.91 -7.69
CA ARG A 65 3.67 4.12 -7.81
C ARG A 65 2.89 5.43 -7.85
N GLU A 66 1.65 5.40 -8.33
CA GLU A 66 0.71 6.53 -8.30
C GLU A 66 -0.03 6.65 -6.96
N ILE A 67 -0.40 5.53 -6.32
CA ILE A 67 -1.06 5.52 -5.00
C ILE A 67 -0.14 6.09 -3.92
N LYS A 68 1.16 5.79 -3.98
CA LYS A 68 2.16 6.36 -3.07
C LYS A 68 2.16 7.89 -3.10
N ARG A 69 1.86 8.51 -4.26
CA ARG A 69 1.72 9.98 -4.38
C ARG A 69 0.51 10.46 -3.60
N LEU A 70 -0.67 9.85 -3.79
CA LEU A 70 -1.91 10.20 -3.08
C LEU A 70 -1.74 10.15 -1.56
N ILE A 71 -1.09 9.09 -1.06
CA ILE A 71 -0.86 8.89 0.37
C ILE A 71 0.14 9.93 0.89
N LYS A 72 1.27 10.08 0.22
CA LYS A 72 2.39 10.94 0.67
C LYS A 72 2.06 12.43 0.55
N GLU A 73 1.27 12.84 -0.45
CA GLU A 73 0.84 14.24 -0.60
C GLU A 73 -0.11 14.70 0.51
N SER A 74 -0.94 13.80 1.04
CA SER A 74 -1.85 14.09 2.16
C SER A 74 -1.23 13.82 3.53
N ASN A 75 -0.30 12.86 3.63
CA ASN A 75 0.42 12.49 4.85
C ASN A 75 1.92 12.25 4.56
N PRO A 76 2.75 13.30 4.44
CA PRO A 76 4.18 13.14 4.11
C PRO A 76 4.99 12.47 5.23
N ASN A 77 4.46 12.44 6.47
CA ASN A 77 5.07 11.80 7.64
C ASN A 77 4.65 10.32 7.83
N LYS A 78 3.65 9.81 7.08
CA LYS A 78 3.17 8.41 7.22
C LYS A 78 4.08 7.40 6.51
N LYS A 79 4.20 6.22 7.12
CA LYS A 79 4.91 5.05 6.58
C LYS A 79 4.08 4.34 5.51
N THR A 80 4.75 3.86 4.45
CA THR A 80 4.14 3.05 3.40
C THR A 80 4.88 1.74 3.14
N LEU A 81 4.15 0.78 2.58
CA LEU A 81 4.61 -0.54 2.16
C LEU A 81 4.09 -0.85 0.74
N ASP A 82 4.84 -1.61 -0.05
CA ASP A 82 4.54 -1.94 -1.45
C ASP A 82 4.81 -3.42 -1.77
N VAL A 83 3.84 -4.10 -2.38
CA VAL A 83 3.86 -5.56 -2.66
C VAL A 83 3.28 -5.87 -4.04
N THR A 84 4.00 -6.68 -4.84
CA THR A 84 3.50 -7.23 -6.13
C THR A 84 3.56 -8.75 -6.26
N THR A 85 4.31 -9.42 -5.38
CA THR A 85 4.43 -10.88 -5.27
C THR A 85 4.35 -11.37 -3.82
N GLU A 86 4.13 -12.67 -3.61
CA GLU A 86 4.22 -13.30 -2.29
C GLU A 86 5.66 -13.24 -1.70
N GLU A 87 6.69 -13.09 -2.54
CA GLU A 87 8.06 -12.85 -2.11
C GLU A 87 8.27 -11.39 -1.67
N ASP A 88 7.66 -10.41 -2.35
CA ASP A 88 7.69 -9.00 -1.93
C ASP A 88 7.09 -8.81 -0.54
N LEU A 89 5.98 -9.51 -0.23
CA LEU A 89 5.32 -9.47 1.08
C LEU A 89 6.31 -9.83 2.21
N GLU A 90 7.03 -10.94 2.07
CA GLU A 90 8.06 -11.35 3.03
C GLU A 90 9.24 -10.37 3.06
N GLU A 91 9.66 -9.84 1.91
CA GLU A 91 10.78 -8.90 1.79
C GLU A 91 10.49 -7.54 2.48
N VAL A 92 9.25 -7.04 2.44
CA VAL A 92 8.84 -5.84 3.20
C VAL A 92 8.57 -6.12 4.68
N LEU A 93 7.96 -7.25 5.03
CA LEU A 93 7.76 -7.64 6.43
C LEU A 93 9.09 -7.86 7.16
N ARG A 94 10.15 -8.30 6.46
CA ARG A 94 11.53 -8.33 6.97
C ARG A 94 12.02 -6.96 7.45
N ARG A 95 11.66 -5.86 6.77
CA ARG A 95 11.98 -4.48 7.20
C ARG A 95 11.12 -4.03 8.39
N ILE A 96 9.87 -4.49 8.48
CA ILE A 96 8.99 -4.21 9.62
C ILE A 96 9.48 -4.92 10.90
N LYS A 97 9.86 -6.21 10.80
CA LYS A 97 10.31 -7.03 11.95
C LYS A 97 11.72 -6.66 12.43
N LYS A 98 12.60 -6.17 11.53
CA LYS A 98 13.94 -5.68 11.87
C LYS A 98 14.00 -4.19 12.25
N GLY A 99 12.86 -3.49 12.30
CA GLY A 99 12.77 -2.09 12.75
C GLY A 99 13.31 -1.05 11.75
N SER A 100 13.51 -1.43 10.48
CA SER A 100 13.95 -0.53 9.41
C SER A 100 12.78 0.28 8.84
N TRP A 101 11.66 -0.41 8.56
CA TRP A 101 10.37 0.09 8.06
C TRP A 101 10.41 0.82 6.69
N SER A 102 9.49 0.44 5.79
CA SER A 102 9.48 0.80 4.36
C SER A 102 10.72 0.29 3.60
N LEU A 103 10.72 0.44 2.27
CA LEU A 103 11.84 0.04 1.39
C LEU A 103 12.14 1.14 0.34
N GLU A 104 12.14 2.40 0.78
CA GLU A 104 12.42 3.57 -0.07
C GLU A 104 13.95 3.77 -0.25
N HIS A 105 14.42 3.79 -1.50
CA HIS A 105 15.83 4.02 -1.86
C HIS A 105 15.98 4.70 -3.23
N HIS A 106 15.47 4.07 -4.29
CA HIS A 106 15.41 4.63 -5.66
C HIS A 106 14.21 4.03 -6.43
N HIS A 107 13.64 4.78 -7.39
CA HIS A 107 12.38 4.39 -8.05
C HIS A 107 12.54 3.24 -9.07
N HIS A 108 13.71 3.15 -9.72
CA HIS A 108 14.09 2.09 -10.65
C HIS A 108 15.57 1.68 -10.45
N HIS A 109 15.92 0.43 -10.76
CA HIS A 109 17.28 -0.10 -10.58
C HIS A 109 17.80 -0.98 -11.75
N HIS A 110 16.91 -1.44 -12.64
CA HIS A 110 17.22 -2.30 -13.80
C HIS A 110 16.31 -1.96 -15.00
N GLY A 1 -11.12 10.07 8.95
CA GLY A 1 -10.00 11.03 8.94
C GLY A 1 -9.35 11.11 7.58
N SER A 2 -8.02 11.17 7.52
CA SER A 2 -7.25 11.26 6.27
C SER A 2 -7.41 10.03 5.35
N ASP A 3 -7.78 8.89 5.91
CA ASP A 3 -8.14 7.67 5.18
C ASP A 3 -9.29 7.92 4.18
N GLU A 4 -10.34 8.65 4.57
CA GLU A 4 -11.46 9.02 3.69
C GLU A 4 -11.06 10.12 2.67
N GLU A 5 -10.14 11.01 3.05
CA GLU A 5 -9.64 12.08 2.18
C GLU A 5 -8.76 11.55 1.03
N ILE A 6 -8.12 10.39 1.24
CA ILE A 6 -7.41 9.62 0.21
C ILE A 6 -8.37 8.66 -0.52
N ARG A 7 -9.37 8.09 0.16
CA ARG A 7 -10.33 7.11 -0.42
C ARG A 7 -11.04 7.65 -1.66
N LYS A 8 -11.44 8.92 -1.64
CA LYS A 8 -12.01 9.63 -2.79
C LYS A 8 -11.04 9.73 -3.98
N LYS A 9 -9.72 9.84 -3.72
CA LYS A 9 -8.67 9.93 -4.75
C LYS A 9 -8.41 8.56 -5.38
N LEU A 10 -8.50 7.50 -4.57
CA LEU A 10 -8.37 6.11 -4.98
C LEU A 10 -9.51 5.70 -5.93
N GLU A 11 -10.73 6.20 -5.68
CA GLU A 11 -11.86 6.00 -6.59
C GLU A 11 -11.75 6.83 -7.89
N GLU A 12 -11.08 7.99 -7.87
CA GLU A 12 -10.73 8.72 -9.11
C GLU A 12 -9.68 7.95 -9.93
N LEU A 13 -8.68 7.34 -9.28
CA LEU A 13 -7.66 6.52 -9.93
C LEU A 13 -8.23 5.25 -10.55
N ALA A 14 -9.28 4.66 -9.94
CA ALA A 14 -9.99 3.52 -10.51
C ALA A 14 -10.54 3.81 -11.92
N LYS A 15 -10.96 5.05 -12.20
CA LYS A 15 -11.37 5.51 -13.53
C LYS A 15 -10.17 5.77 -14.45
N ARG A 16 -9.06 6.31 -13.95
CA ARG A 16 -7.86 6.62 -14.77
C ARG A 16 -7.10 5.36 -15.19
N LYS A 17 -6.96 4.37 -14.29
CA LYS A 17 -6.27 3.09 -14.55
C LYS A 17 -7.19 1.97 -15.04
N GLY A 18 -8.51 2.17 -14.99
CA GLY A 18 -9.52 1.18 -15.41
C GLY A 18 -9.54 -0.10 -14.56
N LYS A 19 -9.05 -0.03 -13.32
CA LYS A 19 -8.85 -1.17 -12.39
C LYS A 19 -9.65 -0.99 -11.10
N ASP A 20 -9.81 -2.09 -10.35
CA ASP A 20 -10.44 -2.05 -9.02
C ASP A 20 -9.42 -1.66 -7.94
N LEU A 21 -9.67 -0.55 -7.25
CA LEU A 21 -8.95 -0.09 -6.06
C LEU A 21 -9.96 0.00 -4.89
N GLN A 22 -9.60 -0.52 -3.71
CA GLN A 22 -10.42 -0.45 -2.50
C GLN A 22 -9.54 -0.21 -1.26
N LEU A 23 -10.05 0.56 -0.30
CA LEU A 23 -9.38 0.90 0.96
C LEU A 23 -10.00 0.14 2.14
N ARG A 24 -9.15 -0.50 2.97
CA ARG A 24 -9.56 -1.22 4.20
C ARG A 24 -8.58 -1.00 5.36
N ARG A 25 -9.08 -1.10 6.59
CA ARG A 25 -8.33 -0.97 7.86
C ARG A 25 -8.18 -2.33 8.56
N TYR A 26 -7.00 -2.58 9.14
CA TYR A 26 -6.62 -3.82 9.85
C TYR A 26 -5.87 -3.52 11.17
N ASN A 27 -5.82 -4.50 12.08
CA ASN A 27 -5.16 -4.39 13.38
C ASN A 27 -3.93 -5.32 13.55
N ASP A 28 -3.91 -6.48 12.88
CA ASP A 28 -2.91 -7.54 13.10
C ASP A 28 -2.26 -8.03 11.80
N PRO A 29 -0.94 -8.34 11.78
CA PRO A 29 -0.22 -8.79 10.60
C PRO A 29 -0.70 -10.15 10.06
N ASN A 30 -1.22 -11.01 10.94
CA ASN A 30 -1.79 -12.30 10.56
C ASN A 30 -3.12 -12.18 9.80
N GLU A 31 -3.95 -11.19 10.16
CA GLU A 31 -5.24 -10.94 9.51
C GLU A 31 -5.06 -10.19 8.19
N VAL A 32 -4.09 -9.28 8.14
CA VAL A 32 -3.84 -8.43 6.97
C VAL A 32 -3.23 -9.22 5.80
N GLU A 33 -2.40 -10.22 6.10
CA GLU A 33 -1.80 -11.16 5.15
C GLU A 33 -2.85 -11.74 4.18
N LYS A 34 -4.03 -12.10 4.70
CA LYS A 34 -5.13 -12.70 3.94
C LYS A 34 -5.71 -11.74 2.90
N SER A 35 -5.71 -10.44 3.22
CA SER A 35 -6.08 -9.35 2.30
C SER A 35 -5.06 -9.18 1.17
N ILE A 36 -3.77 -9.46 1.41
CA ILE A 36 -2.75 -9.43 0.36
C ILE A 36 -2.93 -10.61 -0.59
N ARG A 37 -3.15 -11.82 -0.03
CA ARG A 37 -3.35 -13.05 -0.83
C ARG A 37 -4.50 -12.91 -1.82
N GLU A 38 -5.62 -12.31 -1.42
CA GLU A 38 -6.78 -12.15 -2.32
C GLU A 38 -6.49 -11.18 -3.48
N ALA A 39 -5.91 -10.04 -3.16
CA ALA A 39 -5.55 -8.99 -4.11
C ALA A 39 -4.58 -9.49 -5.19
N LEU A 40 -3.55 -10.24 -4.80
CA LEU A 40 -2.52 -10.72 -5.72
C LEU A 40 -3.03 -11.84 -6.63
N LYS A 41 -3.84 -12.76 -6.10
CA LYS A 41 -4.38 -13.90 -6.86
C LYS A 41 -5.53 -13.53 -7.79
N LYS A 42 -6.25 -12.42 -7.51
CA LYS A 42 -7.27 -11.82 -8.39
C LYS A 42 -6.75 -10.69 -9.30
N GLY A 43 -5.48 -10.28 -9.18
CA GLY A 43 -4.89 -9.23 -10.01
C GLY A 43 -5.43 -7.82 -9.72
N ARG A 44 -5.83 -7.57 -8.47
CA ARG A 44 -6.49 -6.33 -7.99
C ARG A 44 -5.57 -5.49 -7.12
N THR A 45 -5.93 -4.21 -6.98
CA THR A 45 -5.25 -3.24 -6.11
C THR A 45 -6.01 -3.09 -4.79
N LEU A 46 -5.32 -3.27 -3.66
CA LEU A 46 -5.83 -2.94 -2.33
C LEU A 46 -4.91 -1.95 -1.63
N ILE A 47 -5.52 -1.00 -0.92
CA ILE A 47 -4.84 0.02 -0.14
C ILE A 47 -5.25 -0.20 1.31
N ILE A 48 -4.27 -0.56 2.12
CA ILE A 48 -4.54 -1.06 3.47
C ILE A 48 -3.88 -0.17 4.52
N ILE A 49 -4.59 0.09 5.61
CA ILE A 49 -4.10 0.85 6.76
C ILE A 49 -4.02 -0.09 7.97
N ILE A 50 -2.81 -0.43 8.40
CA ILE A 50 -2.56 -1.24 9.59
C ILE A 50 -1.71 -0.45 10.60
N ASN A 51 -2.29 -0.20 11.77
CA ASN A 51 -1.63 0.52 12.88
C ASN A 51 -0.95 1.85 12.47
N GLY A 52 -1.59 2.57 11.54
CA GLY A 52 -1.10 3.82 10.94
C GLY A 52 -0.15 3.66 9.74
N VAL A 53 0.20 2.43 9.34
CA VAL A 53 1.07 2.15 8.18
C VAL A 53 0.21 1.90 6.93
N PHE A 54 0.53 2.58 5.82
CA PHE A 54 -0.14 2.37 4.54
C PHE A 54 0.55 1.26 3.73
N VAL A 55 -0.10 0.10 3.59
CA VAL A 55 0.38 -1.05 2.82
C VAL A 55 -0.37 -1.09 1.49
N VAL A 56 0.34 -0.83 0.39
CA VAL A 56 -0.22 -0.82 -0.97
C VAL A 56 0.11 -2.13 -1.69
N VAL A 57 -0.92 -2.86 -2.10
CA VAL A 57 -0.81 -4.14 -2.82
C VAL A 57 -1.37 -3.97 -4.23
N SER A 58 -0.62 -4.32 -5.26
CA SER A 58 -1.11 -4.43 -6.64
C SER A 58 -0.18 -5.30 -7.48
N THR A 59 -0.71 -5.95 -8.52
CA THR A 59 0.10 -6.66 -9.52
C THR A 59 0.63 -5.74 -10.62
N ASP A 60 0.41 -4.42 -10.49
CA ASP A 60 0.91 -3.37 -11.39
C ASP A 60 1.68 -2.30 -10.59
N GLU A 61 2.99 -2.19 -10.84
CA GLU A 61 3.86 -1.19 -10.20
C GLU A 61 3.40 0.26 -10.46
N ASP A 62 2.79 0.54 -11.62
CA ASP A 62 2.25 1.87 -11.93
C ASP A 62 1.10 2.26 -11.00
N LEU A 63 0.27 1.30 -10.59
CA LEU A 63 -0.82 1.52 -9.63
C LEU A 63 -0.28 1.88 -8.25
N ILE A 64 0.74 1.17 -7.75
CA ILE A 64 1.40 1.53 -6.48
C ILE A 64 2.07 2.90 -6.55
N ARG A 65 2.93 3.18 -7.55
CA ARG A 65 3.70 4.43 -7.60
C ARG A 65 2.84 5.69 -7.71
N GLU A 66 1.64 5.57 -8.28
CA GLU A 66 0.63 6.64 -8.36
C GLU A 66 -0.12 6.81 -7.02
N ILE A 67 -0.47 5.72 -6.33
CA ILE A 67 -1.15 5.74 -5.03
C ILE A 67 -0.27 6.36 -3.94
N LYS A 68 1.03 6.04 -3.96
CA LYS A 68 2.01 6.62 -3.04
C LYS A 68 1.99 8.15 -3.07
N ARG A 69 1.70 8.77 -4.23
CA ARG A 69 1.52 10.23 -4.36
C ARG A 69 0.32 10.72 -3.56
N LEU A 70 -0.85 10.08 -3.71
CA LEU A 70 -2.07 10.50 -2.99
C LEU A 70 -1.92 10.35 -1.46
N ILE A 71 -1.25 9.29 -1.01
CA ILE A 71 -0.94 9.09 0.42
C ILE A 71 0.01 10.17 0.93
N LYS A 72 1.11 10.41 0.19
CA LYS A 72 2.16 11.37 0.55
C LYS A 72 1.67 12.83 0.52
N GLU A 73 0.80 13.17 -0.41
CA GLU A 73 0.23 14.52 -0.54
C GLU A 73 -0.77 14.86 0.57
N SER A 74 -1.50 13.86 1.07
CA SER A 74 -2.38 13.99 2.22
C SER A 74 -1.57 14.03 3.53
N ASN A 75 -0.61 13.11 3.66
CA ASN A 75 0.20 12.90 4.85
C ASN A 75 1.69 12.66 4.48
N PRO A 76 2.53 13.70 4.39
CA PRO A 76 3.92 13.56 3.95
C PRO A 76 4.82 12.85 4.97
N ASN A 77 4.38 12.75 6.23
CA ASN A 77 5.08 12.11 7.35
C ASN A 77 4.67 10.64 7.62
N LYS A 78 3.67 10.09 6.92
CA LYS A 78 3.21 8.70 7.12
C LYS A 78 4.14 7.67 6.46
N LYS A 79 4.25 6.52 7.12
CA LYS A 79 5.00 5.33 6.63
C LYS A 79 4.19 4.57 5.58
N THR A 80 4.88 4.04 4.57
CA THR A 80 4.29 3.18 3.53
C THR A 80 5.08 1.88 3.31
N LEU A 81 4.37 0.86 2.81
CA LEU A 81 4.88 -0.43 2.38
C LEU A 81 4.26 -0.78 1.01
N ASP A 82 4.98 -1.51 0.16
CA ASP A 82 4.55 -1.87 -1.20
C ASP A 82 4.83 -3.35 -1.54
N VAL A 83 3.88 -4.00 -2.21
CA VAL A 83 3.87 -5.45 -2.46
C VAL A 83 3.29 -5.77 -3.85
N THR A 84 3.97 -6.61 -4.64
CA THR A 84 3.49 -7.11 -5.94
C THR A 84 3.44 -8.63 -6.09
N THR A 85 4.12 -9.36 -5.22
CA THR A 85 4.13 -10.84 -5.14
C THR A 85 3.94 -11.34 -3.71
N GLU A 86 3.62 -12.63 -3.56
CA GLU A 86 3.56 -13.29 -2.25
C GLU A 86 4.94 -13.33 -1.54
N GLU A 87 6.03 -13.28 -2.30
CA GLU A 87 7.40 -13.17 -1.78
C GLU A 87 7.73 -11.73 -1.31
N ASP A 88 7.26 -10.70 -2.03
CA ASP A 88 7.43 -9.29 -1.64
C ASP A 88 6.87 -9.00 -0.25
N LEU A 89 5.71 -9.59 0.08
CA LEU A 89 5.06 -9.45 1.39
C LEU A 89 5.99 -9.90 2.53
N GLU A 90 6.57 -11.09 2.41
CA GLU A 90 7.53 -11.61 3.38
C GLU A 90 8.82 -10.78 3.41
N GLU A 91 9.29 -10.30 2.25
CA GLU A 91 10.49 -9.48 2.11
C GLU A 91 10.36 -8.13 2.86
N VAL A 92 9.20 -7.45 2.77
CA VAL A 92 8.94 -6.20 3.51
C VAL A 92 8.64 -6.43 4.99
N LEU A 93 7.89 -7.48 5.35
CA LEU A 93 7.61 -7.81 6.75
C LEU A 93 8.87 -8.21 7.51
N ARG A 94 9.82 -8.90 6.86
CA ARG A 94 11.11 -9.28 7.47
C ARG A 94 11.93 -8.07 7.88
N ARG A 95 11.93 -7.01 7.05
CA ARG A 95 12.57 -5.72 7.35
C ARG A 95 11.87 -5.00 8.52
N ILE A 96 10.55 -4.98 8.54
CA ILE A 96 9.76 -4.40 9.64
C ILE A 96 10.02 -5.13 10.97
N LYS A 97 10.18 -6.48 10.97
CA LYS A 97 10.58 -7.26 12.16
C LYS A 97 12.04 -7.05 12.57
N LYS A 98 12.92 -6.68 11.63
CA LYS A 98 14.30 -6.22 11.88
C LYS A 98 14.41 -4.74 12.26
N GLY A 99 13.31 -3.98 12.21
CA GLY A 99 13.25 -2.55 12.55
C GLY A 99 13.64 -1.59 11.41
N SER A 100 13.79 -2.07 10.17
CA SER A 100 14.04 -1.25 8.97
C SER A 100 12.77 -1.05 8.13
N TRP A 101 12.63 0.14 7.54
CA TRP A 101 11.40 0.61 6.88
C TRP A 101 11.68 1.11 5.45
N SER A 102 12.05 2.38 5.30
CA SER A 102 12.47 2.95 4.01
C SER A 102 13.91 2.56 3.64
N LEU A 103 14.14 2.24 2.36
CA LEU A 103 15.42 1.79 1.81
C LEU A 103 15.63 2.23 0.34
N GLU A 104 14.84 3.18 -0.13
CA GLU A 104 14.75 3.52 -1.55
C GLU A 104 15.96 4.35 -2.05
N HIS A 105 16.52 3.95 -3.20
CA HIS A 105 17.69 4.52 -3.91
C HIS A 105 19.03 4.56 -3.17
N HIS A 106 19.05 4.81 -1.85
CA HIS A 106 20.25 4.95 -1.00
C HIS A 106 21.31 5.91 -1.59
N HIS A 107 20.85 7.08 -2.08
CA HIS A 107 21.70 8.07 -2.75
C HIS A 107 22.66 8.83 -1.80
N HIS A 108 22.38 8.81 -0.49
CA HIS A 108 23.09 9.53 0.58
C HIS A 108 23.22 11.05 0.31
N HIS A 109 22.12 11.77 0.60
CA HIS A 109 21.92 13.20 0.31
C HIS A 109 21.91 13.54 -1.20
N HIS A 110 21.47 14.76 -1.54
CA HIS A 110 21.35 15.27 -2.92
C HIS A 110 21.59 16.79 -2.98
N GLY A 1 -9.86 11.51 10.05
CA GLY A 1 -8.74 10.68 9.54
C GLY A 1 -8.50 10.93 8.07
N SER A 2 -7.27 11.27 7.68
CA SER A 2 -6.89 11.66 6.31
C SER A 2 -7.16 10.57 5.26
N ASP A 3 -7.18 9.30 5.66
CA ASP A 3 -7.50 8.17 4.78
C ASP A 3 -8.92 8.22 4.21
N GLU A 4 -9.88 8.84 4.92
CA GLU A 4 -11.25 9.04 4.43
C GLU A 4 -11.31 10.05 3.27
N GLU A 5 -10.36 11.00 3.24
CA GLU A 5 -10.14 11.92 2.12
C GLU A 5 -9.39 11.22 0.98
N ILE A 6 -8.27 10.54 1.26
CA ILE A 6 -7.47 9.79 0.26
C ILE A 6 -8.33 8.76 -0.50
N ARG A 7 -9.34 8.18 0.17
CA ARG A 7 -10.32 7.26 -0.43
C ARG A 7 -10.96 7.83 -1.71
N LYS A 8 -11.29 9.13 -1.73
CA LYS A 8 -11.87 9.80 -2.91
C LYS A 8 -10.86 9.85 -4.07
N LYS A 9 -9.56 9.96 -3.77
CA LYS A 9 -8.48 10.05 -4.74
C LYS A 9 -8.22 8.68 -5.38
N LEU A 10 -8.35 7.62 -4.60
CA LEU A 10 -8.30 6.22 -5.05
C LEU A 10 -9.48 5.89 -5.99
N GLU A 11 -10.66 6.46 -5.73
CA GLU A 11 -11.82 6.33 -6.63
C GLU A 11 -11.69 7.18 -7.90
N GLU A 12 -11.00 8.33 -7.87
CA GLU A 12 -10.63 9.07 -9.09
C GLU A 12 -9.58 8.28 -9.90
N LEU A 13 -8.61 7.67 -9.22
CA LEU A 13 -7.56 6.84 -9.81
C LEU A 13 -8.14 5.59 -10.50
N ALA A 14 -9.24 5.04 -9.97
CA ALA A 14 -9.94 3.90 -10.57
C ALA A 14 -10.35 4.13 -12.03
N LYS A 15 -10.84 5.34 -12.36
CA LYS A 15 -11.17 5.73 -13.75
C LYS A 15 -9.93 5.98 -14.61
N ARG A 16 -8.85 6.52 -14.02
CA ARG A 16 -7.59 6.81 -14.75
C ARG A 16 -6.83 5.54 -15.14
N LYS A 17 -6.78 4.53 -14.27
CA LYS A 17 -6.03 3.27 -14.49
C LYS A 17 -6.91 2.14 -15.03
N GLY A 18 -8.24 2.30 -15.00
CA GLY A 18 -9.20 1.28 -15.46
C GLY A 18 -9.22 0.02 -14.58
N LYS A 19 -9.03 0.18 -13.27
CA LYS A 19 -9.02 -0.88 -12.23
C LYS A 19 -9.92 -0.50 -11.06
N ASP A 20 -10.37 -1.49 -10.28
CA ASP A 20 -11.13 -1.25 -9.05
C ASP A 20 -10.17 -1.23 -7.84
N LEU A 21 -10.03 -0.06 -7.19
CA LEU A 21 -9.20 0.11 -5.98
C LEU A 21 -10.11 0.13 -4.74
N GLN A 22 -9.75 -0.64 -3.72
CA GLN A 22 -10.50 -0.77 -2.45
C GLN A 22 -9.62 -0.34 -1.28
N LEU A 23 -10.19 0.42 -0.34
CA LEU A 23 -9.52 0.88 0.88
C LEU A 23 -10.17 0.23 2.13
N ARG A 24 -9.35 -0.33 3.03
CA ARG A 24 -9.80 -1.04 4.24
C ARG A 24 -8.89 -0.77 5.46
N ARG A 25 -9.43 -0.96 6.67
CA ARG A 25 -8.75 -0.82 7.97
C ARG A 25 -8.78 -2.16 8.72
N TYR A 26 -7.65 -2.54 9.31
CA TYR A 26 -7.41 -3.83 9.96
C TYR A 26 -6.89 -3.64 11.40
N ASN A 27 -7.05 -4.67 12.24
CA ASN A 27 -6.69 -4.63 13.67
C ASN A 27 -5.46 -5.48 14.02
N ASP A 28 -5.15 -6.52 13.25
CA ASP A 28 -3.95 -7.36 13.42
C ASP A 28 -3.29 -7.67 12.07
N PRO A 29 -1.95 -7.64 11.97
CA PRO A 29 -1.21 -7.98 10.75
C PRO A 29 -1.46 -9.42 10.26
N ASN A 30 -1.79 -10.33 11.17
CA ASN A 30 -2.18 -11.69 10.85
C ASN A 30 -3.45 -11.77 9.98
N GLU A 31 -4.42 -10.88 10.21
CA GLU A 31 -5.63 -10.77 9.38
C GLU A 31 -5.36 -10.01 8.06
N VAL A 32 -4.45 -9.02 8.10
CA VAL A 32 -4.00 -8.28 6.89
C VAL A 32 -3.41 -9.23 5.88
N GLU A 33 -2.58 -10.14 6.36
CA GLU A 33 -1.73 -10.95 5.51
C GLU A 33 -2.55 -11.78 4.50
N LYS A 34 -3.72 -12.27 4.95
CA LYS A 34 -4.66 -13.06 4.16
C LYS A 34 -5.30 -12.25 3.02
N SER A 35 -5.51 -10.95 3.24
CA SER A 35 -6.03 -10.02 2.23
C SER A 35 -5.04 -9.77 1.09
N ILE A 36 -3.72 -9.84 1.37
CA ILE A 36 -2.69 -9.73 0.34
C ILE A 36 -2.79 -10.90 -0.65
N ARG A 37 -3.06 -12.11 -0.14
CA ARG A 37 -3.23 -13.32 -0.97
C ARG A 37 -4.32 -13.13 -2.02
N GLU A 38 -5.45 -12.53 -1.63
CA GLU A 38 -6.60 -12.29 -2.52
C GLU A 38 -6.26 -11.30 -3.64
N ALA A 39 -5.60 -10.18 -3.30
CA ALA A 39 -5.17 -9.17 -4.27
C ALA A 39 -4.19 -9.74 -5.30
N LEU A 40 -3.21 -10.54 -4.85
CA LEU A 40 -2.20 -11.14 -5.72
C LEU A 40 -2.81 -12.27 -6.59
N LYS A 41 -3.75 -13.04 -6.05
CA LYS A 41 -4.47 -14.12 -6.77
C LYS A 41 -5.36 -13.57 -7.88
N LYS A 42 -6.07 -12.46 -7.61
CA LYS A 42 -7.01 -11.82 -8.57
C LYS A 42 -6.33 -10.82 -9.53
N GLY A 43 -5.09 -10.44 -9.30
CA GLY A 43 -4.40 -9.39 -10.07
C GLY A 43 -4.97 -7.98 -9.81
N ARG A 44 -5.47 -7.75 -8.58
CA ARG A 44 -6.23 -6.57 -8.14
C ARG A 44 -5.47 -5.68 -7.18
N THR A 45 -5.92 -4.43 -7.08
CA THR A 45 -5.35 -3.43 -6.18
C THR A 45 -6.16 -3.35 -4.87
N LEU A 46 -5.52 -3.67 -3.74
CA LEU A 46 -6.06 -3.45 -2.40
C LEU A 46 -5.15 -2.52 -1.61
N ILE A 47 -5.76 -1.60 -0.86
CA ILE A 47 -5.08 -0.66 0.02
C ILE A 47 -5.60 -0.89 1.44
N ILE A 48 -4.68 -1.17 2.36
CA ILE A 48 -4.99 -1.59 3.73
C ILE A 48 -4.27 -0.66 4.72
N ILE A 49 -4.88 -0.41 5.88
CA ILE A 49 -4.30 0.38 6.96
C ILE A 49 -4.24 -0.47 8.24
N ILE A 50 -3.05 -0.62 8.81
CA ILE A 50 -2.77 -1.33 10.06
C ILE A 50 -1.94 -0.45 11.00
N ASN A 51 -2.41 -0.23 12.23
CA ASN A 51 -1.76 0.63 13.23
C ASN A 51 -1.33 2.03 12.71
N GLY A 52 -2.07 2.57 11.73
CA GLY A 52 -1.78 3.84 11.04
C GLY A 52 -0.75 3.78 9.90
N VAL A 53 -0.20 2.61 9.57
CA VAL A 53 0.71 2.36 8.44
C VAL A 53 -0.11 1.89 7.23
N PHE A 54 0.17 2.45 6.06
CA PHE A 54 -0.47 2.04 4.81
C PHE A 54 0.25 0.82 4.21
N VAL A 55 -0.50 -0.16 3.72
CA VAL A 55 -0.02 -1.36 3.02
C VAL A 55 -0.72 -1.42 1.66
N VAL A 56 0.04 -1.24 0.57
CA VAL A 56 -0.47 -1.20 -0.80
C VAL A 56 -0.11 -2.50 -1.53
N VAL A 57 -1.10 -3.21 -2.06
CA VAL A 57 -0.91 -4.43 -2.86
C VAL A 57 -1.51 -4.24 -4.25
N SER A 58 -0.72 -4.52 -5.29
CA SER A 58 -1.19 -4.63 -6.68
C SER A 58 -0.16 -5.39 -7.51
N THR A 59 -0.57 -6.10 -8.55
CA THR A 59 0.35 -6.76 -9.50
C THR A 59 0.90 -5.78 -10.55
N ASP A 60 0.56 -4.49 -10.45
CA ASP A 60 1.04 -3.41 -11.30
C ASP A 60 1.76 -2.31 -10.49
N GLU A 61 3.08 -2.18 -10.67
CA GLU A 61 3.89 -1.14 -10.01
C GLU A 61 3.39 0.29 -10.34
N ASP A 62 2.84 0.51 -11.53
CA ASP A 62 2.28 1.80 -11.95
C ASP A 62 0.98 2.17 -11.18
N LEU A 63 0.28 1.19 -10.61
CA LEU A 63 -0.82 1.43 -9.67
C LEU A 63 -0.33 1.81 -8.27
N ILE A 64 0.66 1.10 -7.72
CA ILE A 64 1.25 1.44 -6.40
C ILE A 64 1.91 2.82 -6.42
N ARG A 65 2.74 3.14 -7.42
CA ARG A 65 3.48 4.41 -7.47
C ARG A 65 2.58 5.65 -7.54
N GLU A 66 1.40 5.54 -8.16
CA GLU A 66 0.39 6.59 -8.12
C GLU A 66 -0.37 6.65 -6.78
N ILE A 67 -0.61 5.50 -6.11
CA ILE A 67 -1.19 5.47 -4.75
C ILE A 67 -0.23 6.11 -3.74
N LYS A 68 1.07 5.83 -3.86
CA LYS A 68 2.13 6.41 -3.03
C LYS A 68 2.09 7.94 -3.04
N ARG A 69 1.90 8.55 -4.22
CA ARG A 69 1.67 9.99 -4.32
C ARG A 69 0.40 10.44 -3.60
N LEU A 70 -0.73 9.78 -3.79
CA LEU A 70 -2.00 10.18 -3.18
C LEU A 70 -1.99 10.05 -1.65
N ILE A 71 -1.28 9.06 -1.11
CA ILE A 71 -1.02 8.90 0.32
C ILE A 71 -0.10 10.02 0.81
N LYS A 72 1.04 10.24 0.14
CA LYS A 72 2.08 11.17 0.60
C LYS A 72 1.68 12.64 0.45
N GLU A 73 0.88 12.98 -0.55
CA GLU A 73 0.40 14.35 -0.76
C GLU A 73 -0.63 14.79 0.29
N SER A 74 -1.38 13.85 0.87
CA SER A 74 -2.23 14.10 2.04
C SER A 74 -1.49 13.91 3.38
N ASN A 75 -0.51 13.01 3.45
CA ASN A 75 0.28 12.69 4.64
C ASN A 75 1.78 12.49 4.32
N PRO A 76 2.60 13.57 4.22
CA PRO A 76 3.99 13.48 3.74
C PRO A 76 4.94 12.75 4.69
N ASN A 77 4.59 12.62 5.97
CA ASN A 77 5.39 11.96 7.01
C ASN A 77 4.96 10.50 7.28
N LYS A 78 3.88 9.99 6.65
CA LYS A 78 3.37 8.63 6.90
C LYS A 78 4.27 7.53 6.33
N LYS A 79 4.30 6.41 7.04
CA LYS A 79 4.98 5.16 6.64
C LYS A 79 4.09 4.30 5.75
N THR A 80 4.71 3.59 4.82
CA THR A 80 4.07 2.76 3.77
C THR A 80 4.83 1.46 3.50
N LEU A 81 4.10 0.40 3.18
CA LEU A 81 4.59 -0.87 2.64
C LEU A 81 3.96 -1.09 1.25
N ASP A 82 4.70 -1.72 0.35
CA ASP A 82 4.30 -2.01 -1.04
C ASP A 82 4.60 -3.46 -1.45
N VAL A 83 3.66 -4.09 -2.16
CA VAL A 83 3.70 -5.52 -2.50
C VAL A 83 3.19 -5.77 -3.92
N THR A 84 3.95 -6.55 -4.70
CA THR A 84 3.54 -7.05 -6.02
C THR A 84 3.58 -8.58 -6.19
N THR A 85 4.22 -9.27 -5.26
CA THR A 85 4.40 -10.73 -5.21
C THR A 85 4.51 -11.22 -3.76
N GLU A 86 4.32 -12.52 -3.50
CA GLU A 86 4.41 -13.06 -2.14
C GLU A 86 5.84 -13.06 -1.58
N GLU A 87 6.86 -13.09 -2.44
CA GLU A 87 8.27 -12.90 -2.05
C GLU A 87 8.50 -11.45 -1.57
N ASP A 88 7.84 -10.46 -2.19
CA ASP A 88 7.90 -9.06 -1.80
C ASP A 88 7.15 -8.80 -0.48
N LEU A 89 5.99 -9.43 -0.28
CA LEU A 89 5.22 -9.43 0.99
C LEU A 89 6.12 -9.87 2.16
N GLU A 90 6.79 -11.01 2.02
CA GLU A 90 7.71 -11.55 3.02
C GLU A 90 8.91 -10.62 3.25
N GLU A 91 9.48 -10.05 2.19
CA GLU A 91 10.62 -9.13 2.29
C GLU A 91 10.26 -7.83 3.04
N VAL A 92 9.11 -7.20 2.73
CA VAL A 92 8.69 -5.97 3.42
C VAL A 92 8.28 -6.21 4.87
N LEU A 93 7.72 -7.39 5.20
CA LEU A 93 7.49 -7.74 6.61
C LEU A 93 8.81 -8.06 7.33
N ARG A 94 9.76 -8.74 6.67
CA ARG A 94 11.04 -9.16 7.28
C ARG A 94 11.91 -7.96 7.59
N ARG A 95 11.95 -6.96 6.71
CA ARG A 95 12.77 -5.76 6.92
C ARG A 95 12.23 -4.90 8.07
N ILE A 96 10.91 -4.88 8.28
CA ILE A 96 10.29 -4.20 9.43
C ILE A 96 10.70 -4.89 10.76
N LYS A 97 10.78 -6.22 10.81
CA LYS A 97 11.30 -6.95 11.99
C LYS A 97 12.80 -6.71 12.23
N LYS A 98 13.55 -6.42 11.17
CA LYS A 98 14.97 -5.99 11.20
C LYS A 98 15.17 -4.48 11.45
N GLY A 99 14.09 -3.71 11.65
CA GLY A 99 14.13 -2.27 11.94
C GLY A 99 14.31 -1.35 10.73
N SER A 100 14.11 -1.86 9.50
CA SER A 100 14.15 -1.14 8.23
C SER A 100 12.73 -0.80 7.75
N TRP A 101 12.52 0.45 7.32
CA TRP A 101 11.21 1.04 6.98
C TRP A 101 11.27 1.86 5.66
N SER A 102 10.14 2.46 5.28
CA SER A 102 10.08 3.49 4.22
C SER A 102 10.41 4.86 4.82
N LEU A 103 10.80 5.84 4.00
CA LEU A 103 11.20 7.20 4.41
C LEU A 103 12.33 7.18 5.47
N GLU A 104 13.52 6.74 5.06
CA GLU A 104 14.76 6.78 5.84
C GLU A 104 15.93 7.42 5.08
N HIS A 105 16.92 7.98 5.79
CA HIS A 105 18.12 8.63 5.24
C HIS A 105 19.43 7.93 5.66
N HIS A 106 20.54 8.32 5.03
CA HIS A 106 21.89 7.75 5.22
C HIS A 106 22.93 8.82 5.62
N HIS A 107 24.11 8.38 6.06
CA HIS A 107 25.23 9.24 6.50
C HIS A 107 25.86 10.06 5.35
N HIS A 108 25.79 9.58 4.11
CA HIS A 108 26.24 10.26 2.88
C HIS A 108 25.12 10.28 1.82
N HIS A 109 25.20 11.24 0.89
CA HIS A 109 24.17 11.52 -0.13
C HIS A 109 24.55 11.06 -1.55
N HIS A 110 25.59 10.22 -1.68
CA HIS A 110 26.09 9.68 -2.95
C HIS A 110 25.07 8.74 -3.64
N GLY A 1 -10.66 9.49 9.45
CA GLY A 1 -9.68 10.61 9.47
C GLY A 1 -9.17 10.90 8.07
N SER A 2 -7.86 11.14 7.93
CA SER A 2 -7.21 11.42 6.64
C SER A 2 -7.25 10.25 5.64
N ASP A 3 -7.46 9.02 6.13
CA ASP A 3 -7.75 7.84 5.31
C ASP A 3 -9.02 7.98 4.46
N GLU A 4 -10.02 8.73 4.94
CA GLU A 4 -11.24 9.06 4.20
C GLU A 4 -11.01 10.14 3.14
N GLU A 5 -9.96 10.96 3.29
CA GLU A 5 -9.52 11.90 2.25
C GLU A 5 -8.68 11.18 1.20
N ILE A 6 -7.75 10.30 1.57
CA ILE A 6 -7.00 9.47 0.62
C ILE A 6 -7.95 8.61 -0.23
N ARG A 7 -9.08 8.17 0.34
CA ARG A 7 -10.13 7.45 -0.40
C ARG A 7 -10.60 8.22 -1.64
N LYS A 8 -10.74 9.55 -1.55
CA LYS A 8 -11.11 10.43 -2.68
C LYS A 8 -10.08 10.40 -3.81
N LYS A 9 -8.79 10.25 -3.47
CA LYS A 9 -7.66 10.22 -4.42
C LYS A 9 -7.68 8.91 -5.21
N LEU A 10 -8.05 7.83 -4.53
CA LEU A 10 -8.14 6.47 -5.08
C LEU A 10 -9.33 6.31 -6.03
N GLU A 11 -10.44 7.01 -5.77
CA GLU A 11 -11.63 6.97 -6.64
C GLU A 11 -11.44 7.69 -7.98
N GLU A 12 -10.63 8.76 -8.04
CA GLU A 12 -10.24 9.35 -9.34
C GLU A 12 -9.20 8.48 -10.05
N LEU A 13 -8.31 7.80 -9.33
CA LEU A 13 -7.33 6.87 -9.90
C LEU A 13 -8.02 5.68 -10.59
N ALA A 14 -9.17 5.23 -10.08
CA ALA A 14 -10.02 4.21 -10.70
C ALA A 14 -10.41 4.59 -12.14
N LYS A 15 -10.72 5.88 -12.36
CA LYS A 15 -11.06 6.45 -13.68
C LYS A 15 -9.83 6.68 -14.58
N ARG A 16 -8.67 6.96 -13.99
CA ARG A 16 -7.37 7.11 -14.69
C ARG A 16 -6.87 5.79 -15.26
N LYS A 17 -6.91 4.72 -14.44
CA LYS A 17 -6.35 3.39 -14.75
C LYS A 17 -7.38 2.36 -15.22
N GLY A 18 -8.68 2.62 -15.06
CA GLY A 18 -9.75 1.68 -15.42
C GLY A 18 -9.83 0.41 -14.54
N LYS A 19 -9.19 0.43 -13.36
CA LYS A 19 -9.14 -0.68 -12.39
C LYS A 19 -10.01 -0.41 -11.16
N ASP A 20 -10.30 -1.46 -10.39
CA ASP A 20 -11.02 -1.36 -9.10
C ASP A 20 -10.01 -1.32 -7.94
N LEU A 21 -9.89 -0.17 -7.25
CA LEU A 21 -9.00 0.00 -6.09
C LEU A 21 -9.84 0.10 -4.80
N GLN A 22 -9.47 -0.64 -3.75
CA GLN A 22 -10.23 -0.75 -2.49
C GLN A 22 -9.39 -0.33 -1.29
N LEU A 23 -9.94 0.48 -0.40
CA LEU A 23 -9.28 1.00 0.81
C LEU A 23 -9.96 0.45 2.08
N ARG A 24 -9.19 -0.23 2.95
CA ARG A 24 -9.65 -0.91 4.17
C ARG A 24 -8.65 -0.73 5.33
N ARG A 25 -9.11 -0.96 6.57
CA ARG A 25 -8.31 -0.78 7.82
C ARG A 25 -8.44 -2.01 8.73
N TYR A 26 -7.31 -2.48 9.25
CA TYR A 26 -7.10 -3.76 9.94
C TYR A 26 -6.49 -3.59 11.34
N ASN A 27 -6.67 -4.60 12.19
CA ASN A 27 -6.23 -4.58 13.61
C ASN A 27 -4.94 -5.37 13.88
N ASP A 28 -4.68 -6.47 13.18
CA ASP A 28 -3.55 -7.38 13.43
C ASP A 28 -2.84 -7.80 12.13
N PRO A 29 -1.49 -7.92 12.12
CA PRO A 29 -0.71 -8.24 10.92
C PRO A 29 -1.03 -9.64 10.36
N ASN A 30 -1.39 -10.59 11.22
CA ASN A 30 -1.82 -11.93 10.79
C ASN A 30 -3.11 -11.89 9.95
N GLU A 31 -4.06 -11.02 10.28
CA GLU A 31 -5.30 -10.85 9.52
C GLU A 31 -5.08 -10.05 8.22
N VAL A 32 -4.15 -9.09 8.23
CA VAL A 32 -3.71 -8.38 7.01
C VAL A 32 -3.15 -9.36 6.01
N GLU A 33 -2.28 -10.24 6.49
CA GLU A 33 -1.44 -11.05 5.63
C GLU A 33 -2.26 -11.92 4.66
N LYS A 34 -3.41 -12.43 5.13
CA LYS A 34 -4.31 -13.28 4.35
C LYS A 34 -4.96 -12.54 3.18
N SER A 35 -5.28 -11.26 3.39
CA SER A 35 -5.90 -10.38 2.40
C SER A 35 -4.99 -10.10 1.20
N ILE A 36 -3.66 -10.11 1.41
CA ILE A 36 -2.68 -9.87 0.34
C ILE A 36 -2.77 -10.98 -0.72
N ARG A 37 -2.92 -12.24 -0.27
CA ARG A 37 -3.03 -13.42 -1.13
C ARG A 37 -4.18 -13.27 -2.14
N GLU A 38 -5.31 -12.76 -1.66
CA GLU A 38 -6.53 -12.59 -2.45
C GLU A 38 -6.33 -11.56 -3.58
N ALA A 39 -5.69 -10.43 -3.27
CA ALA A 39 -5.35 -9.37 -4.22
C ALA A 39 -4.38 -9.88 -5.30
N LEU A 40 -3.34 -10.63 -4.90
CA LEU A 40 -2.34 -11.18 -5.80
C LEU A 40 -2.91 -12.28 -6.70
N LYS A 41 -3.81 -13.12 -6.16
CA LYS A 41 -4.49 -14.21 -6.89
C LYS A 41 -5.47 -13.70 -7.95
N LYS A 42 -6.25 -12.66 -7.62
CA LYS A 42 -7.27 -12.08 -8.51
C LYS A 42 -6.76 -10.95 -9.41
N GLY A 43 -5.51 -10.50 -9.23
CA GLY A 43 -4.91 -9.42 -10.03
C GLY A 43 -5.51 -8.04 -9.75
N ARG A 44 -5.98 -7.81 -8.51
CA ARG A 44 -6.62 -6.58 -8.04
C ARG A 44 -5.75 -5.81 -7.06
N THR A 45 -6.10 -4.54 -6.84
CA THR A 45 -5.41 -3.63 -5.92
C THR A 45 -6.15 -3.51 -4.59
N LEU A 46 -5.45 -3.76 -3.49
CA LEU A 46 -5.92 -3.48 -2.13
C LEU A 46 -4.97 -2.50 -1.44
N ILE A 47 -5.56 -1.53 -0.73
CA ILE A 47 -4.87 -0.56 0.12
C ILE A 47 -5.36 -0.77 1.54
N ILE A 48 -4.44 -1.20 2.40
CA ILE A 48 -4.72 -1.64 3.76
C ILE A 48 -3.99 -0.75 4.76
N ILE A 49 -4.68 -0.33 5.82
CA ILE A 49 -4.09 0.47 6.91
C ILE A 49 -4.05 -0.38 8.19
N ILE A 50 -2.90 -0.43 8.87
CA ILE A 50 -2.75 -1.09 10.17
C ILE A 50 -1.92 -0.24 11.12
N ASN A 51 -2.45 0.06 12.31
CA ASN A 51 -1.79 0.88 13.35
C ASN A 51 -1.23 2.22 12.81
N GLY A 52 -1.91 2.79 11.81
CA GLY A 52 -1.53 4.00 11.09
C GLY A 52 -0.54 3.82 9.93
N VAL A 53 -0.07 2.60 9.64
CA VAL A 53 0.84 2.25 8.53
C VAL A 53 0.02 1.87 7.31
N PHE A 54 0.37 2.39 6.13
CA PHE A 54 -0.23 2.00 4.85
C PHE A 54 0.50 0.81 4.23
N VAL A 55 -0.24 -0.14 3.67
CA VAL A 55 0.24 -1.32 2.93
C VAL A 55 -0.48 -1.37 1.58
N VAL A 56 0.25 -1.21 0.49
CA VAL A 56 -0.30 -1.21 -0.88
C VAL A 56 0.04 -2.54 -1.57
N VAL A 57 -0.99 -3.24 -2.08
CA VAL A 57 -0.85 -4.51 -2.81
C VAL A 57 -1.45 -4.37 -4.21
N SER A 58 -0.70 -4.71 -5.26
CA SER A 58 -1.22 -4.83 -6.63
C SER A 58 -0.25 -5.65 -7.50
N THR A 59 -0.75 -6.29 -8.55
CA THR A 59 0.08 -6.93 -9.59
C THR A 59 0.52 -5.93 -10.68
N ASP A 60 0.22 -4.63 -10.51
CA ASP A 60 0.61 -3.53 -11.40
C ASP A 60 1.47 -2.50 -10.64
N GLU A 61 2.77 -2.49 -10.88
CA GLU A 61 3.74 -1.59 -10.22
C GLU A 61 3.41 -0.10 -10.46
N ASP A 62 2.90 0.23 -11.65
CA ASP A 62 2.42 1.55 -12.03
C ASP A 62 1.16 1.98 -11.25
N LEU A 63 0.39 1.03 -10.68
CA LEU A 63 -0.67 1.34 -9.72
C LEU A 63 -0.09 1.68 -8.33
N ILE A 64 0.79 0.84 -7.78
CA ILE A 64 1.38 1.09 -6.45
C ILE A 64 2.17 2.40 -6.43
N ARG A 65 3.06 2.64 -7.40
CA ARG A 65 3.92 3.83 -7.43
C ARG A 65 3.13 5.14 -7.44
N GLU A 66 1.96 5.15 -8.09
CA GLU A 66 1.05 6.29 -8.09
C GLU A 66 0.26 6.41 -6.78
N ILE A 67 -0.19 5.29 -6.20
CA ILE A 67 -0.91 5.27 -4.92
C ILE A 67 -0.02 5.83 -3.80
N LYS A 68 1.27 5.46 -3.80
CA LYS A 68 2.26 5.99 -2.86
C LYS A 68 2.32 7.51 -2.88
N ARG A 69 2.25 8.15 -4.06
CA ARG A 69 2.14 9.61 -4.16
C ARG A 69 0.86 10.11 -3.49
N LEU A 70 -0.29 9.52 -3.79
CA LEU A 70 -1.60 9.98 -3.30
C LEU A 70 -1.72 9.87 -1.77
N ILE A 71 -1.11 8.84 -1.17
CA ILE A 71 -0.98 8.66 0.27
C ILE A 71 -0.04 9.72 0.84
N LYS A 72 1.15 9.86 0.25
CA LYS A 72 2.22 10.74 0.77
C LYS A 72 1.90 12.24 0.64
N GLU A 73 1.17 12.64 -0.40
CA GLU A 73 0.61 13.98 -0.56
C GLU A 73 -0.32 14.37 0.59
N SER A 74 -1.11 13.40 1.06
CA SER A 74 -2.13 13.61 2.11
C SER A 74 -1.54 13.44 3.52
N ASN A 75 -0.52 12.58 3.68
CA ASN A 75 0.24 12.37 4.91
C ASN A 75 1.75 12.17 4.60
N PRO A 76 2.57 13.23 4.54
CA PRO A 76 3.99 13.13 4.18
C PRO A 76 4.85 12.42 5.26
N ASN A 77 4.32 12.29 6.47
CA ASN A 77 4.96 11.64 7.62
C ASN A 77 4.59 10.15 7.80
N LYS A 78 3.59 9.61 7.07
CA LYS A 78 3.12 8.22 7.25
C LYS A 78 4.04 7.18 6.65
N LYS A 79 4.10 6.02 7.32
CA LYS A 79 4.85 4.83 6.91
C LYS A 79 4.09 4.05 5.81
N THR A 80 4.82 3.50 4.84
CA THR A 80 4.25 2.90 3.62
C THR A 80 4.97 1.63 3.14
N LEU A 81 4.22 0.55 2.92
CA LEU A 81 4.67 -0.75 2.38
C LEU A 81 4.09 -1.00 0.97
N ASP A 82 4.76 -1.85 0.20
CA ASP A 82 4.55 -2.09 -1.25
C ASP A 82 4.74 -3.57 -1.62
N VAL A 83 3.71 -4.22 -2.18
CA VAL A 83 3.71 -5.66 -2.49
C VAL A 83 3.17 -5.96 -3.89
N THR A 84 3.88 -6.78 -4.65
CA THR A 84 3.44 -7.30 -5.97
C THR A 84 3.51 -8.82 -6.14
N THR A 85 4.19 -9.51 -5.22
CA THR A 85 4.34 -10.97 -5.16
C THR A 85 4.34 -11.47 -3.71
N GLU A 86 4.18 -12.78 -3.51
CA GLU A 86 4.34 -13.42 -2.20
C GLU A 86 5.78 -13.33 -1.65
N GLU A 87 6.78 -13.14 -2.51
CA GLU A 87 8.17 -12.86 -2.10
C GLU A 87 8.33 -11.42 -1.60
N ASP A 88 7.68 -10.45 -2.25
CA ASP A 88 7.65 -9.05 -1.80
C ASP A 88 6.87 -8.86 -0.49
N LEU A 89 5.83 -9.68 -0.24
CA LEU A 89 5.13 -9.73 1.04
C LEU A 89 6.09 -10.04 2.21
N GLU A 90 6.91 -11.08 2.06
CA GLU A 90 7.95 -11.42 3.05
C GLU A 90 9.02 -10.32 3.17
N GLU A 91 9.39 -9.67 2.06
CA GLU A 91 10.36 -8.55 2.08
C GLU A 91 9.82 -7.33 2.84
N VAL A 92 8.55 -6.96 2.69
CA VAL A 92 7.96 -5.85 3.47
C VAL A 92 7.73 -6.21 4.93
N LEU A 93 7.43 -7.48 5.25
CA LEU A 93 7.36 -7.93 6.63
C LEU A 93 8.74 -7.97 7.29
N ARG A 94 9.81 -8.25 6.52
CA ARG A 94 11.21 -8.14 6.98
C ARG A 94 11.60 -6.67 7.21
N ARG A 95 11.14 -5.74 6.35
CA ARG A 95 11.26 -4.28 6.56
C ARG A 95 10.63 -3.86 7.88
N ILE A 96 9.46 -4.40 8.25
CA ILE A 96 8.83 -4.16 9.57
C ILE A 96 9.74 -4.62 10.72
N LYS A 97 10.34 -5.83 10.64
CA LYS A 97 11.23 -6.36 11.71
C LYS A 97 12.52 -5.54 11.86
N LYS A 98 13.07 -5.05 10.75
CA LYS A 98 14.33 -4.27 10.71
C LYS A 98 14.18 -2.77 11.02
N GLY A 99 12.95 -2.25 11.08
CA GLY A 99 12.71 -0.80 11.23
C GLY A 99 12.85 -0.01 9.92
N SER A 100 13.01 -0.69 8.78
CA SER A 100 13.20 -0.12 7.44
C SER A 100 11.88 -0.04 6.65
N TRP A 101 10.80 0.27 7.34
CA TRP A 101 9.39 0.17 6.91
C TRP A 101 9.14 0.75 5.52
N SER A 102 9.36 2.05 5.33
CA SER A 102 9.21 2.76 4.04
C SER A 102 10.50 2.74 3.20
N LEU A 103 11.25 1.63 3.24
CA LEU A 103 12.62 1.48 2.72
C LEU A 103 13.59 2.48 3.42
N GLU A 104 13.47 2.52 4.75
CA GLU A 104 14.14 3.47 5.66
C GLU A 104 15.46 2.92 6.24
N HIS A 105 16.34 3.79 6.74
CA HIS A 105 17.64 3.43 7.33
C HIS A 105 17.49 2.91 8.78
N HIS A 106 16.71 1.82 8.95
CA HIS A 106 16.36 1.19 10.23
C HIS A 106 15.65 2.13 11.23
N HIS A 107 15.43 1.67 12.47
CA HIS A 107 14.73 2.44 13.52
C HIS A 107 15.42 3.78 13.85
N HIS A 108 16.77 3.78 13.92
CA HIS A 108 17.61 4.96 14.10
C HIS A 108 19.05 4.71 13.60
N HIS A 109 19.88 5.75 13.53
CA HIS A 109 21.29 5.65 13.13
C HIS A 109 22.26 6.34 14.11
N HIS A 110 22.17 7.67 14.27
CA HIS A 110 23.08 8.49 15.09
C HIS A 110 22.37 9.73 15.67
N GLY A 1 -11.46 11.83 8.52
CA GLY A 1 -10.02 12.08 8.72
C GLY A 1 -9.24 11.91 7.42
N SER A 2 -7.90 11.86 7.51
CA SER A 2 -7.02 11.77 6.33
C SER A 2 -7.31 10.55 5.45
N ASP A 3 -7.74 9.43 6.04
CA ASP A 3 -8.00 8.18 5.33
C ASP A 3 -9.09 8.37 4.24
N GLU A 4 -10.18 9.07 4.56
CA GLU A 4 -11.29 9.35 3.63
C GLU A 4 -10.88 10.41 2.58
N GLU A 5 -10.03 11.36 2.98
CA GLU A 5 -9.49 12.41 2.11
C GLU A 5 -8.54 11.87 1.04
N ILE A 6 -7.89 10.73 1.32
CA ILE A 6 -7.15 9.94 0.33
C ILE A 6 -8.08 9.00 -0.43
N ARG A 7 -9.07 8.38 0.24
CA ARG A 7 -9.93 7.35 -0.37
C ARG A 7 -10.63 7.86 -1.63
N LYS A 8 -11.13 9.09 -1.56
CA LYS A 8 -11.77 9.80 -2.68
C LYS A 8 -10.84 9.93 -3.90
N LYS A 9 -9.52 10.08 -3.67
CA LYS A 9 -8.49 10.22 -4.72
C LYS A 9 -8.25 8.88 -5.41
N LEU A 10 -8.30 7.79 -4.63
CA LEU A 10 -8.15 6.42 -5.08
C LEU A 10 -9.37 5.96 -5.91
N GLU A 11 -10.56 6.47 -5.60
CA GLU A 11 -11.78 6.16 -6.37
C GLU A 11 -11.80 6.84 -7.75
N GLU A 12 -11.27 8.06 -7.90
CA GLU A 12 -11.06 8.66 -9.22
C GLU A 12 -9.83 8.07 -9.95
N LEU A 13 -8.81 7.61 -9.22
CA LEU A 13 -7.67 6.89 -9.81
C LEU A 13 -8.13 5.57 -10.44
N ALA A 14 -9.09 4.88 -9.83
CA ALA A 14 -9.73 3.70 -10.41
C ALA A 14 -10.35 3.98 -11.79
N LYS A 15 -11.01 5.14 -11.98
CA LYS A 15 -11.53 5.58 -13.28
C LYS A 15 -10.41 5.99 -14.27
N ARG A 16 -9.33 6.59 -13.76
CA ARG A 16 -8.17 7.06 -14.57
C ARG A 16 -7.34 5.91 -15.13
N LYS A 17 -7.10 4.87 -14.34
CA LYS A 17 -6.34 3.66 -14.73
C LYS A 17 -7.21 2.56 -15.34
N GLY A 18 -8.52 2.58 -15.09
CA GLY A 18 -9.49 1.57 -15.56
C GLY A 18 -9.52 0.27 -14.75
N LYS A 19 -8.90 0.24 -13.57
CA LYS A 19 -8.84 -0.90 -12.62
C LYS A 19 -9.79 -0.72 -11.43
N ASP A 20 -10.06 -1.82 -10.72
CA ASP A 20 -10.76 -1.79 -9.43
C ASP A 20 -9.76 -1.63 -8.26
N LEU A 21 -9.92 -0.56 -7.48
CA LEU A 21 -9.17 -0.27 -6.25
C LEU A 21 -10.14 -0.30 -5.05
N GLN A 22 -9.71 -0.85 -3.92
CA GLN A 22 -10.50 -0.89 -2.67
C GLN A 22 -9.61 -0.59 -1.45
N LEU A 23 -10.15 0.12 -0.45
CA LEU A 23 -9.44 0.54 0.76
C LEU A 23 -10.01 -0.12 2.03
N ARG A 24 -9.15 -0.70 2.87
CA ARG A 24 -9.52 -1.42 4.12
C ARG A 24 -8.54 -1.13 5.28
N ARG A 25 -9.01 -1.31 6.52
CA ARG A 25 -8.21 -1.27 7.77
C ARG A 25 -8.05 -2.67 8.39
N TYR A 26 -6.87 -2.92 8.98
CA TYR A 26 -6.47 -4.18 9.61
C TYR A 26 -5.70 -3.95 10.93
N ASN A 27 -5.68 -4.94 11.82
CA ASN A 27 -5.09 -4.81 13.17
C ASN A 27 -3.74 -5.57 13.31
N ASP A 28 -3.59 -6.71 12.63
CA ASP A 28 -2.43 -7.60 12.76
C ASP A 28 -1.89 -8.09 11.40
N PRO A 29 -0.57 -8.32 11.26
CA PRO A 29 0.01 -9.01 10.11
C PRO A 29 -0.66 -10.36 9.80
N ASN A 30 -1.17 -11.08 10.83
CA ASN A 30 -1.87 -12.35 10.62
C ASN A 30 -3.24 -12.19 9.94
N GLU A 31 -3.95 -11.09 10.21
CA GLU A 31 -5.22 -10.79 9.54
C GLU A 31 -4.99 -10.29 8.12
N VAL A 32 -3.98 -9.42 7.96
CA VAL A 32 -3.77 -8.69 6.71
C VAL A 32 -3.27 -9.60 5.58
N GLU A 33 -2.45 -10.60 5.93
CA GLU A 33 -1.93 -11.65 5.04
C GLU A 33 -3.05 -12.27 4.19
N LYS A 34 -4.21 -12.53 4.79
CA LYS A 34 -5.36 -13.17 4.13
C LYS A 34 -5.93 -12.32 3.00
N SER A 35 -5.87 -10.99 3.15
CA SER A 35 -6.22 -10.00 2.13
C SER A 35 -5.24 -10.00 0.95
N ILE A 36 -3.95 -10.23 1.21
CA ILE A 36 -2.91 -10.22 0.18
C ILE A 36 -3.07 -11.41 -0.76
N ARG A 37 -3.41 -12.60 -0.23
CA ARG A 37 -3.61 -13.80 -1.05
C ARG A 37 -4.71 -13.59 -2.09
N GLU A 38 -5.78 -12.89 -1.73
CA GLU A 38 -6.85 -12.54 -2.68
C GLU A 38 -6.39 -11.53 -3.72
N ALA A 39 -5.80 -10.43 -3.28
CA ALA A 39 -5.34 -9.36 -4.17
C ALA A 39 -4.38 -9.87 -5.26
N LEU A 40 -3.41 -10.71 -4.88
CA LEU A 40 -2.41 -11.26 -5.80
C LEU A 40 -2.98 -12.34 -6.73
N LYS A 41 -3.95 -13.15 -6.25
CA LYS A 41 -4.62 -14.19 -7.02
C LYS A 41 -5.63 -13.63 -8.03
N LYS A 42 -6.33 -12.55 -7.65
CA LYS A 42 -7.32 -11.83 -8.48
C LYS A 42 -6.69 -10.81 -9.45
N GLY A 43 -5.42 -10.45 -9.26
CA GLY A 43 -4.75 -9.38 -10.02
C GLY A 43 -5.28 -7.98 -9.67
N ARG A 44 -5.73 -7.78 -8.42
CA ARG A 44 -6.43 -6.58 -7.93
C ARG A 44 -5.56 -5.69 -7.05
N THR A 45 -5.98 -4.43 -6.93
CA THR A 45 -5.34 -3.41 -6.09
C THR A 45 -6.10 -3.25 -4.78
N LEU A 46 -5.44 -3.53 -3.67
CA LEU A 46 -5.92 -3.23 -2.31
C LEU A 46 -5.00 -2.20 -1.66
N ILE A 47 -5.61 -1.20 -1.03
CA ILE A 47 -4.93 -0.20 -0.22
C ILE A 47 -5.32 -0.44 1.23
N ILE A 48 -4.33 -0.69 2.06
CA ILE A 48 -4.54 -1.13 3.44
C ILE A 48 -3.90 -0.16 4.43
N ILE A 49 -4.58 0.06 5.55
CA ILE A 49 -4.07 0.82 6.69
C ILE A 49 -3.98 -0.11 7.90
N ILE A 50 -2.78 -0.35 8.40
CA ILE A 50 -2.51 -1.21 9.56
C ILE A 50 -1.66 -0.47 10.60
N ASN A 51 -2.21 -0.31 11.80
CA ASN A 51 -1.59 0.40 12.92
C ASN A 51 -1.02 1.79 12.54
N GLY A 52 -1.71 2.48 11.63
CA GLY A 52 -1.35 3.78 11.05
C GLY A 52 -0.38 3.74 9.85
N VAL A 53 0.11 2.57 9.44
CA VAL A 53 1.01 2.38 8.29
C VAL A 53 0.18 2.05 7.05
N PHE A 54 0.48 2.68 5.91
CA PHE A 54 -0.15 2.31 4.63
C PHE A 54 0.60 1.16 3.95
N VAL A 55 -0.12 0.16 3.48
CA VAL A 55 0.38 -0.99 2.72
C VAL A 55 -0.38 -1.07 1.39
N VAL A 56 0.31 -0.92 0.27
CA VAL A 56 -0.28 -0.92 -1.09
C VAL A 56 0.02 -2.23 -1.80
N VAL A 57 -1.00 -3.03 -2.08
CA VAL A 57 -0.85 -4.37 -2.69
C VAL A 57 -1.49 -4.36 -4.08
N SER A 58 -0.70 -4.61 -5.12
CA SER A 58 -1.18 -4.75 -6.50
C SER A 58 -0.14 -5.49 -7.34
N THR A 59 -0.58 -6.14 -8.41
CA THR A 59 0.29 -6.71 -9.44
C THR A 59 0.72 -5.67 -10.48
N ASP A 60 0.32 -4.39 -10.33
CA ASP A 60 0.64 -3.29 -11.26
C ASP A 60 1.43 -2.17 -10.55
N GLU A 61 2.75 -2.12 -10.78
CA GLU A 61 3.66 -1.09 -10.23
C GLU A 61 3.22 0.34 -10.58
N ASP A 62 2.68 0.54 -11.79
CA ASP A 62 2.11 1.79 -12.28
C ASP A 62 0.86 2.23 -11.49
N LEU A 63 0.20 1.31 -10.79
CA LEU A 63 -0.86 1.64 -9.81
C LEU A 63 -0.31 1.99 -8.42
N ILE A 64 0.62 1.21 -7.88
CA ILE A 64 1.24 1.51 -6.58
C ILE A 64 1.91 2.89 -6.60
N ARG A 65 2.72 3.18 -7.63
CA ARG A 65 3.48 4.44 -7.74
C ARG A 65 2.60 5.69 -7.73
N GLU A 66 1.39 5.60 -8.28
CA GLU A 66 0.38 6.67 -8.20
C GLU A 66 -0.30 6.73 -6.84
N ILE A 67 -0.64 5.60 -6.22
CA ILE A 67 -1.27 5.56 -4.88
C ILE A 67 -0.35 6.18 -3.82
N LYS A 68 0.95 5.86 -3.88
CA LYS A 68 1.97 6.41 -2.97
C LYS A 68 1.97 7.95 -2.98
N ARG A 69 1.77 8.58 -4.14
CA ARG A 69 1.64 10.04 -4.26
C ARG A 69 0.42 10.56 -3.50
N LEU A 70 -0.75 9.94 -3.68
CA LEU A 70 -2.01 10.34 -3.02
C LEU A 70 -1.95 10.14 -1.50
N ILE A 71 -1.29 9.09 -1.01
CA ILE A 71 -1.08 8.87 0.42
C ILE A 71 -0.14 9.93 0.98
N LYS A 72 1.01 10.13 0.32
CA LYS A 72 2.08 11.00 0.81
C LYS A 72 1.68 12.46 0.80
N GLU A 73 0.85 12.89 -0.15
CA GLU A 73 0.50 14.30 -0.26
C GLU A 73 -0.53 14.77 0.79
N SER A 74 -1.39 13.85 1.25
CA SER A 74 -2.27 14.08 2.39
C SER A 74 -1.50 13.96 3.71
N ASN A 75 -0.48 13.09 3.74
CA ASN A 75 0.30 12.78 4.95
C ASN A 75 1.80 12.58 4.64
N PRO A 76 2.61 13.66 4.50
CA PRO A 76 4.01 13.52 4.09
C PRO A 76 4.90 12.84 5.14
N ASN A 77 4.47 12.87 6.41
CA ASN A 77 5.12 12.24 7.55
C ASN A 77 4.75 10.76 7.76
N LYS A 78 3.75 10.22 7.05
CA LYS A 78 3.33 8.82 7.17
C LYS A 78 4.28 7.84 6.47
N LYS A 79 4.42 6.66 7.07
CA LYS A 79 5.16 5.52 6.51
C LYS A 79 4.28 4.67 5.60
N THR A 80 4.94 4.04 4.64
CA THR A 80 4.34 3.35 3.48
C THR A 80 5.11 2.08 3.11
N LEU A 81 4.36 1.08 2.63
CA LEU A 81 4.82 -0.24 2.19
C LEU A 81 4.16 -0.60 0.85
N ASP A 82 4.81 -1.45 0.05
CA ASP A 82 4.30 -1.98 -1.21
C ASP A 82 4.55 -3.49 -1.35
N VAL A 83 3.64 -4.20 -2.04
CA VAL A 83 3.65 -5.66 -2.21
C VAL A 83 3.15 -6.03 -3.61
N THR A 84 3.94 -6.78 -4.37
CA THR A 84 3.54 -7.30 -5.70
C THR A 84 3.56 -8.82 -5.85
N THR A 85 4.21 -9.52 -4.93
CA THR A 85 4.20 -10.99 -4.78
C THR A 85 4.07 -11.41 -3.31
N GLU A 86 3.77 -12.68 -3.05
CA GLU A 86 3.72 -13.22 -1.68
C GLU A 86 5.11 -13.29 -1.01
N GLU A 87 6.18 -13.35 -1.81
CA GLU A 87 7.56 -13.20 -1.32
C GLU A 87 7.86 -11.72 -1.00
N ASP A 88 7.30 -10.78 -1.76
CA ASP A 88 7.44 -9.34 -1.51
C ASP A 88 6.80 -8.93 -0.18
N LEU A 89 5.65 -9.52 0.18
CA LEU A 89 5.00 -9.37 1.49
C LEU A 89 5.96 -9.75 2.64
N GLU A 90 6.56 -10.95 2.56
CA GLU A 90 7.47 -11.46 3.59
C GLU A 90 8.75 -10.62 3.69
N GLU A 91 9.27 -10.13 2.57
CA GLU A 91 10.44 -9.24 2.49
C GLU A 91 10.20 -7.90 3.20
N VAL A 92 9.09 -7.21 2.89
CA VAL A 92 8.76 -5.95 3.56
C VAL A 92 8.43 -6.14 5.03
N LEU A 93 7.71 -7.22 5.42
CA LEU A 93 7.47 -7.54 6.83
C LEU A 93 8.78 -7.88 7.57
N ARG A 94 9.76 -8.51 6.90
CA ARG A 94 11.10 -8.75 7.47
C ARG A 94 11.77 -7.43 7.86
N ARG A 95 11.67 -6.40 7.00
CA ARG A 95 12.21 -5.04 7.27
C ARG A 95 11.49 -4.33 8.41
N ILE A 96 10.18 -4.56 8.62
CA ILE A 96 9.47 -4.08 9.82
C ILE A 96 10.02 -4.74 11.09
N LYS A 97 10.24 -6.07 11.09
CA LYS A 97 10.78 -6.80 12.26
C LYS A 97 12.24 -6.46 12.56
N LYS A 98 13.03 -6.12 11.53
CA LYS A 98 14.41 -5.68 11.60
C LYS A 98 14.58 -4.23 12.09
N GLY A 99 13.51 -3.42 12.03
CA GLY A 99 13.54 -1.99 12.34
C GLY A 99 14.09 -1.11 11.19
N SER A 100 14.29 -1.67 10.00
CA SER A 100 14.81 -0.97 8.82
C SER A 100 13.71 -0.33 7.95
N TRP A 101 12.49 -0.91 7.97
CA TRP A 101 11.28 -0.44 7.26
C TRP A 101 11.55 -0.06 5.79
N SER A 102 11.63 1.23 5.47
CA SER A 102 11.89 1.79 4.15
C SER A 102 13.03 2.83 4.16
N LEU A 103 13.91 2.79 5.17
CA LEU A 103 14.96 3.77 5.45
C LEU A 103 16.20 3.53 4.56
N GLU A 104 16.02 3.67 3.24
CA GLU A 104 17.08 3.51 2.24
C GLU A 104 17.88 4.81 2.01
N HIS A 105 19.15 4.68 1.63
CA HIS A 105 20.04 5.81 1.31
C HIS A 105 19.80 6.38 -0.11
N HIS A 106 20.28 7.59 -0.37
CA HIS A 106 20.22 8.24 -1.69
C HIS A 106 21.30 7.67 -2.63
N HIS A 107 20.96 6.59 -3.35
CA HIS A 107 21.90 5.82 -4.17
C HIS A 107 22.38 6.57 -5.43
N HIS A 108 21.50 7.37 -6.05
CA HIS A 108 21.76 8.17 -7.25
C HIS A 108 21.22 9.60 -7.11
N HIS A 109 21.79 10.54 -7.88
CA HIS A 109 21.40 11.96 -7.91
C HIS A 109 20.67 12.40 -9.21
N HIS A 110 20.43 11.45 -10.12
CA HIS A 110 19.82 11.64 -11.45
C HIS A 110 20.49 12.78 -12.27
N GLY A 1 -10.75 9.02 9.24
CA GLY A 1 -10.10 10.33 9.48
C GLY A 1 -9.55 10.90 8.19
N SER A 2 -8.31 11.41 8.21
CA SER A 2 -7.62 12.03 7.06
C SER A 2 -7.46 11.10 5.86
N ASP A 3 -7.51 9.78 6.07
CA ASP A 3 -7.55 8.76 5.02
C ASP A 3 -8.77 8.87 4.09
N GLU A 4 -9.91 9.39 4.55
CA GLU A 4 -11.10 9.56 3.69
C GLU A 4 -10.91 10.66 2.63
N GLU A 5 -10.05 11.64 2.91
CA GLU A 5 -9.61 12.65 1.94
C GLU A 5 -8.73 12.04 0.83
N ILE A 6 -8.05 10.92 1.11
CA ILE A 6 -7.35 10.11 0.09
C ILE A 6 -8.32 9.15 -0.60
N ARG A 7 -9.29 8.59 0.13
CA ARG A 7 -10.24 7.55 -0.38
C ARG A 7 -10.97 8.02 -1.63
N LYS A 8 -11.44 9.27 -1.64
CA LYS A 8 -12.07 9.91 -2.79
C LYS A 8 -11.12 10.04 -4.00
N LYS A 9 -9.82 10.27 -3.76
CA LYS A 9 -8.78 10.40 -4.80
C LYS A 9 -8.41 9.04 -5.38
N LEU A 10 -8.43 7.99 -4.55
CA LEU A 10 -8.26 6.59 -4.94
C LEU A 10 -9.42 6.09 -5.81
N GLU A 11 -10.66 6.43 -5.46
CA GLU A 11 -11.84 6.06 -6.27
C GLU A 11 -11.86 6.77 -7.64
N GLU A 12 -11.33 8.00 -7.71
CA GLU A 12 -11.05 8.67 -8.98
C GLU A 12 -9.93 7.95 -9.76
N LEU A 13 -8.85 7.54 -9.10
CA LEU A 13 -7.72 6.84 -9.70
C LEU A 13 -8.15 5.50 -10.29
N ALA A 14 -9.04 4.77 -9.62
CA ALA A 14 -9.60 3.51 -10.10
C ALA A 14 -10.18 3.65 -11.52
N LYS A 15 -10.87 4.77 -11.78
CA LYS A 15 -11.48 5.11 -13.07
C LYS A 15 -10.46 5.50 -14.14
N ARG A 16 -9.33 6.10 -13.76
CA ARG A 16 -8.22 6.46 -14.66
C ARG A 16 -7.38 5.25 -15.08
N LYS A 17 -7.14 4.31 -14.16
CA LYS A 17 -6.32 3.10 -14.37
C LYS A 17 -7.12 1.91 -14.91
N GLY A 18 -8.46 1.96 -14.85
CA GLY A 18 -9.35 0.88 -15.28
C GLY A 18 -9.31 -0.37 -14.39
N LYS A 19 -8.89 -0.21 -13.13
CA LYS A 19 -8.78 -1.28 -12.11
C LYS A 19 -9.86 -1.12 -11.04
N ASP A 20 -10.18 -2.22 -10.38
CA ASP A 20 -11.00 -2.22 -9.16
C ASP A 20 -10.06 -2.10 -7.94
N LEU A 21 -10.27 -1.10 -7.09
CA LEU A 21 -9.53 -0.96 -5.83
C LEU A 21 -10.41 -0.49 -4.65
N GLN A 22 -9.96 -0.82 -3.44
CA GLN A 22 -10.72 -0.64 -2.19
C GLN A 22 -9.77 -0.23 -1.05
N LEU A 23 -10.27 0.60 -0.12
CA LEU A 23 -9.58 0.99 1.10
C LEU A 23 -10.19 0.28 2.33
N ARG A 24 -9.37 -0.43 3.11
CA ARG A 24 -9.79 -1.19 4.32
C ARG A 24 -8.81 -1.03 5.49
N ARG A 25 -9.28 -1.19 6.73
CA ARG A 25 -8.47 -1.21 7.96
C ARG A 25 -8.27 -2.63 8.50
N TYR A 26 -7.08 -2.90 9.04
CA TYR A 26 -6.67 -4.18 9.64
C TYR A 26 -5.93 -4.01 10.97
N ASN A 27 -5.92 -5.07 11.79
CA ASN A 27 -5.41 -5.07 13.16
C ASN A 27 -4.03 -5.76 13.33
N ASP A 28 -3.78 -6.87 12.61
CA ASP A 28 -2.56 -7.67 12.76
C ASP A 28 -1.97 -8.09 11.40
N PRO A 29 -0.63 -8.23 11.26
CA PRO A 29 0.01 -8.85 10.10
C PRO A 29 -0.58 -10.23 9.72
N ASN A 30 -1.05 -11.03 10.69
CA ASN A 30 -1.67 -12.33 10.39
C ASN A 30 -3.05 -12.21 9.74
N GLU A 31 -3.82 -11.18 10.08
CA GLU A 31 -5.15 -10.93 9.51
C GLU A 31 -5.04 -10.24 8.15
N VAL A 32 -4.05 -9.35 8.01
CA VAL A 32 -3.87 -8.55 6.78
C VAL A 32 -3.34 -9.40 5.63
N GLU A 33 -2.48 -10.38 5.92
CA GLU A 33 -1.86 -11.31 4.97
C GLU A 33 -2.88 -11.96 4.02
N LYS A 34 -4.03 -12.41 4.53
CA LYS A 34 -5.06 -13.11 3.73
C LYS A 34 -5.65 -12.21 2.64
N SER A 35 -5.79 -10.92 2.94
CA SER A 35 -6.26 -9.89 2.01
C SER A 35 -5.28 -9.68 0.84
N ILE A 36 -3.97 -9.81 1.09
CA ILE A 36 -2.93 -9.65 0.07
C ILE A 36 -3.02 -10.79 -0.95
N ARG A 37 -3.18 -12.05 -0.48
CA ARG A 37 -3.24 -13.24 -1.34
C ARG A 37 -4.36 -13.11 -2.38
N GLU A 38 -5.52 -12.59 -1.98
CA GLU A 38 -6.69 -12.48 -2.83
C GLU A 38 -6.51 -11.36 -3.88
N ALA A 39 -5.96 -10.21 -3.51
CA ALA A 39 -5.64 -9.12 -4.45
C ALA A 39 -4.64 -9.57 -5.53
N LEU A 40 -3.61 -10.31 -5.12
CA LEU A 40 -2.58 -10.83 -6.02
C LEU A 40 -3.13 -11.93 -6.95
N LYS A 41 -4.01 -12.80 -6.44
CA LYS A 41 -4.65 -13.87 -7.20
C LYS A 41 -5.63 -13.34 -8.26
N LYS A 42 -6.36 -12.26 -7.96
CA LYS A 42 -7.30 -11.61 -8.88
C LYS A 42 -6.64 -10.61 -9.86
N GLY A 43 -5.38 -10.24 -9.66
CA GLY A 43 -4.70 -9.20 -10.45
C GLY A 43 -5.25 -7.79 -10.18
N ARG A 44 -5.74 -7.56 -8.95
CA ARG A 44 -6.38 -6.32 -8.48
C ARG A 44 -5.52 -5.58 -7.45
N THR A 45 -5.88 -4.32 -7.21
CA THR A 45 -5.18 -3.43 -6.27
C THR A 45 -5.97 -3.29 -4.96
N LEU A 46 -5.27 -3.31 -3.83
CA LEU A 46 -5.84 -2.97 -2.51
C LEU A 46 -4.99 -1.90 -1.82
N ILE A 47 -5.66 -1.06 -1.03
CA ILE A 47 -5.05 -0.08 -0.15
C ILE A 47 -5.52 -0.38 1.27
N ILE A 48 -4.57 -0.55 2.17
CA ILE A 48 -4.85 -1.00 3.54
C ILE A 48 -4.23 -0.05 4.55
N ILE A 49 -4.87 0.11 5.71
CA ILE A 49 -4.36 0.86 6.86
C ILE A 49 -4.27 -0.09 8.05
N ILE A 50 -3.06 -0.30 8.58
CA ILE A 50 -2.79 -1.15 9.73
C ILE A 50 -1.92 -0.42 10.75
N ASN A 51 -2.45 -0.22 11.95
CA ASN A 51 -1.76 0.40 13.09
C ASN A 51 -1.07 1.75 12.75
N GLY A 52 -1.70 2.54 11.88
CA GLY A 52 -1.20 3.82 11.36
C GLY A 52 -0.26 3.73 10.14
N VAL A 53 0.04 2.51 9.64
CA VAL A 53 0.87 2.28 8.44
C VAL A 53 -0.05 2.02 7.24
N PHE A 54 0.23 2.65 6.09
CA PHE A 54 -0.45 2.32 4.84
C PHE A 54 0.27 1.14 4.13
N VAL A 55 -0.48 0.16 3.65
CA VAL A 55 0.03 -1.01 2.90
C VAL A 55 -0.68 -1.07 1.55
N VAL A 56 0.08 -0.93 0.46
CA VAL A 56 -0.42 -0.97 -0.92
C VAL A 56 -0.07 -2.32 -1.56
N VAL A 57 -1.06 -3.00 -2.15
CA VAL A 57 -0.89 -4.26 -2.89
C VAL A 57 -1.38 -4.09 -4.31
N SER A 58 -0.59 -4.48 -5.31
CA SER A 58 -1.02 -4.60 -6.71
C SER A 58 -0.07 -5.49 -7.50
N THR A 59 -0.52 -6.09 -8.59
CA THR A 59 0.34 -6.79 -9.56
C THR A 59 0.95 -5.82 -10.59
N ASP A 60 0.68 -4.52 -10.46
CA ASP A 60 1.21 -3.45 -11.32
C ASP A 60 1.93 -2.35 -10.51
N GLU A 61 3.26 -2.28 -10.64
CA GLU A 61 4.11 -1.32 -9.90
C GLU A 61 3.74 0.15 -10.17
N ASP A 62 3.28 0.46 -11.38
CA ASP A 62 2.77 1.77 -11.76
C ASP A 62 1.55 2.16 -10.91
N LEU A 63 0.64 1.22 -10.60
CA LEU A 63 -0.51 1.50 -9.75
C LEU A 63 -0.10 1.80 -8.31
N ILE A 64 0.84 1.04 -7.74
CA ILE A 64 1.39 1.35 -6.41
C ILE A 64 2.06 2.72 -6.39
N ARG A 65 2.98 3.02 -7.32
CA ARG A 65 3.76 4.27 -7.23
C ARG A 65 2.92 5.54 -7.37
N GLU A 66 1.80 5.48 -8.10
CA GLU A 66 0.83 6.57 -8.19
C GLU A 66 -0.05 6.67 -6.93
N ILE A 67 -0.35 5.55 -6.25
CA ILE A 67 -1.00 5.55 -4.93
C ILE A 67 -0.06 6.17 -3.88
N LYS A 68 1.24 5.84 -3.93
CA LYS A 68 2.25 6.44 -3.03
C LYS A 68 2.27 7.96 -3.15
N ARG A 69 2.05 8.53 -4.34
CA ARG A 69 1.89 9.99 -4.51
C ARG A 69 0.69 10.52 -3.71
N LEU A 70 -0.49 9.92 -3.90
CA LEU A 70 -1.76 10.28 -3.24
C LEU A 70 -1.67 10.23 -1.70
N ILE A 71 -1.00 9.20 -1.17
CA ILE A 71 -0.81 9.04 0.28
C ILE A 71 0.21 10.04 0.79
N LYS A 72 1.34 10.21 0.09
CA LYS A 72 2.41 11.13 0.49
C LYS A 72 1.93 12.58 0.52
N GLU A 73 1.16 12.98 -0.49
CA GLU A 73 0.84 14.39 -0.67
C GLU A 73 -0.23 14.89 0.31
N SER A 74 -1.11 13.98 0.76
CA SER A 74 -2.05 14.25 1.84
C SER A 74 -1.40 14.03 3.22
N ASN A 75 -0.34 13.23 3.31
CA ASN A 75 0.35 12.91 4.58
C ASN A 75 1.87 12.66 4.36
N PRO A 76 2.72 13.71 4.31
CA PRO A 76 4.13 13.56 3.92
C PRO A 76 5.01 12.88 4.99
N ASN A 77 4.51 12.77 6.24
CA ASN A 77 5.17 12.09 7.36
C ASN A 77 4.73 10.62 7.55
N LYS A 78 3.66 10.16 6.86
CA LYS A 78 3.10 8.81 7.05
C LYS A 78 3.98 7.71 6.43
N LYS A 79 4.00 6.56 7.09
CA LYS A 79 4.73 5.35 6.67
C LYS A 79 3.91 4.55 5.65
N THR A 80 4.59 4.02 4.63
CA THR A 80 4.00 3.16 3.60
C THR A 80 4.78 1.87 3.38
N LEU A 81 4.07 0.85 2.92
CA LEU A 81 4.57 -0.47 2.51
C LEU A 81 3.98 -0.81 1.13
N ASP A 82 4.72 -1.58 0.32
CA ASP A 82 4.37 -1.94 -1.06
C ASP A 82 4.64 -3.42 -1.36
N VAL A 83 3.69 -4.08 -2.04
CA VAL A 83 3.70 -5.54 -2.28
C VAL A 83 3.19 -5.86 -3.69
N THR A 84 3.91 -6.75 -4.41
CA THR A 84 3.50 -7.28 -5.73
C THR A 84 3.51 -8.82 -5.85
N THR A 85 4.09 -9.51 -4.87
CA THR A 85 4.06 -10.98 -4.70
C THR A 85 4.00 -11.34 -3.21
N GLU A 86 3.60 -12.57 -2.87
CA GLU A 86 3.61 -13.05 -1.47
C GLU A 86 5.03 -13.19 -0.88
N GLU A 87 6.04 -13.37 -1.73
CA GLU A 87 7.46 -13.30 -1.33
C GLU A 87 7.89 -11.86 -0.99
N ASP A 88 7.29 -10.86 -1.64
CA ASP A 88 7.52 -9.44 -1.34
C ASP A 88 6.80 -8.99 -0.07
N LEU A 89 5.61 -9.56 0.24
CA LEU A 89 4.93 -9.38 1.54
C LEU A 89 5.85 -9.80 2.69
N GLU A 90 6.43 -11.01 2.60
CA GLU A 90 7.42 -11.50 3.56
C GLU A 90 8.65 -10.60 3.65
N GLU A 91 9.18 -10.13 2.53
CA GLU A 91 10.36 -9.26 2.51
C GLU A 91 10.11 -7.90 3.18
N VAL A 92 8.95 -7.26 2.97
CA VAL A 92 8.61 -6.01 3.65
C VAL A 92 8.27 -6.22 5.13
N LEU A 93 7.67 -7.36 5.50
CA LEU A 93 7.53 -7.74 6.91
C LEU A 93 8.90 -7.97 7.55
N ARG A 94 9.87 -8.53 6.82
CA ARG A 94 11.26 -8.67 7.28
C ARG A 94 11.94 -7.32 7.51
N ARG A 95 11.71 -6.33 6.63
CA ARG A 95 12.12 -4.93 6.84
C ARG A 95 11.55 -4.33 8.13
N ILE A 96 10.32 -4.67 8.51
CA ILE A 96 9.69 -4.22 9.76
C ILE A 96 10.27 -4.94 10.99
N LYS A 97 10.49 -6.27 10.92
CA LYS A 97 11.10 -7.05 12.00
C LYS A 97 12.56 -6.67 12.25
N LYS A 98 13.27 -6.22 11.21
CA LYS A 98 14.65 -5.68 11.30
C LYS A 98 14.71 -4.20 11.69
N GLY A 99 13.57 -3.50 11.76
CA GLY A 99 13.48 -2.07 12.08
C GLY A 99 13.95 -1.12 10.97
N SER A 100 14.06 -1.62 9.74
CA SER A 100 14.58 -0.90 8.57
C SER A 100 13.53 -0.07 7.83
N TRP A 101 12.28 -0.56 7.75
CA TRP A 101 11.16 0.03 7.00
C TRP A 101 11.52 0.32 5.51
N SER A 102 10.71 1.12 4.82
CA SER A 102 11.01 1.59 3.45
C SER A 102 12.19 2.57 3.41
N LEU A 103 12.88 2.64 2.26
CA LEU A 103 14.04 3.51 1.99
C LEU A 103 15.19 3.32 3.00
N GLU A 104 15.63 2.07 3.21
CA GLU A 104 16.85 1.77 3.96
C GLU A 104 18.12 2.21 3.21
N HIS A 105 19.16 2.61 3.95
CA HIS A 105 20.38 3.23 3.38
C HIS A 105 21.65 2.95 4.23
N HIS A 106 22.82 3.29 3.66
CA HIS A 106 24.15 3.18 4.26
C HIS A 106 24.48 1.77 4.82
N HIS A 107 24.72 0.82 3.90
CA HIS A 107 25.00 -0.60 4.21
C HIS A 107 26.24 -0.81 5.12
N HIS A 108 27.24 0.07 5.04
CA HIS A 108 28.51 -0.03 5.79
C HIS A 108 28.41 0.50 7.23
N HIS A 109 27.39 0.04 7.97
CA HIS A 109 27.12 0.38 9.38
C HIS A 109 27.31 -0.84 10.31
N HIS A 110 27.70 -0.58 11.56
CA HIS A 110 27.99 -1.56 12.63
C HIS A 110 28.95 -2.69 12.17
N GLY A 1 -10.60 9.50 9.22
CA GLY A 1 -9.67 10.64 9.34
C GLY A 1 -9.16 11.07 7.97
N SER A 2 -7.86 11.40 7.87
CA SER A 2 -7.22 11.83 6.61
C SER A 2 -7.25 10.78 5.49
N ASP A 3 -7.47 9.50 5.82
CA ASP A 3 -7.74 8.44 4.86
C ASP A 3 -8.99 8.69 4.00
N GLU A 4 -10.00 9.41 4.49
CA GLU A 4 -11.18 9.80 3.72
C GLU A 4 -10.83 10.84 2.62
N GLU A 5 -9.88 11.73 2.94
CA GLU A 5 -9.34 12.72 2.00
C GLU A 5 -8.47 12.08 0.92
N ILE A 6 -7.89 10.90 1.18
CA ILE A 6 -7.23 10.07 0.17
C ILE A 6 -8.23 9.18 -0.58
N ARG A 7 -9.31 8.72 0.07
CA ARG A 7 -10.26 7.76 -0.52
C ARG A 7 -10.93 8.30 -1.78
N LYS A 8 -11.32 9.58 -1.74
CA LYS A 8 -11.80 10.34 -2.91
C LYS A 8 -10.78 10.40 -4.06
N LYS A 9 -9.47 10.45 -3.75
CA LYS A 9 -8.38 10.47 -4.75
C LYS A 9 -8.17 9.09 -5.36
N LEU A 10 -8.36 8.03 -4.56
CA LEU A 10 -8.32 6.63 -4.99
C LEU A 10 -9.50 6.27 -5.92
N GLU A 11 -10.70 6.76 -5.61
CA GLU A 11 -11.88 6.60 -6.48
C GLU A 11 -11.74 7.37 -7.80
N GLU A 12 -11.09 8.53 -7.78
CA GLU A 12 -10.68 9.26 -8.99
C GLU A 12 -9.62 8.49 -9.81
N LEU A 13 -8.69 7.78 -9.15
CA LEU A 13 -7.65 6.95 -9.78
C LEU A 13 -8.24 5.70 -10.45
N ALA A 14 -9.30 5.12 -9.89
CA ALA A 14 -9.99 3.96 -10.45
C ALA A 14 -10.45 4.20 -11.90
N LYS A 15 -10.95 5.42 -12.19
CA LYS A 15 -11.35 5.86 -13.54
C LYS A 15 -10.15 6.11 -14.48
N ARG A 16 -9.01 6.53 -13.94
CA ARG A 16 -7.76 6.79 -14.70
C ARG A 16 -7.07 5.50 -15.15
N LYS A 17 -7.04 4.49 -14.27
CA LYS A 17 -6.39 3.18 -14.49
C LYS A 17 -7.33 2.09 -15.02
N GLY A 18 -8.64 2.36 -15.12
CA GLY A 18 -9.65 1.41 -15.62
C GLY A 18 -9.81 0.17 -14.73
N LYS A 19 -9.49 0.28 -13.44
CA LYS A 19 -9.36 -0.80 -12.47
C LYS A 19 -10.09 -0.50 -11.16
N ASP A 20 -10.71 -1.52 -10.57
CA ASP A 20 -11.36 -1.44 -9.26
C ASP A 20 -10.33 -1.63 -8.14
N LEU A 21 -10.17 -0.61 -7.28
CA LEU A 21 -9.35 -0.65 -6.08
C LEU A 21 -10.13 -0.18 -4.83
N GLN A 22 -9.74 -0.69 -3.65
CA GLN A 22 -10.50 -0.55 -2.40
C GLN A 22 -9.59 -0.24 -1.21
N LEU A 23 -10.09 0.60 -0.29
CA LEU A 23 -9.44 0.98 0.97
C LEU A 23 -10.11 0.28 2.16
N ARG A 24 -9.33 -0.40 3.01
CA ARG A 24 -9.80 -1.13 4.22
C ARG A 24 -8.82 -0.97 5.40
N ARG A 25 -9.31 -1.15 6.63
CA ARG A 25 -8.53 -1.18 7.89
C ARG A 25 -8.35 -2.62 8.39
N TYR A 26 -7.15 -2.93 8.91
CA TYR A 26 -6.76 -4.25 9.41
C TYR A 26 -6.10 -4.19 10.79
N ASN A 27 -6.31 -5.22 11.60
CA ASN A 27 -5.96 -5.24 13.04
C ASN A 27 -4.71 -6.06 13.39
N ASP A 28 -4.26 -7.00 12.54
CA ASP A 28 -3.10 -7.86 12.82
C ASP A 28 -2.38 -8.30 11.53
N PRO A 29 -1.04 -8.47 11.55
CA PRO A 29 -0.27 -9.12 10.49
C PRO A 29 -0.83 -10.48 10.05
N ASN A 30 -1.41 -11.28 10.97
CA ASN A 30 -1.97 -12.59 10.64
C ASN A 30 -3.26 -12.51 9.82
N GLU A 31 -4.08 -11.48 10.05
CA GLU A 31 -5.32 -11.26 9.27
C GLU A 31 -5.01 -10.61 7.92
N VAL A 32 -4.02 -9.71 7.91
CA VAL A 32 -3.70 -8.90 6.73
C VAL A 32 -3.02 -9.71 5.62
N GLU A 33 -2.19 -10.69 6.01
CA GLU A 33 -1.50 -11.61 5.09
C GLU A 33 -2.46 -12.31 4.11
N LYS A 34 -3.66 -12.69 4.55
CA LYS A 34 -4.72 -13.28 3.70
C LYS A 34 -5.31 -12.25 2.72
N SER A 35 -5.45 -11.00 3.16
CA SER A 35 -5.88 -9.87 2.32
C SER A 35 -4.87 -9.59 1.18
N ILE A 36 -3.58 -9.88 1.38
CA ILE A 36 -2.61 -9.78 0.29
C ILE A 36 -2.83 -10.90 -0.73
N ARG A 37 -2.96 -12.14 -0.25
CA ARG A 37 -3.12 -13.34 -1.11
C ARG A 37 -4.34 -13.24 -2.02
N GLU A 38 -5.45 -12.68 -1.54
CA GLU A 38 -6.65 -12.51 -2.38
C GLU A 38 -6.45 -11.49 -3.50
N ALA A 39 -5.87 -10.35 -3.17
CA ALA A 39 -5.56 -9.28 -4.13
C ALA A 39 -4.59 -9.76 -5.22
N LEU A 40 -3.55 -10.52 -4.85
CA LEU A 40 -2.57 -11.07 -5.79
C LEU A 40 -3.17 -12.19 -6.66
N LYS A 41 -4.05 -13.04 -6.10
CA LYS A 41 -4.74 -14.11 -6.82
C LYS A 41 -5.74 -13.58 -7.84
N LYS A 42 -6.47 -12.50 -7.51
CA LYS A 42 -7.47 -11.85 -8.38
C LYS A 42 -6.88 -10.85 -9.37
N GLY A 43 -5.59 -10.50 -9.25
CA GLY A 43 -4.95 -9.46 -10.07
C GLY A 43 -5.47 -8.05 -9.75
N ARG A 44 -5.87 -7.82 -8.49
CA ARG A 44 -6.50 -6.60 -7.97
C ARG A 44 -5.57 -5.78 -7.08
N THR A 45 -5.91 -4.52 -6.91
CA THR A 45 -5.23 -3.59 -6.01
C THR A 45 -6.02 -3.39 -4.72
N LEU A 46 -5.38 -3.54 -3.57
CA LEU A 46 -5.93 -3.19 -2.26
C LEU A 46 -5.03 -2.19 -1.54
N ILE A 47 -5.66 -1.26 -0.83
CA ILE A 47 -5.01 -0.24 0.00
C ILE A 47 -5.45 -0.51 1.44
N ILE A 48 -4.49 -0.83 2.29
CA ILE A 48 -4.77 -1.33 3.64
C ILE A 48 -4.12 -0.44 4.69
N ILE A 49 -4.87 -0.12 5.76
CA ILE A 49 -4.38 0.68 6.89
C ILE A 49 -4.26 -0.22 8.11
N ILE A 50 -3.04 -0.44 8.59
CA ILE A 50 -2.72 -1.25 9.77
C ILE A 50 -1.74 -0.53 10.70
N ASN A 51 -2.12 -0.35 11.96
CA ASN A 51 -1.34 0.39 12.97
C ASN A 51 -0.91 1.81 12.49
N GLY A 52 -1.73 2.42 11.64
CA GLY A 52 -1.47 3.71 10.98
C GLY A 52 -0.57 3.67 9.74
N VAL A 53 -0.10 2.48 9.32
CA VAL A 53 0.77 2.28 8.14
C VAL A 53 -0.11 1.95 6.92
N PHE A 54 0.18 2.58 5.78
CA PHE A 54 -0.49 2.28 4.51
C PHE A 54 0.25 1.17 3.76
N VAL A 55 -0.35 -0.02 3.66
CA VAL A 55 0.15 -1.20 2.93
C VAL A 55 -0.58 -1.29 1.59
N VAL A 56 0.14 -1.06 0.49
CA VAL A 56 -0.40 -1.08 -0.88
C VAL A 56 -0.04 -2.39 -1.57
N VAL A 57 -1.03 -3.20 -1.94
CA VAL A 57 -0.86 -4.46 -2.69
C VAL A 57 -1.41 -4.29 -4.09
N SER A 58 -0.65 -4.65 -5.14
CA SER A 58 -1.14 -4.76 -6.51
C SER A 58 -0.20 -5.62 -7.36
N THR A 59 -0.74 -6.25 -8.40
CA THR A 59 0.05 -6.90 -9.44
C THR A 59 0.48 -5.90 -10.53
N ASP A 60 0.11 -4.61 -10.39
CA ASP A 60 0.49 -3.53 -11.31
C ASP A 60 1.32 -2.46 -10.57
N GLU A 61 2.62 -2.40 -10.86
CA GLU A 61 3.55 -1.43 -10.27
C GLU A 61 3.14 0.03 -10.52
N ASP A 62 2.51 0.32 -11.67
CA ASP A 62 1.97 1.65 -11.98
C ASP A 62 0.81 2.04 -11.05
N LEU A 63 0.05 1.08 -10.52
CA LEU A 63 -0.98 1.38 -9.51
C LEU A 63 -0.36 1.73 -8.15
N ILE A 64 0.61 0.95 -7.68
CA ILE A 64 1.32 1.26 -6.42
C ILE A 64 2.02 2.63 -6.49
N ARG A 65 2.85 2.88 -7.52
CA ARG A 65 3.66 4.12 -7.61
C ARG A 65 2.81 5.39 -7.70
N GLU A 66 1.61 5.30 -8.25
CA GLU A 66 0.62 6.39 -8.26
C GLU A 66 -0.09 6.53 -6.91
N ILE A 67 -0.49 5.43 -6.26
CA ILE A 67 -1.15 5.46 -4.95
C ILE A 67 -0.23 6.07 -3.89
N LYS A 68 1.05 5.69 -3.89
CA LYS A 68 2.06 6.24 -2.97
C LYS A 68 2.13 7.77 -3.04
N ARG A 69 1.99 8.34 -4.23
CA ARG A 69 1.94 9.81 -4.43
C ARG A 69 0.67 10.41 -3.83
N LEU A 70 -0.50 9.81 -4.06
CA LEU A 70 -1.78 10.29 -3.49
C LEU A 70 -1.77 10.26 -1.95
N ILE A 71 -1.15 9.23 -1.35
CA ILE A 71 -0.96 9.09 0.10
C ILE A 71 0.06 10.12 0.61
N LYS A 72 1.21 10.23 -0.04
CA LYS A 72 2.32 11.13 0.35
C LYS A 72 1.92 12.62 0.24
N GLU A 73 1.09 12.99 -0.73
CA GLU A 73 0.55 14.35 -0.84
C GLU A 73 -0.30 14.77 0.38
N SER A 74 -1.08 13.84 0.91
CA SER A 74 -2.05 14.08 1.99
C SER A 74 -1.47 13.81 3.39
N ASN A 75 -0.48 12.91 3.50
CA ASN A 75 0.30 12.63 4.70
C ASN A 75 1.79 12.43 4.35
N PRO A 76 2.59 13.50 4.16
CA PRO A 76 4.00 13.38 3.76
C PRO A 76 4.90 12.75 4.85
N ASN A 77 4.42 12.70 6.09
CA ASN A 77 5.10 12.11 7.25
C ASN A 77 4.78 10.62 7.50
N LYS A 78 3.81 10.03 6.79
CA LYS A 78 3.34 8.65 7.03
C LYS A 78 4.28 7.58 6.46
N LYS A 79 4.35 6.45 7.18
CA LYS A 79 5.01 5.21 6.74
C LYS A 79 4.12 4.48 5.73
N THR A 80 4.72 3.91 4.68
CA THR A 80 4.06 3.08 3.68
C THR A 80 4.81 1.78 3.42
N LEU A 81 4.08 0.77 2.93
CA LEU A 81 4.56 -0.54 2.51
C LEU A 81 4.00 -0.85 1.11
N ASP A 82 4.73 -1.60 0.30
CA ASP A 82 4.37 -1.99 -1.07
C ASP A 82 4.65 -3.48 -1.33
N VAL A 83 3.75 -4.15 -2.08
CA VAL A 83 3.75 -5.59 -2.31
C VAL A 83 3.23 -5.92 -3.72
N THR A 84 3.98 -6.72 -4.49
CA THR A 84 3.51 -7.29 -5.77
C THR A 84 3.52 -8.82 -5.87
N THR A 85 4.22 -9.50 -4.94
CA THR A 85 4.23 -10.95 -4.76
C THR A 85 4.25 -11.32 -3.27
N GLU A 86 3.97 -12.59 -2.93
CA GLU A 86 4.13 -13.07 -1.55
C GLU A 86 5.61 -13.09 -1.08
N GLU A 87 6.57 -13.16 -2.01
CA GLU A 87 7.99 -12.97 -1.70
C GLU A 87 8.30 -11.48 -1.40
N ASP A 88 7.66 -10.54 -2.10
CA ASP A 88 7.76 -9.10 -1.84
C ASP A 88 7.15 -8.73 -0.47
N LEU A 89 6.05 -9.40 -0.07
CA LEU A 89 5.46 -9.30 1.27
C LEU A 89 6.46 -9.73 2.36
N GLU A 90 7.09 -10.90 2.21
CA GLU A 90 8.10 -11.39 3.16
C GLU A 90 9.29 -10.43 3.28
N GLU A 91 9.73 -9.80 2.19
CA GLU A 91 10.80 -8.80 2.20
C GLU A 91 10.43 -7.57 3.04
N VAL A 92 9.23 -7.01 2.86
CA VAL A 92 8.79 -5.85 3.65
C VAL A 92 8.43 -6.18 5.10
N LEU A 93 7.89 -7.37 5.38
CA LEU A 93 7.71 -7.85 6.76
C LEU A 93 9.07 -8.03 7.45
N ARG A 94 10.10 -8.52 6.74
CA ARG A 94 11.47 -8.64 7.29
C ARG A 94 12.03 -7.28 7.65
N ARG A 95 11.90 -6.27 6.78
CA ARG A 95 12.29 -4.87 7.04
C ARG A 95 11.63 -4.31 8.31
N ILE A 96 10.32 -4.52 8.49
CA ILE A 96 9.58 -4.07 9.67
C ILE A 96 10.04 -4.80 10.94
N LYS A 97 10.21 -6.13 10.91
CA LYS A 97 10.64 -6.93 12.08
C LYS A 97 12.10 -6.70 12.47
N LYS A 98 12.96 -6.34 11.50
CA LYS A 98 14.36 -5.91 11.74
C LYS A 98 14.49 -4.42 12.12
N GLY A 99 13.39 -3.67 12.20
CA GLY A 99 13.36 -2.28 12.66
C GLY A 99 13.84 -1.24 11.64
N SER A 100 13.91 -1.60 10.35
CA SER A 100 14.41 -0.75 9.25
C SER A 100 13.27 -0.35 8.30
N TRP A 101 12.45 0.61 8.74
CA TRP A 101 11.24 1.07 8.05
C TRP A 101 11.58 2.03 6.89
N SER A 102 10.59 2.32 6.05
CA SER A 102 10.71 3.14 4.83
C SER A 102 11.21 4.57 5.10
N LEU A 103 12.52 4.80 4.95
CA LEU A 103 13.21 6.07 5.18
C LEU A 103 14.51 6.24 4.36
N GLU A 104 14.70 5.44 3.31
CA GLU A 104 15.96 5.41 2.55
C GLU A 104 16.16 6.68 1.69
N HIS A 105 17.39 7.20 1.63
CA HIS A 105 17.73 8.45 0.94
C HIS A 105 17.67 8.37 -0.59
N HIS A 106 17.81 7.16 -1.16
CA HIS A 106 17.66 6.77 -2.57
C HIS A 106 18.17 7.81 -3.59
N HIS A 107 17.32 8.75 -4.03
CA HIS A 107 17.62 9.80 -5.00
C HIS A 107 18.78 10.73 -4.60
N HIS A 108 19.06 10.84 -3.30
CA HIS A 108 20.11 11.68 -2.71
C HIS A 108 21.21 10.86 -1.97
N HIS A 109 21.23 9.53 -2.16
CA HIS A 109 22.25 8.65 -1.59
C HIS A 109 23.60 8.77 -2.35
N HIS A 110 24.71 8.43 -1.66
CA HIS A 110 26.05 8.31 -2.25
C HIS A 110 26.12 7.20 -3.32
N GLY A 1 -10.76 9.95 9.08
CA GLY A 1 -9.82 11.08 9.14
C GLY A 1 -9.20 11.34 7.77
N SER A 2 -7.89 11.56 7.70
CA SER A 2 -7.17 11.82 6.44
C SER A 2 -7.27 10.66 5.43
N ASP A 3 -7.51 9.44 5.90
CA ASP A 3 -7.76 8.26 5.06
C ASP A 3 -9.03 8.39 4.19
N GLU A 4 -10.08 9.06 4.69
CA GLU A 4 -11.28 9.36 3.90
C GLU A 4 -11.02 10.46 2.85
N GLU A 5 -10.06 11.35 3.13
CA GLU A 5 -9.60 12.37 2.17
C GLU A 5 -8.67 11.80 1.10
N ILE A 6 -7.93 10.73 1.41
CA ILE A 6 -7.19 9.95 0.41
C ILE A 6 -8.18 9.09 -0.41
N ARG A 7 -9.26 8.60 0.21
CA ARG A 7 -10.23 7.68 -0.44
C ARG A 7 -10.84 8.27 -1.71
N LYS A 8 -11.21 9.55 -1.66
CA LYS A 8 -11.71 10.32 -2.82
C LYS A 8 -10.68 10.40 -3.96
N LYS A 9 -9.38 10.45 -3.64
CA LYS A 9 -8.27 10.52 -4.61
C LYS A 9 -8.02 9.14 -5.23
N LEU A 10 -8.16 8.08 -4.43
CA LEU A 10 -8.02 6.68 -4.84
C LEU A 10 -9.11 6.27 -5.84
N GLU A 11 -10.38 6.56 -5.54
CA GLU A 11 -11.49 6.25 -6.46
C GLU A 11 -11.36 6.99 -7.81
N GLU A 12 -10.71 8.16 -7.85
CA GLU A 12 -10.34 8.83 -9.10
C GLU A 12 -9.30 8.02 -9.89
N LEU A 13 -8.29 7.44 -9.23
CA LEU A 13 -7.29 6.60 -9.88
C LEU A 13 -7.87 5.30 -10.46
N ALA A 14 -8.90 4.74 -9.81
CA ALA A 14 -9.63 3.58 -10.34
C ALA A 14 -10.18 3.86 -11.76
N LYS A 15 -10.66 5.09 -12.00
CA LYS A 15 -11.11 5.57 -13.32
C LYS A 15 -9.96 5.90 -14.28
N ARG A 16 -8.82 6.42 -13.78
CA ARG A 16 -7.65 6.78 -14.62
C ARG A 16 -6.89 5.55 -15.13
N LYS A 17 -6.77 4.50 -14.30
CA LYS A 17 -6.10 3.23 -14.63
C LYS A 17 -7.05 2.16 -15.18
N GLY A 18 -8.37 2.37 -15.11
CA GLY A 18 -9.39 1.43 -15.59
C GLY A 18 -9.45 0.12 -14.78
N LYS A 19 -9.05 0.15 -13.50
CA LYS A 19 -8.82 -1.01 -12.64
C LYS A 19 -9.48 -0.86 -11.26
N ASP A 20 -9.81 -2.00 -10.64
CA ASP A 20 -10.51 -2.04 -9.35
C ASP A 20 -9.54 -1.87 -8.17
N LEU A 21 -9.77 -0.86 -7.33
CA LEU A 21 -9.10 -0.69 -6.04
C LEU A 21 -10.09 -0.48 -4.89
N GLN A 22 -9.71 -0.90 -3.67
CA GLN A 22 -10.51 -0.78 -2.44
C GLN A 22 -9.64 -0.31 -1.27
N LEU A 23 -10.25 0.40 -0.30
CA LEU A 23 -9.59 0.88 0.93
C LEU A 23 -10.20 0.21 2.18
N ARG A 24 -9.37 -0.39 3.05
CA ARG A 24 -9.81 -1.06 4.30
C ARG A 24 -8.84 -0.83 5.47
N ARG A 25 -9.35 -0.90 6.72
CA ARG A 25 -8.55 -0.86 7.97
C ARG A 25 -8.40 -2.25 8.61
N TYR A 26 -7.22 -2.51 9.18
CA TYR A 26 -6.85 -3.77 9.85
C TYR A 26 -6.14 -3.52 11.19
N ASN A 27 -6.16 -4.52 12.08
CA ASN A 27 -5.57 -4.43 13.43
C ASN A 27 -4.34 -5.35 13.64
N ASP A 28 -4.30 -6.51 13.00
CA ASP A 28 -3.30 -7.56 13.23
C ASP A 28 -2.61 -8.03 11.93
N PRO A 29 -1.29 -8.30 11.96
CA PRO A 29 -0.54 -8.76 10.78
C PRO A 29 -1.00 -10.13 10.26
N ASN A 30 -1.50 -11.00 11.15
CA ASN A 30 -2.01 -12.32 10.80
C ASN A 30 -3.31 -12.27 10.00
N GLU A 31 -4.18 -11.30 10.29
CA GLU A 31 -5.46 -11.10 9.59
C GLU A 31 -5.25 -10.38 8.26
N VAL A 32 -4.31 -9.42 8.23
CA VAL A 32 -4.07 -8.58 7.05
C VAL A 32 -3.40 -9.35 5.91
N GLU A 33 -2.49 -10.26 6.25
CA GLU A 33 -1.77 -11.15 5.31
C GLU A 33 -2.72 -11.84 4.34
N LYS A 34 -3.86 -12.35 4.84
CA LYS A 34 -4.80 -13.17 4.04
C LYS A 34 -5.44 -12.33 2.92
N SER A 35 -5.71 -11.06 3.20
CA SER A 35 -6.23 -10.08 2.23
C SER A 35 -5.25 -9.81 1.08
N ILE A 36 -3.94 -9.83 1.35
CA ILE A 36 -2.90 -9.62 0.34
C ILE A 36 -2.92 -10.74 -0.72
N ARG A 37 -3.05 -12.00 -0.29
CA ARG A 37 -3.08 -13.16 -1.19
C ARG A 37 -4.26 -13.09 -2.16
N GLU A 38 -5.43 -12.62 -1.71
CA GLU A 38 -6.59 -12.43 -2.57
C GLU A 38 -6.32 -11.41 -3.69
N ALA A 39 -5.72 -10.26 -3.35
CA ALA A 39 -5.36 -9.21 -4.30
C ALA A 39 -4.36 -9.70 -5.35
N LEU A 40 -3.32 -10.43 -4.92
CA LEU A 40 -2.23 -10.89 -5.77
C LEU A 40 -2.67 -12.02 -6.72
N LYS A 41 -3.44 -12.98 -6.20
CA LYS A 41 -3.88 -14.17 -6.95
C LYS A 41 -5.01 -13.87 -7.93
N LYS A 42 -5.81 -12.81 -7.68
CA LYS A 42 -6.90 -12.33 -8.56
C LYS A 42 -6.53 -11.12 -9.43
N GLY A 43 -5.33 -10.53 -9.24
CA GLY A 43 -4.83 -9.42 -10.08
C GLY A 43 -5.47 -8.06 -9.80
N ARG A 44 -5.91 -7.82 -8.56
CA ARG A 44 -6.56 -6.58 -8.10
C ARG A 44 -5.66 -5.75 -7.18
N THR A 45 -5.99 -4.46 -7.04
CA THR A 45 -5.32 -3.54 -6.10
C THR A 45 -6.08 -3.47 -4.78
N LEU A 46 -5.36 -3.50 -3.66
CA LEU A 46 -5.88 -3.18 -2.33
C LEU A 46 -5.01 -2.10 -1.68
N ILE A 47 -5.66 -1.17 -1.00
CA ILE A 47 -5.03 -0.19 -0.12
C ILE A 47 -5.52 -0.48 1.29
N ILE A 48 -4.58 -0.70 2.20
CA ILE A 48 -4.87 -1.13 3.56
C ILE A 48 -4.19 -0.19 4.57
N ILE A 49 -4.81 0.01 5.73
CA ILE A 49 -4.26 0.79 6.84
C ILE A 49 -4.22 -0.10 8.07
N ILE A 50 -3.02 -0.41 8.57
CA ILE A 50 -2.79 -1.19 9.78
C ILE A 50 -1.97 -0.40 10.80
N ASN A 51 -2.56 -0.16 11.97
CA ASN A 51 -1.92 0.52 13.10
C ASN A 51 -1.22 1.85 12.73
N GLY A 52 -1.83 2.60 11.81
CA GLY A 52 -1.32 3.86 11.25
C GLY A 52 -0.34 3.72 10.08
N VAL A 53 0.01 2.50 9.65
CA VAL A 53 0.88 2.24 8.48
C VAL A 53 0.02 1.89 7.27
N PHE A 54 0.27 2.53 6.11
CA PHE A 54 -0.39 2.17 4.85
C PHE A 54 0.32 0.98 4.20
N VAL A 55 -0.43 0.00 3.70
CA VAL A 55 0.06 -1.16 2.94
C VAL A 55 -0.66 -1.20 1.59
N VAL A 56 0.09 -0.99 0.51
CA VAL A 56 -0.43 -1.02 -0.87
C VAL A 56 -0.07 -2.35 -1.53
N VAL A 57 -1.06 -3.05 -2.09
CA VAL A 57 -0.89 -4.32 -2.80
C VAL A 57 -1.44 -4.18 -4.21
N SER A 58 -0.66 -4.55 -5.23
CA SER A 58 -1.13 -4.68 -6.62
C SER A 58 -0.12 -5.49 -7.45
N THR A 59 -0.59 -6.17 -8.49
CA THR A 59 0.28 -6.79 -9.50
C THR A 59 0.75 -5.79 -10.56
N ASP A 60 0.40 -4.51 -10.42
CA ASP A 60 0.78 -3.42 -11.31
C ASP A 60 1.56 -2.33 -10.55
N GLU A 61 2.87 -2.23 -10.80
CA GLU A 61 3.77 -1.25 -10.15
C GLU A 61 3.34 0.21 -10.43
N ASP A 62 2.77 0.50 -11.60
CA ASP A 62 2.21 1.80 -11.93
C ASP A 62 1.02 2.18 -11.04
N LEU A 63 0.23 1.20 -10.56
CA LEU A 63 -0.84 1.47 -9.61
C LEU A 63 -0.30 1.82 -8.22
N ILE A 64 0.67 1.06 -7.70
CA ILE A 64 1.30 1.38 -6.40
C ILE A 64 2.03 2.73 -6.44
N ARG A 65 2.88 2.99 -7.44
CA ARG A 65 3.72 4.21 -7.49
C ARG A 65 2.91 5.50 -7.60
N GLU A 66 1.72 5.43 -8.20
CA GLU A 66 0.74 6.52 -8.24
C GLU A 66 -0.02 6.65 -6.93
N ILE A 67 -0.38 5.55 -6.25
CA ILE A 67 -1.07 5.56 -4.95
C ILE A 67 -0.18 6.14 -3.86
N LYS A 68 1.10 5.76 -3.83
CA LYS A 68 2.09 6.25 -2.85
C LYS A 68 2.17 7.78 -2.85
N ARG A 69 2.07 8.40 -4.04
CA ARG A 69 2.01 9.86 -4.20
C ARG A 69 0.76 10.44 -3.53
N LEU A 70 -0.44 9.89 -3.79
CA LEU A 70 -1.70 10.36 -3.20
C LEU A 70 -1.72 10.26 -1.67
N ILE A 71 -1.14 9.19 -1.11
CA ILE A 71 -0.99 8.97 0.33
C ILE A 71 -0.01 10.00 0.91
N LYS A 72 1.16 10.15 0.30
CA LYS A 72 2.23 11.04 0.77
C LYS A 72 1.84 12.52 0.69
N GLU A 73 1.08 12.93 -0.33
CA GLU A 73 0.57 14.30 -0.45
C GLU A 73 -0.33 14.72 0.72
N SER A 74 -1.18 13.79 1.18
CA SER A 74 -2.17 14.03 2.23
C SER A 74 -1.59 13.80 3.64
N ASN A 75 -0.66 12.84 3.77
CA ASN A 75 0.06 12.52 5.00
C ASN A 75 1.56 12.26 4.74
N PRO A 76 2.40 13.31 4.60
CA PRO A 76 3.84 13.16 4.41
C PRO A 76 4.55 12.59 5.66
N ASN A 77 3.86 12.59 6.80
CA ASN A 77 4.28 12.01 8.08
C ASN A 77 3.97 10.50 8.24
N LYS A 78 3.19 9.89 7.34
CA LYS A 78 2.81 8.46 7.41
C LYS A 78 3.80 7.54 6.69
N LYS A 79 4.03 6.36 7.29
CA LYS A 79 4.82 5.25 6.73
C LYS A 79 3.98 4.43 5.75
N THR A 80 4.64 3.86 4.73
CA THR A 80 4.01 3.02 3.70
C THR A 80 4.77 1.72 3.44
N LEU A 81 4.05 0.73 2.92
CA LEU A 81 4.52 -0.57 2.46
C LEU A 81 3.97 -0.87 1.05
N ASP A 82 4.68 -1.66 0.26
CA ASP A 82 4.33 -2.05 -1.11
C ASP A 82 4.61 -3.54 -1.37
N VAL A 83 3.69 -4.23 -2.04
CA VAL A 83 3.70 -5.68 -2.29
C VAL A 83 3.20 -5.98 -3.71
N THR A 84 3.97 -6.73 -4.51
CA THR A 84 3.55 -7.15 -5.87
C THR A 84 3.57 -8.66 -6.15
N THR A 85 4.21 -9.43 -5.27
CA THR A 85 4.23 -10.91 -5.29
C THR A 85 4.03 -11.46 -3.88
N GLU A 86 3.66 -12.73 -3.76
CA GLU A 86 3.37 -13.36 -2.46
C GLU A 86 4.62 -13.56 -1.58
N GLU A 87 5.80 -13.58 -2.22
CA GLU A 87 7.13 -13.50 -1.58
C GLU A 87 7.49 -12.04 -1.17
N ASP A 88 6.99 -11.04 -1.89
CA ASP A 88 7.28 -9.61 -1.64
C ASP A 88 6.70 -9.15 -0.28
N LEU A 89 5.57 -9.73 0.14
CA LEU A 89 5.00 -9.60 1.48
C LEU A 89 6.03 -10.00 2.56
N GLU A 90 6.67 -11.16 2.39
CA GLU A 90 7.64 -11.67 3.37
C GLU A 90 8.90 -10.78 3.44
N GLU A 91 9.33 -10.25 2.30
CA GLU A 91 10.45 -9.31 2.24
C GLU A 91 10.15 -8.00 2.99
N VAL A 92 8.96 -7.41 2.81
CA VAL A 92 8.61 -6.17 3.53
C VAL A 92 8.32 -6.39 5.01
N LEU A 93 7.72 -7.52 5.40
CA LEU A 93 7.57 -7.87 6.82
C LEU A 93 8.93 -8.08 7.49
N ARG A 94 9.91 -8.68 6.80
CA ARG A 94 11.28 -8.82 7.31
C ARG A 94 11.95 -7.46 7.47
N ARG A 95 11.79 -6.56 6.49
CA ARG A 95 12.28 -5.17 6.54
C ARG A 95 11.68 -4.36 7.70
N ILE A 96 10.39 -4.52 8.00
CA ILE A 96 9.74 -3.90 9.17
C ILE A 96 10.37 -4.38 10.49
N LYS A 97 10.60 -5.70 10.65
CA LYS A 97 11.22 -6.28 11.85
C LYS A 97 12.72 -5.94 11.97
N LYS A 98 13.40 -5.69 10.86
CA LYS A 98 14.79 -5.19 10.78
C LYS A 98 14.92 -3.66 10.93
N GLY A 99 13.82 -2.92 11.07
CA GLY A 99 13.82 -1.46 11.23
C GLY A 99 14.12 -0.65 9.96
N SER A 100 14.04 -1.29 8.78
CA SER A 100 14.33 -0.71 7.45
C SER A 100 13.02 -0.45 6.68
N TRP A 101 12.15 0.40 7.25
CA TRP A 101 10.78 0.62 6.76
C TRP A 101 10.78 1.28 5.37
N SER A 102 9.80 0.94 4.52
CA SER A 102 9.76 1.29 3.08
C SER A 102 9.36 2.74 2.73
N LEU A 103 9.88 3.70 3.48
CA LEU A 103 9.84 5.15 3.20
C LEU A 103 11.19 5.66 2.62
N GLU A 104 12.05 4.75 2.18
CA GLU A 104 13.37 5.06 1.63
C GLU A 104 13.25 5.79 0.27
N HIS A 105 14.09 6.81 0.06
CA HIS A 105 13.97 7.75 -1.07
C HIS A 105 15.33 8.31 -1.55
N HIS A 106 15.41 8.67 -2.84
CA HIS A 106 16.58 9.29 -3.48
C HIS A 106 16.22 10.52 -4.34
N HIS A 107 15.03 11.10 -4.14
CA HIS A 107 14.48 12.16 -4.99
C HIS A 107 15.23 13.51 -4.88
N HIS A 108 15.82 13.79 -3.71
CA HIS A 108 16.50 15.05 -3.32
C HIS A 108 15.60 16.30 -3.43
N HIS A 109 15.18 16.81 -2.26
CA HIS A 109 14.16 17.87 -2.10
C HIS A 109 12.77 17.48 -2.68
N HIS A 110 11.81 18.39 -2.55
CA HIS A 110 10.45 18.33 -3.09
C HIS A 110 10.07 19.59 -3.90
N GLY A 1 -10.79 9.93 9.18
CA GLY A 1 -9.81 11.03 9.20
C GLY A 1 -9.27 11.31 7.80
N SER A 2 -7.98 11.57 7.67
CA SER A 2 -7.31 11.85 6.38
C SER A 2 -7.27 10.64 5.43
N ASP A 3 -7.53 9.43 5.93
CA ASP A 3 -7.75 8.23 5.12
C ASP A 3 -8.97 8.37 4.19
N GLU A 4 -10.02 9.07 4.60
CA GLU A 4 -11.18 9.39 3.74
C GLU A 4 -10.85 10.46 2.70
N GLU A 5 -9.90 11.35 3.03
CA GLU A 5 -9.39 12.40 2.13
C GLU A 5 -8.49 11.82 1.04
N ILE A 6 -7.80 10.69 1.33
CA ILE A 6 -7.14 9.91 0.28
C ILE A 6 -8.19 9.11 -0.50
N ARG A 7 -9.21 8.55 0.16
CA ARG A 7 -10.16 7.58 -0.43
C ARG A 7 -10.85 8.15 -1.68
N LYS A 8 -11.28 9.41 -1.61
CA LYS A 8 -11.87 10.20 -2.71
C LYS A 8 -10.91 10.41 -3.90
N LYS A 9 -9.59 10.51 -3.66
CA LYS A 9 -8.57 10.67 -4.71
C LYS A 9 -8.28 9.31 -5.36
N LEU A 10 -8.27 8.26 -4.54
CA LEU A 10 -8.04 6.87 -4.87
C LEU A 10 -9.09 6.30 -5.85
N GLU A 11 -10.36 6.48 -5.51
CA GLU A 11 -11.49 5.97 -6.29
C GLU A 11 -11.60 6.63 -7.68
N GLU A 12 -11.12 7.88 -7.82
CA GLU A 12 -10.96 8.54 -9.12
C GLU A 12 -9.87 7.88 -9.96
N LEU A 13 -8.71 7.53 -9.38
CA LEU A 13 -7.64 6.85 -10.08
C LEU A 13 -8.01 5.45 -10.56
N ALA A 14 -8.86 4.74 -9.80
CA ALA A 14 -9.46 3.49 -10.26
C ALA A 14 -10.14 3.65 -11.64
N LYS A 15 -10.88 4.74 -11.85
CA LYS A 15 -11.48 5.10 -13.15
C LYS A 15 -10.44 5.62 -14.15
N ARG A 16 -9.45 6.41 -13.72
CA ARG A 16 -8.45 7.02 -14.63
C ARG A 16 -7.43 6.00 -15.17
N LYS A 17 -7.14 4.94 -14.41
CA LYS A 17 -6.23 3.84 -14.80
C LYS A 17 -6.98 2.57 -15.27
N GLY A 18 -8.30 2.55 -15.12
CA GLY A 18 -9.19 1.49 -15.63
C GLY A 18 -9.09 0.16 -14.88
N LYS A 19 -8.74 0.20 -13.58
CA LYS A 19 -8.54 -0.99 -12.72
C LYS A 19 -9.23 -0.88 -11.36
N ASP A 20 -9.52 -2.03 -10.75
CA ASP A 20 -10.22 -2.12 -9.46
C ASP A 20 -9.26 -1.95 -8.28
N LEU A 21 -9.56 -1.01 -7.38
CA LEU A 21 -8.92 -0.83 -6.08
C LEU A 21 -9.93 -0.60 -4.95
N GLN A 22 -9.57 -0.95 -3.71
CA GLN A 22 -10.36 -0.71 -2.49
C GLN A 22 -9.48 -0.30 -1.31
N LEU A 23 -9.99 0.56 -0.42
CA LEU A 23 -9.35 0.96 0.83
C LEU A 23 -10.04 0.27 2.02
N ARG A 24 -9.25 -0.33 2.92
CA ARG A 24 -9.70 -1.09 4.09
C ARG A 24 -8.80 -0.88 5.32
N ARG A 25 -9.33 -1.13 6.52
CA ARG A 25 -8.69 -0.91 7.83
C ARG A 25 -8.65 -2.22 8.64
N TYR A 26 -7.49 -2.52 9.23
CA TYR A 26 -7.19 -3.80 9.89
C TYR A 26 -6.57 -3.62 11.29
N ASN A 27 -6.81 -4.58 12.18
CA ASN A 27 -6.34 -4.54 13.58
C ASN A 27 -5.13 -5.45 13.86
N ASP A 28 -4.94 -6.55 13.10
CA ASP A 28 -3.89 -7.55 13.31
C ASP A 28 -3.24 -7.99 11.98
N PRO A 29 -1.90 -8.20 11.95
CA PRO A 29 -1.18 -8.60 10.73
C PRO A 29 -1.61 -9.97 10.19
N ASN A 30 -2.08 -10.86 11.07
CA ASN A 30 -2.58 -12.19 10.69
C ASN A 30 -3.78 -12.13 9.75
N GLU A 31 -4.71 -11.19 9.99
CA GLU A 31 -5.88 -10.97 9.14
C GLU A 31 -5.53 -10.19 7.86
N VAL A 32 -4.56 -9.25 7.94
CA VAL A 32 -4.04 -8.51 6.78
C VAL A 32 -3.47 -9.46 5.76
N GLU A 33 -2.67 -10.40 6.24
CA GLU A 33 -1.83 -11.22 5.39
C GLU A 33 -2.64 -11.98 4.34
N LYS A 34 -3.81 -12.49 4.74
CA LYS A 34 -4.72 -13.28 3.89
C LYS A 34 -5.32 -12.44 2.77
N SER A 35 -5.65 -11.18 3.09
CA SER A 35 -6.19 -10.20 2.15
C SER A 35 -5.23 -9.87 1.00
N ILE A 36 -3.91 -9.91 1.26
CA ILE A 36 -2.90 -9.71 0.20
C ILE A 36 -3.02 -10.81 -0.86
N ARG A 37 -3.08 -12.07 -0.44
CA ARG A 37 -3.07 -13.24 -1.33
C ARG A 37 -4.30 -13.28 -2.22
N GLU A 38 -5.45 -12.79 -1.73
CA GLU A 38 -6.68 -12.64 -2.53
C GLU A 38 -6.52 -11.59 -3.63
N ALA A 39 -5.99 -10.41 -3.29
CA ALA A 39 -5.72 -9.34 -4.26
C ALA A 39 -4.74 -9.79 -5.35
N LEU A 40 -3.68 -10.50 -4.98
CA LEU A 40 -2.66 -11.01 -5.90
C LEU A 40 -3.20 -12.14 -6.80
N LYS A 41 -4.06 -13.02 -6.26
CA LYS A 41 -4.72 -14.09 -7.02
C LYS A 41 -5.66 -13.55 -8.10
N LYS A 42 -6.38 -12.47 -7.79
CA LYS A 42 -7.34 -11.82 -8.72
C LYS A 42 -6.71 -10.75 -9.63
N GLY A 43 -5.43 -10.40 -9.44
CA GLY A 43 -4.74 -9.36 -10.20
C GLY A 43 -5.25 -7.94 -9.90
N ARG A 44 -5.73 -7.73 -8.66
CA ARG A 44 -6.37 -6.50 -8.16
C ARG A 44 -5.50 -5.76 -7.14
N THR A 45 -5.87 -4.51 -6.88
CA THR A 45 -5.19 -3.61 -5.94
C THR A 45 -5.95 -3.52 -4.60
N LEU A 46 -5.24 -3.55 -3.49
CA LEU A 46 -5.78 -3.22 -2.16
C LEU A 46 -4.91 -2.18 -1.47
N ILE A 47 -5.56 -1.29 -0.72
CA ILE A 47 -4.91 -0.30 0.13
C ILE A 47 -5.38 -0.55 1.56
N ILE A 48 -4.45 -0.96 2.41
CA ILE A 48 -4.74 -1.45 3.76
C ILE A 48 -4.07 -0.56 4.81
N ILE A 49 -4.83 -0.16 5.82
CA ILE A 49 -4.35 0.65 6.96
C ILE A 49 -4.29 -0.23 8.21
N ILE A 50 -3.11 -0.42 8.77
CA ILE A 50 -2.89 -1.11 10.05
C ILE A 50 -1.96 -0.31 10.96
N ASN A 51 -2.41 0.01 12.17
CA ASN A 51 -1.67 0.79 13.18
C ASN A 51 -1.11 2.13 12.63
N GLY A 52 -1.84 2.75 11.70
CA GLY A 52 -1.46 3.96 10.97
C GLY A 52 -0.49 3.76 9.79
N VAL A 53 -0.13 2.52 9.45
CA VAL A 53 0.77 2.19 8.32
C VAL A 53 -0.06 1.83 7.09
N PHE A 54 0.25 2.45 5.95
CA PHE A 54 -0.40 2.18 4.67
C PHE A 54 0.32 1.06 3.89
N VAL A 55 -0.29 -0.10 3.79
CA VAL A 55 0.19 -1.28 3.04
C VAL A 55 -0.54 -1.34 1.70
N VAL A 56 0.18 -1.10 0.61
CA VAL A 56 -0.36 -1.10 -0.76
C VAL A 56 -0.01 -2.41 -1.47
N VAL A 57 -1.01 -3.14 -1.96
CA VAL A 57 -0.86 -4.38 -2.72
C VAL A 57 -1.35 -4.17 -4.15
N SER A 58 -0.57 -4.56 -5.15
CA SER A 58 -1.03 -4.64 -6.56
C SER A 58 -0.05 -5.48 -7.39
N THR A 59 -0.54 -6.16 -8.42
CA THR A 59 0.29 -6.82 -9.44
C THR A 59 0.81 -5.83 -10.50
N ASP A 60 0.53 -4.53 -10.35
CA ASP A 60 0.97 -3.45 -11.23
C ASP A 60 1.72 -2.36 -10.45
N GLU A 61 3.02 -2.21 -10.69
CA GLU A 61 3.86 -1.19 -10.03
C GLU A 61 3.39 0.25 -10.32
N ASP A 62 2.80 0.48 -11.50
CA ASP A 62 2.18 1.76 -11.87
C ASP A 62 0.96 2.12 -11.00
N LEU A 63 0.25 1.13 -10.46
CA LEU A 63 -0.83 1.36 -9.50
C LEU A 63 -0.28 1.77 -8.14
N ILE A 64 0.69 1.02 -7.59
CA ILE A 64 1.32 1.37 -6.30
C ILE A 64 1.99 2.75 -6.36
N ARG A 65 2.84 3.02 -7.37
CA ARG A 65 3.66 4.25 -7.41
C ARG A 65 2.83 5.53 -7.41
N GLU A 66 1.66 5.53 -8.03
CA GLU A 66 0.71 6.65 -8.00
C GLU A 66 -0.08 6.73 -6.69
N ILE A 67 -0.45 5.59 -6.08
CA ILE A 67 -1.09 5.54 -4.76
C ILE A 67 -0.14 6.11 -3.69
N LYS A 68 1.16 5.79 -3.77
CA LYS A 68 2.17 6.36 -2.86
C LYS A 68 2.20 7.88 -2.92
N ARG A 69 2.00 8.49 -4.09
CA ARG A 69 1.85 9.95 -4.21
C ARG A 69 0.60 10.45 -3.49
N LEU A 70 -0.56 9.80 -3.69
CA LEU A 70 -1.84 10.14 -3.07
C LEU A 70 -1.79 10.09 -1.54
N ILE A 71 -1.13 9.06 -1.00
CA ILE A 71 -0.92 8.88 0.45
C ILE A 71 0.03 9.95 0.97
N LYS A 72 1.17 10.15 0.30
CA LYS A 72 2.22 11.09 0.72
C LYS A 72 1.73 12.54 0.69
N GLU A 73 0.92 12.89 -0.28
CA GLU A 73 0.49 14.29 -0.46
C GLU A 73 -0.62 14.72 0.50
N SER A 74 -1.42 13.75 0.95
CA SER A 74 -2.39 13.93 2.03
C SER A 74 -1.74 13.77 3.41
N ASN A 75 -0.61 13.03 3.50
CA ASN A 75 0.08 12.71 4.75
C ASN A 75 1.61 12.56 4.52
N PRO A 76 2.40 13.65 4.49
CA PRO A 76 3.81 13.58 4.10
C PRO A 76 4.73 12.90 5.12
N ASN A 77 4.25 12.69 6.36
CA ASN A 77 4.97 12.01 7.44
C ASN A 77 4.49 10.57 7.71
N LYS A 78 3.48 10.06 6.97
CA LYS A 78 2.97 8.69 7.15
C LYS A 78 3.88 7.62 6.53
N LYS A 79 3.95 6.45 7.18
CA LYS A 79 4.70 5.27 6.75
C LYS A 79 3.92 4.47 5.70
N THR A 80 4.62 3.92 4.72
CA THR A 80 4.03 3.03 3.68
C THR A 80 4.85 1.75 3.49
N LEU A 81 4.16 0.71 2.99
CA LEU A 81 4.71 -0.56 2.52
C LEU A 81 4.09 -0.90 1.15
N ASP A 82 4.81 -1.65 0.31
CA ASP A 82 4.37 -2.07 -1.01
C ASP A 82 4.65 -3.56 -1.29
N VAL A 83 3.71 -4.24 -1.99
CA VAL A 83 3.71 -5.69 -2.22
C VAL A 83 3.19 -6.01 -3.63
N THR A 84 3.97 -6.76 -4.42
CA THR A 84 3.54 -7.25 -5.75
C THR A 84 3.47 -8.78 -5.90
N THR A 85 4.07 -9.53 -4.98
CA THR A 85 3.96 -10.99 -4.84
C THR A 85 3.85 -11.40 -3.37
N GLU A 86 3.44 -12.64 -3.09
CA GLU A 86 3.42 -13.16 -1.72
C GLU A 86 4.83 -13.31 -1.11
N GLU A 87 5.87 -13.43 -1.95
CA GLU A 87 7.28 -13.35 -1.53
C GLU A 87 7.70 -11.89 -1.23
N ASP A 88 7.20 -10.92 -2.00
CA ASP A 88 7.44 -9.49 -1.75
C ASP A 88 6.87 -9.05 -0.40
N LEU A 89 5.74 -9.64 0.02
CA LEU A 89 5.11 -9.46 1.34
C LEU A 89 6.08 -9.85 2.48
N GLU A 90 6.70 -11.03 2.39
CA GLU A 90 7.67 -11.51 3.39
C GLU A 90 8.97 -10.70 3.38
N GLU A 91 9.39 -10.20 2.21
CA GLU A 91 10.59 -9.37 2.04
C GLU A 91 10.48 -8.00 2.72
N VAL A 92 9.38 -7.29 2.49
CA VAL A 92 9.11 -6.03 3.21
C VAL A 92 8.92 -6.24 4.72
N LEU A 93 8.29 -7.35 5.14
CA LEU A 93 8.22 -7.70 6.56
C LEU A 93 9.61 -8.00 7.15
N ARG A 94 10.51 -8.64 6.38
CA ARG A 94 11.88 -8.94 6.82
C ARG A 94 12.67 -7.67 7.15
N ARG A 95 12.48 -6.61 6.34
CA ARG A 95 13.05 -5.27 6.60
C ARG A 95 12.45 -4.61 7.85
N ILE A 96 11.13 -4.67 8.01
CA ILE A 96 10.42 -4.10 9.17
C ILE A 96 10.82 -4.78 10.49
N LYS A 97 10.99 -6.11 10.52
CA LYS A 97 11.47 -6.86 11.70
C LYS A 97 12.93 -6.55 12.06
N LYS A 98 13.73 -6.03 11.12
CA LYS A 98 15.08 -5.50 11.32
C LYS A 98 15.12 -3.97 11.54
N GLY A 99 13.97 -3.30 11.60
CA GLY A 99 13.84 -1.86 11.88
C GLY A 99 14.06 -0.94 10.67
N SER A 100 14.06 -1.48 9.45
CA SER A 100 14.20 -0.72 8.18
C SER A 100 12.83 -0.41 7.57
N TRP A 101 12.57 0.88 7.28
CA TRP A 101 11.32 1.41 6.72
C TRP A 101 11.62 2.35 5.54
N SER A 102 10.83 2.27 4.48
CA SER A 102 10.99 3.03 3.21
C SER A 102 12.36 2.85 2.51
N LEU A 103 12.51 3.47 1.34
CA LEU A 103 13.67 3.35 0.43
C LEU A 103 14.03 1.88 0.12
N GLU A 104 13.01 1.05 -0.11
CA GLU A 104 13.13 -0.40 -0.29
C GLU A 104 13.47 -0.73 -1.76
N HIS A 105 14.68 -0.35 -2.18
CA HIS A 105 15.13 -0.35 -3.57
C HIS A 105 16.52 -1.03 -3.74
N HIS A 106 16.78 -1.54 -4.95
CA HIS A 106 18.03 -2.21 -5.34
C HIS A 106 18.48 -1.82 -6.77
N HIS A 107 18.31 -0.55 -7.13
CA HIS A 107 18.50 -0.03 -8.51
C HIS A 107 19.95 -0.13 -9.04
N HIS A 108 20.94 -0.26 -8.17
CA HIS A 108 22.36 -0.45 -8.52
C HIS A 108 22.63 -1.91 -8.96
N HIS A 109 22.02 -2.31 -10.09
CA HIS A 109 22.02 -3.68 -10.63
C HIS A 109 22.26 -3.74 -12.15
N HIS A 110 21.85 -2.70 -12.89
CA HIS A 110 22.03 -2.58 -14.35
C HIS A 110 23.40 -1.99 -14.75
N GLY A 1 -11.20 11.28 9.32
CA GLY A 1 -9.81 10.78 9.18
C GLY A 1 -9.24 11.09 7.80
N SER A 2 -7.91 11.17 7.69
CA SER A 2 -7.21 11.47 6.43
C SER A 2 -7.43 10.40 5.35
N ASP A 3 -7.78 9.18 5.74
CA ASP A 3 -8.08 8.07 4.83
C ASP A 3 -9.32 8.32 3.96
N GLU A 4 -10.35 9.01 4.46
CA GLU A 4 -11.50 9.43 3.64
C GLU A 4 -11.14 10.59 2.69
N GLU A 5 -10.18 11.43 3.06
CA GLU A 5 -9.65 12.51 2.20
C GLU A 5 -8.74 11.96 1.08
N ILE A 6 -8.07 10.83 1.30
CA ILE A 6 -7.36 10.07 0.27
C ILE A 6 -8.32 9.22 -0.58
N ARG A 7 -9.38 8.67 0.02
CA ARG A 7 -10.30 7.72 -0.65
C ARG A 7 -10.91 8.29 -1.94
N LYS A 8 -11.29 9.57 -1.92
CA LYS A 8 -11.78 10.31 -3.10
C LYS A 8 -10.75 10.37 -4.25
N LYS A 9 -9.45 10.40 -3.92
CA LYS A 9 -8.33 10.44 -4.87
C LYS A 9 -8.13 9.07 -5.52
N LEU A 10 -8.34 8.00 -4.75
CA LEU A 10 -8.34 6.61 -5.22
C LEU A 10 -9.53 6.34 -6.16
N GLU A 11 -10.73 6.85 -5.84
CA GLU A 11 -11.90 6.76 -6.71
C GLU A 11 -11.75 7.51 -8.03
N GLU A 12 -10.93 8.55 -8.10
CA GLU A 12 -10.57 9.21 -9.36
C GLU A 12 -9.54 8.41 -10.17
N LEU A 13 -8.57 7.76 -9.53
CA LEU A 13 -7.62 6.86 -10.20
C LEU A 13 -8.30 5.67 -10.86
N ALA A 14 -9.41 5.19 -10.29
CA ALA A 14 -10.26 4.17 -10.90
C ALA A 14 -10.73 4.57 -12.31
N LYS A 15 -11.00 5.87 -12.55
CA LYS A 15 -11.30 6.40 -13.91
C LYS A 15 -10.03 6.54 -14.77
N ARG A 16 -8.88 6.90 -14.20
CA ARG A 16 -7.63 7.08 -14.96
C ARG A 16 -7.11 5.75 -15.52
N LYS A 17 -7.11 4.69 -14.69
CA LYS A 17 -6.57 3.37 -15.04
C LYS A 17 -7.62 2.33 -15.44
N GLY A 18 -8.91 2.59 -15.18
CA GLY A 18 -10.00 1.63 -15.43
C GLY A 18 -9.99 0.39 -14.50
N LYS A 19 -9.27 0.44 -13.37
CA LYS A 19 -9.12 -0.66 -12.39
C LYS A 19 -9.94 -0.44 -11.12
N ASP A 20 -10.17 -1.52 -10.36
CA ASP A 20 -10.76 -1.47 -9.02
C ASP A 20 -9.67 -1.29 -7.96
N LEU A 21 -9.78 -0.24 -7.14
CA LEU A 21 -8.96 -0.04 -5.93
C LEU A 21 -9.89 -0.09 -4.70
N GLN A 22 -9.48 -0.76 -3.62
CA GLN A 22 -10.30 -0.92 -2.40
C GLN A 22 -9.50 -0.61 -1.12
N LEU A 23 -10.16 0.00 -0.13
CA LEU A 23 -9.60 0.41 1.17
C LEU A 23 -10.24 -0.37 2.32
N ARG A 24 -9.44 -1.04 3.16
CA ARG A 24 -9.87 -1.79 4.35
C ARG A 24 -8.88 -1.67 5.51
N ARG A 25 -9.33 -1.37 6.73
CA ARG A 25 -8.50 -1.29 7.95
C ARG A 25 -8.30 -2.67 8.58
N TYR A 26 -7.10 -2.95 9.11
CA TYR A 26 -6.74 -4.23 9.75
C TYR A 26 -6.01 -4.05 11.10
N ASN A 27 -6.12 -5.07 11.96
CA ASN A 27 -5.61 -5.05 13.34
C ASN A 27 -4.37 -5.94 13.57
N ASP A 28 -4.02 -6.86 12.65
CA ASP A 28 -2.84 -7.73 12.76
C ASP A 28 -2.25 -8.12 11.39
N PRO A 29 -0.91 -8.27 11.28
CA PRO A 29 -0.26 -8.88 10.11
C PRO A 29 -0.84 -10.26 9.72
N ASN A 30 -1.30 -11.07 10.68
CA ASN A 30 -1.87 -12.39 10.39
C ASN A 30 -3.27 -12.32 9.75
N GLU A 31 -4.04 -11.27 10.04
CA GLU A 31 -5.35 -11.05 9.41
C GLU A 31 -5.20 -10.40 8.04
N VAL A 32 -4.22 -9.49 7.90
CA VAL A 32 -4.00 -8.73 6.65
C VAL A 32 -3.41 -9.62 5.55
N GLU A 33 -2.58 -10.60 5.91
CA GLU A 33 -1.99 -11.62 5.02
C GLU A 33 -3.02 -12.21 4.04
N LYS A 34 -4.25 -12.49 4.51
CA LYS A 34 -5.35 -13.03 3.70
C LYS A 34 -5.82 -12.01 2.65
N SER A 35 -5.92 -10.74 3.02
CA SER A 35 -6.21 -9.63 2.11
C SER A 35 -5.16 -9.49 1.01
N ILE A 36 -3.86 -9.66 1.34
CA ILE A 36 -2.79 -9.64 0.35
C ILE A 36 -2.93 -10.81 -0.64
N ARG A 37 -3.12 -12.03 -0.13
CA ARG A 37 -3.26 -13.25 -0.95
C ARG A 37 -4.45 -13.16 -1.91
N GLU A 38 -5.56 -12.56 -1.49
CA GLU A 38 -6.73 -12.35 -2.36
C GLU A 38 -6.41 -11.33 -3.47
N ALA A 39 -5.83 -10.19 -3.10
CA ALA A 39 -5.47 -9.13 -4.04
C ALA A 39 -4.50 -9.61 -5.13
N LEU A 40 -3.49 -10.40 -4.75
CA LEU A 40 -2.47 -10.90 -5.66
C LEU A 40 -3.03 -11.98 -6.59
N LYS A 41 -3.81 -12.94 -6.07
CA LYS A 41 -4.36 -14.03 -6.87
C LYS A 41 -5.48 -13.61 -7.82
N LYS A 42 -6.20 -12.52 -7.50
CA LYS A 42 -7.23 -11.90 -8.36
C LYS A 42 -6.71 -10.74 -9.24
N GLY A 43 -5.44 -10.37 -9.10
CA GLY A 43 -4.78 -9.33 -9.92
C GLY A 43 -5.30 -7.91 -9.66
N ARG A 44 -5.76 -7.64 -8.43
CA ARG A 44 -6.38 -6.38 -8.00
C ARG A 44 -5.54 -5.57 -7.01
N THR A 45 -5.91 -4.31 -6.83
CA THR A 45 -5.21 -3.35 -5.98
C THR A 45 -5.99 -3.11 -4.69
N LEU A 46 -5.39 -3.52 -3.58
CA LEU A 46 -5.96 -3.39 -2.25
C LEU A 46 -5.02 -2.59 -1.36
N ILE A 47 -5.59 -1.65 -0.63
CA ILE A 47 -4.89 -0.72 0.23
C ILE A 47 -5.39 -0.93 1.66
N ILE A 48 -4.45 -1.13 2.58
CA ILE A 48 -4.75 -1.37 3.99
C ILE A 48 -4.12 -0.31 4.87
N ILE A 49 -4.84 0.03 5.95
CA ILE A 49 -4.33 0.85 7.05
C ILE A 49 -4.24 -0.05 8.29
N ILE A 50 -3.02 -0.27 8.77
CA ILE A 50 -2.71 -1.11 9.93
C ILE A 50 -1.71 -0.41 10.85
N ASN A 51 -2.07 -0.24 12.13
CA ASN A 51 -1.29 0.52 13.12
C ASN A 51 -0.88 1.93 12.63
N GLY A 52 -1.72 2.54 11.78
CA GLY A 52 -1.48 3.81 11.11
C GLY A 52 -0.59 3.77 9.85
N VAL A 53 -0.10 2.59 9.43
CA VAL A 53 0.77 2.38 8.26
C VAL A 53 -0.07 2.03 7.03
N PHE A 54 0.22 2.65 5.89
CA PHE A 54 -0.44 2.35 4.61
C PHE A 54 0.27 1.21 3.85
N VAL A 55 -0.37 0.06 3.73
CA VAL A 55 0.13 -1.13 3.01
C VAL A 55 -0.58 -1.22 1.67
N VAL A 56 0.15 -1.01 0.57
CA VAL A 56 -0.38 -1.01 -0.80
C VAL A 56 -0.02 -2.31 -1.52
N VAL A 57 -1.02 -3.16 -1.83
CA VAL A 57 -0.85 -4.42 -2.56
C VAL A 57 -1.36 -4.26 -3.99
N SER A 58 -0.54 -4.61 -4.99
CA SER A 58 -0.96 -4.73 -6.39
C SER A 58 0.06 -5.56 -7.19
N THR A 59 -0.39 -6.27 -8.22
CA THR A 59 0.51 -7.00 -9.16
C THR A 59 1.13 -6.07 -10.20
N ASP A 60 0.89 -4.76 -10.12
CA ASP A 60 1.42 -3.72 -11.01
C ASP A 60 2.09 -2.58 -10.23
N GLU A 61 3.40 -2.38 -10.41
CA GLU A 61 4.14 -1.29 -9.77
C GLU A 61 3.61 0.11 -10.17
N ASP A 62 3.07 0.26 -11.38
CA ASP A 62 2.45 1.50 -11.85
C ASP A 62 1.15 1.85 -11.09
N LEU A 63 0.47 0.86 -10.50
CA LEU A 63 -0.65 1.08 -9.59
C LEU A 63 -0.18 1.55 -8.20
N ILE A 64 0.80 0.88 -7.60
CA ILE A 64 1.35 1.28 -6.29
C ILE A 64 1.98 2.67 -6.35
N ARG A 65 2.86 2.94 -7.32
CA ARG A 65 3.64 4.20 -7.37
C ARG A 65 2.76 5.45 -7.50
N GLU A 66 1.63 5.35 -8.18
CA GLU A 66 0.65 6.43 -8.29
C GLU A 66 -0.20 6.56 -7.01
N ILE A 67 -0.49 5.46 -6.30
CA ILE A 67 -1.18 5.51 -5.00
C ILE A 67 -0.29 6.14 -3.92
N LYS A 68 1.00 5.75 -3.87
CA LYS A 68 1.98 6.28 -2.91
C LYS A 68 2.07 7.81 -2.97
N ARG A 69 2.02 8.39 -4.17
CA ARG A 69 1.91 9.84 -4.39
C ARG A 69 0.68 10.42 -3.68
N LEU A 70 -0.51 9.89 -3.94
CA LEU A 70 -1.78 10.42 -3.41
C LEU A 70 -1.87 10.30 -1.89
N ILE A 71 -1.30 9.23 -1.32
CA ILE A 71 -1.16 9.05 0.14
C ILE A 71 -0.20 10.08 0.71
N LYS A 72 0.99 10.21 0.12
CA LYS A 72 2.07 11.08 0.62
C LYS A 72 1.76 12.59 0.47
N GLU A 73 0.99 12.98 -0.54
CA GLU A 73 0.48 14.35 -0.66
C GLU A 73 -0.40 14.77 0.53
N SER A 74 -1.23 13.85 1.02
CA SER A 74 -2.21 14.10 2.08
C SER A 74 -1.65 13.85 3.48
N ASN A 75 -0.72 12.90 3.62
CA ASN A 75 0.02 12.62 4.86
C ASN A 75 1.54 12.44 4.56
N PRO A 76 2.32 13.52 4.42
CA PRO A 76 3.75 13.44 4.07
C PRO A 76 4.62 12.78 5.16
N ASN A 77 4.15 12.76 6.41
CA ASN A 77 4.85 12.13 7.54
C ASN A 77 4.57 10.62 7.69
N LYS A 78 3.55 10.08 7.02
CA LYS A 78 3.13 8.67 7.18
C LYS A 78 4.09 7.66 6.57
N LYS A 79 4.21 6.51 7.23
CA LYS A 79 4.93 5.32 6.78
C LYS A 79 4.10 4.53 5.77
N THR A 80 4.76 3.88 4.82
CA THR A 80 4.12 3.00 3.82
C THR A 80 4.85 1.67 3.64
N LEU A 81 4.12 0.68 3.12
CA LEU A 81 4.61 -0.61 2.67
C LEU A 81 4.01 -0.91 1.29
N ASP A 82 4.72 -1.70 0.48
CA ASP A 82 4.29 -2.12 -0.86
C ASP A 82 4.59 -3.59 -1.13
N VAL A 83 3.70 -4.27 -1.87
CA VAL A 83 3.71 -5.71 -2.10
C VAL A 83 3.23 -6.06 -3.50
N THR A 84 4.03 -6.81 -4.28
CA THR A 84 3.63 -7.35 -5.60
C THR A 84 3.57 -8.87 -5.72
N THR A 85 4.18 -9.60 -4.77
CA THR A 85 4.11 -11.06 -4.64
C THR A 85 4.06 -11.49 -3.17
N GLU A 86 3.74 -12.76 -2.90
CA GLU A 86 3.83 -13.34 -1.55
C GLU A 86 5.29 -13.39 -1.01
N GLU A 87 6.29 -13.42 -1.90
CA GLU A 87 7.70 -13.27 -1.54
C GLU A 87 8.04 -11.81 -1.21
N ASP A 88 7.43 -10.84 -1.89
CA ASP A 88 7.57 -9.41 -1.59
C ASP A 88 6.97 -9.05 -0.23
N LEU A 89 5.84 -9.68 0.14
CA LEU A 89 5.21 -9.58 1.47
C LEU A 89 6.18 -10.00 2.59
N GLU A 90 6.79 -11.19 2.46
CA GLU A 90 7.83 -11.67 3.37
C GLU A 90 9.02 -10.70 3.44
N GLU A 91 9.47 -10.19 2.30
CA GLU A 91 10.63 -9.29 2.23
C GLU A 91 10.37 -7.95 2.97
N VAL A 92 9.19 -7.34 2.82
CA VAL A 92 8.83 -6.13 3.58
C VAL A 92 8.52 -6.38 5.05
N LEU A 93 7.88 -7.50 5.41
CA LEU A 93 7.69 -7.87 6.82
C LEU A 93 9.03 -8.11 7.51
N ARG A 94 10.00 -8.75 6.84
CA ARG A 94 11.33 -9.00 7.38
C ARG A 94 12.16 -7.72 7.52
N ARG A 95 12.04 -6.78 6.56
CA ARG A 95 12.59 -5.42 6.68
C ARG A 95 12.05 -4.70 7.92
N ILE A 96 10.74 -4.74 8.16
CA ILE A 96 10.10 -4.10 9.32
C ILE A 96 10.61 -4.70 10.64
N LYS A 97 10.76 -6.03 10.74
CA LYS A 97 11.34 -6.68 11.94
C LYS A 97 12.83 -6.36 12.12
N LYS A 98 13.56 -6.09 11.04
CA LYS A 98 14.97 -5.64 11.03
C LYS A 98 15.14 -4.11 11.18
N GLY A 99 14.05 -3.36 11.37
CA GLY A 99 14.06 -1.91 11.62
C GLY A 99 14.11 -1.01 10.37
N SER A 100 13.88 -1.56 9.17
CA SER A 100 13.81 -0.83 7.89
C SER A 100 12.35 -0.56 7.49
N TRP A 101 11.99 0.73 7.34
CA TRP A 101 10.63 1.21 7.08
C TRP A 101 10.58 2.10 5.82
N SER A 102 9.44 2.11 5.12
CA SER A 102 9.24 2.83 3.85
C SER A 102 10.35 2.57 2.82
N LEU A 103 10.76 1.30 2.69
CA LEU A 103 11.96 0.87 1.94
C LEU A 103 11.70 0.79 0.43
N GLU A 104 11.50 1.95 -0.20
CA GLU A 104 11.39 2.11 -1.65
C GLU A 104 12.75 2.19 -2.37
N HIS A 105 12.74 2.00 -3.69
CA HIS A 105 13.90 2.21 -4.58
C HIS A 105 13.45 2.90 -5.90
N HIS A 106 14.42 3.28 -6.76
CA HIS A 106 14.18 4.00 -8.02
C HIS A 106 13.38 5.30 -7.83
N HIS A 107 13.89 6.18 -6.96
CA HIS A 107 13.19 7.37 -6.45
C HIS A 107 12.83 8.44 -7.50
N HIS A 108 13.58 8.51 -8.61
CA HIS A 108 13.44 9.54 -9.67
C HIS A 108 13.44 11.00 -9.15
N HIS A 109 14.21 11.27 -8.09
CA HIS A 109 14.37 12.61 -7.50
C HIS A 109 15.25 13.55 -8.34
N HIS A 110 15.19 14.85 -8.04
CA HIS A 110 15.93 15.95 -8.69
C HIS A 110 15.80 15.95 -10.24
N GLY A 1 -11.30 9.43 8.63
CA GLY A 1 -10.42 10.62 8.77
C GLY A 1 -9.69 10.92 7.47
N SER A 2 -8.37 11.15 7.54
CA SER A 2 -7.54 11.48 6.36
C SER A 2 -7.49 10.36 5.32
N ASP A 3 -7.72 9.11 5.73
CA ASP A 3 -7.90 7.96 4.84
C ASP A 3 -9.11 8.12 3.89
N GLU A 4 -10.21 8.71 4.34
CA GLU A 4 -11.38 9.02 3.50
C GLU A 4 -11.12 10.23 2.58
N GLU A 5 -10.25 11.16 2.99
CA GLU A 5 -9.82 12.29 2.17
C GLU A 5 -8.85 11.86 1.05
N ILE A 6 -8.10 10.78 1.27
CA ILE A 6 -7.31 10.11 0.22
C ILE A 6 -8.20 9.22 -0.66
N ARG A 7 -9.20 8.55 -0.08
CA ARG A 7 -10.04 7.55 -0.79
C ARG A 7 -10.64 8.12 -2.09
N LYS A 8 -11.13 9.36 -2.06
CA LYS A 8 -11.68 10.07 -3.23
C LYS A 8 -10.66 10.25 -4.36
N LYS A 9 -9.37 10.41 -4.04
CA LYS A 9 -8.25 10.57 -4.99
C LYS A 9 -7.97 9.23 -5.68
N LEU A 10 -8.11 8.14 -4.94
CA LEU A 10 -7.96 6.76 -5.41
C LEU A 10 -9.14 6.31 -6.26
N GLU A 11 -10.35 6.83 -6.02
CA GLU A 11 -11.51 6.60 -6.89
C GLU A 11 -11.40 7.34 -8.23
N GLU A 12 -10.80 8.53 -8.26
CA GLU A 12 -10.45 9.19 -9.53
C GLU A 12 -9.36 8.39 -10.28
N LEU A 13 -8.37 7.85 -9.57
CA LEU A 13 -7.32 7.00 -10.15
C LEU A 13 -7.90 5.68 -10.71
N ALA A 14 -8.91 5.13 -10.04
CA ALA A 14 -9.66 3.95 -10.49
C ALA A 14 -10.36 4.20 -11.84
N LYS A 15 -10.92 5.41 -12.05
CA LYS A 15 -11.49 5.84 -13.34
C LYS A 15 -10.41 6.10 -14.42
N ARG A 16 -9.22 6.55 -14.02
CA ARG A 16 -8.09 6.82 -14.94
C ARG A 16 -7.54 5.53 -15.54
N LYS A 17 -7.35 4.49 -14.71
CA LYS A 17 -6.72 3.21 -15.13
C LYS A 17 -7.70 2.06 -15.35
N GLY A 18 -8.97 2.23 -14.97
CA GLY A 18 -10.03 1.23 -15.17
C GLY A 18 -9.95 0.00 -14.25
N LYS A 19 -9.17 0.07 -13.16
CA LYS A 19 -9.07 -0.96 -12.11
C LYS A 19 -9.85 -0.53 -10.86
N ASP A 20 -10.32 -1.48 -10.06
CA ASP A 20 -11.09 -1.21 -8.84
C ASP A 20 -10.16 -1.14 -7.61
N LEU A 21 -10.09 0.03 -6.95
CA LEU A 21 -9.25 0.29 -5.78
C LEU A 21 -10.13 0.40 -4.51
N GLN A 22 -9.78 -0.34 -3.45
CA GLN A 22 -10.55 -0.45 -2.20
C GLN A 22 -9.66 -0.13 -0.98
N LEU A 23 -10.24 0.46 0.07
CA LEU A 23 -9.61 0.68 1.37
C LEU A 23 -10.17 -0.28 2.45
N ARG A 24 -9.29 -0.88 3.25
CA ARG A 24 -9.64 -1.68 4.44
C ARG A 24 -8.64 -1.46 5.59
N ARG A 25 -9.10 -1.64 6.83
CA ARG A 25 -8.28 -1.56 8.07
C ARG A 25 -8.06 -2.94 8.69
N TYR A 26 -6.87 -3.18 9.23
CA TYR A 26 -6.46 -4.46 9.82
C TYR A 26 -5.70 -4.32 11.15
N ASN A 27 -5.80 -5.34 12.00
CA ASN A 27 -5.32 -5.32 13.39
C ASN A 27 -4.12 -6.24 13.68
N ASP A 28 -3.76 -7.17 12.77
CA ASP A 28 -2.60 -8.07 12.94
C ASP A 28 -1.97 -8.46 11.58
N PRO A 29 -0.63 -8.62 11.51
CA PRO A 29 0.05 -9.23 10.36
C PRO A 29 -0.53 -10.58 9.91
N ASN A 30 -1.05 -11.40 10.83
CA ASN A 30 -1.62 -12.71 10.49
C ASN A 30 -2.98 -12.63 9.79
N GLU A 31 -3.79 -11.61 10.10
CA GLU A 31 -5.08 -11.38 9.45
C GLU A 31 -4.89 -10.64 8.12
N VAL A 32 -3.91 -9.73 8.06
CA VAL A 32 -3.70 -8.85 6.90
C VAL A 32 -3.13 -9.61 5.70
N GLU A 33 -2.29 -10.61 5.96
CA GLU A 33 -1.68 -11.51 4.96
C GLU A 33 -2.72 -12.06 3.98
N LYS A 34 -3.87 -12.51 4.50
CA LYS A 34 -4.94 -13.13 3.69
C LYS A 34 -5.54 -12.12 2.71
N SER A 35 -5.67 -10.86 3.13
CA SER A 35 -6.08 -9.75 2.26
C SER A 35 -5.10 -9.54 1.09
N ILE A 36 -3.79 -9.66 1.34
CA ILE A 36 -2.77 -9.54 0.29
C ILE A 36 -2.89 -10.70 -0.70
N ARG A 37 -3.00 -11.93 -0.20
CA ARG A 37 -3.09 -13.14 -1.03
C ARG A 37 -4.31 -13.12 -1.95
N GLU A 38 -5.45 -12.59 -1.51
CA GLU A 38 -6.64 -12.43 -2.35
C GLU A 38 -6.41 -11.39 -3.46
N ALA A 39 -5.84 -10.24 -3.12
CA ALA A 39 -5.51 -9.17 -4.07
C ALA A 39 -4.54 -9.66 -5.17
N LEU A 40 -3.51 -10.41 -4.79
CA LEU A 40 -2.50 -10.92 -5.71
C LEU A 40 -3.07 -12.06 -6.59
N LYS A 41 -3.90 -12.94 -6.02
CA LYS A 41 -4.52 -14.05 -6.76
C LYS A 41 -5.54 -13.59 -7.81
N LYS A 42 -6.21 -12.45 -7.56
CA LYS A 42 -7.20 -11.85 -8.47
C LYS A 42 -6.63 -10.74 -9.39
N GLY A 43 -5.37 -10.33 -9.20
CA GLY A 43 -4.74 -9.25 -9.97
C GLY A 43 -5.31 -7.86 -9.65
N ARG A 44 -5.78 -7.66 -8.41
CA ARG A 44 -6.49 -6.47 -7.92
C ARG A 44 -5.66 -5.60 -6.99
N THR A 45 -6.09 -4.35 -6.84
CA THR A 45 -5.45 -3.35 -5.99
C THR A 45 -6.21 -3.16 -4.68
N LEU A 46 -5.54 -3.44 -3.55
CA LEU A 46 -6.04 -3.15 -2.21
C LEU A 46 -5.09 -2.18 -1.50
N ILE A 47 -5.68 -1.22 -0.80
CA ILE A 47 -4.98 -0.22 0.00
C ILE A 47 -5.38 -0.45 1.46
N ILE A 48 -4.41 -0.80 2.27
CA ILE A 48 -4.65 -1.30 3.63
C ILE A 48 -4.00 -0.39 4.67
N ILE A 49 -4.66 -0.24 5.83
CA ILE A 49 -4.17 0.54 6.96
C ILE A 49 -4.03 -0.39 8.18
N ILE A 50 -2.80 -0.58 8.67
CA ILE A 50 -2.47 -1.40 9.83
C ILE A 50 -1.47 -0.69 10.74
N ASN A 51 -1.81 -0.55 12.03
CA ASN A 51 -1.02 0.19 13.03
C ASN A 51 -0.62 1.61 12.58
N GLY A 52 -1.47 2.24 11.77
CA GLY A 52 -1.25 3.55 11.14
C GLY A 52 -0.37 3.54 9.87
N VAL A 53 0.10 2.37 9.41
CA VAL A 53 0.95 2.23 8.20
C VAL A 53 0.08 1.94 6.99
N PHE A 54 0.33 2.63 5.87
CA PHE A 54 -0.36 2.39 4.59
C PHE A 54 0.36 1.28 3.81
N VAL A 55 -0.26 0.11 3.70
CA VAL A 55 0.24 -1.07 2.98
C VAL A 55 -0.50 -1.16 1.64
N VAL A 56 0.22 -0.89 0.55
CA VAL A 56 -0.35 -0.87 -0.81
C VAL A 56 -0.03 -2.17 -1.55
N VAL A 57 -1.06 -2.90 -1.98
CA VAL A 57 -0.94 -4.17 -2.72
C VAL A 57 -1.53 -4.02 -4.12
N SER A 58 -0.77 -4.40 -5.15
CA SER A 58 -1.25 -4.54 -6.53
C SER A 58 -0.27 -5.41 -7.33
N THR A 59 -0.72 -6.07 -8.39
CA THR A 59 0.15 -6.77 -9.35
C THR A 59 0.71 -5.80 -10.41
N ASP A 60 0.40 -4.51 -10.32
CA ASP A 60 0.90 -3.45 -11.21
C ASP A 60 1.65 -2.38 -10.42
N GLU A 61 2.97 -2.27 -10.64
CA GLU A 61 3.84 -1.28 -9.98
C GLU A 61 3.40 0.17 -10.25
N ASP A 62 2.83 0.44 -11.43
CA ASP A 62 2.28 1.74 -11.80
C ASP A 62 1.05 2.13 -10.96
N LEU A 63 0.28 1.15 -10.48
CA LEU A 63 -0.83 1.40 -9.57
C LEU A 63 -0.35 1.75 -8.15
N ILE A 64 0.63 1.01 -7.62
CA ILE A 64 1.24 1.34 -6.32
C ILE A 64 1.93 2.71 -6.36
N ARG A 65 2.80 2.98 -7.33
CA ARG A 65 3.60 4.24 -7.35
C ARG A 65 2.74 5.50 -7.45
N GLU A 66 1.60 5.42 -8.12
CA GLU A 66 0.63 6.53 -8.18
C GLU A 66 -0.18 6.66 -6.88
N ILE A 67 -0.52 5.55 -6.22
CA ILE A 67 -1.18 5.57 -4.90
C ILE A 67 -0.25 6.19 -3.85
N LYS A 68 1.03 5.79 -3.84
CA LYS A 68 2.05 6.32 -2.92
C LYS A 68 2.16 7.83 -3.02
N ARG A 69 2.13 8.40 -4.22
CA ARG A 69 2.10 9.87 -4.43
C ARG A 69 0.85 10.50 -3.83
N LEU A 70 -0.34 9.95 -4.06
CA LEU A 70 -1.60 10.51 -3.56
C LEU A 70 -1.72 10.40 -2.02
N ILE A 71 -1.15 9.36 -1.41
CA ILE A 71 -1.01 9.23 0.05
C ILE A 71 0.00 10.26 0.58
N LYS A 72 1.17 10.37 -0.06
CA LYS A 72 2.27 11.27 0.32
C LYS A 72 1.90 12.75 0.22
N GLU A 73 1.06 13.14 -0.74
CA GLU A 73 0.51 14.50 -0.83
C GLU A 73 -0.31 14.89 0.41
N SER A 74 -1.11 13.96 0.92
CA SER A 74 -2.06 14.21 2.02
C SER A 74 -1.47 13.92 3.40
N ASN A 75 -0.49 13.00 3.50
CA ASN A 75 0.27 12.70 4.71
C ASN A 75 1.78 12.55 4.37
N PRO A 76 2.54 13.65 4.22
CA PRO A 76 3.92 13.61 3.72
C PRO A 76 4.94 13.00 4.68
N ASN A 77 4.60 12.81 5.96
CA ASN A 77 5.43 12.17 6.99
C ASN A 77 5.15 10.67 7.19
N LYS A 78 4.05 10.13 6.63
CA LYS A 78 3.56 8.78 6.93
C LYS A 78 4.49 7.65 6.44
N LYS A 79 4.51 6.57 7.20
CA LYS A 79 5.15 5.29 6.84
C LYS A 79 4.25 4.54 5.85
N THR A 80 4.86 3.93 4.83
CA THR A 80 4.17 3.10 3.82
C THR A 80 4.89 1.78 3.59
N LEU A 81 4.17 0.83 3.00
CA LEU A 81 4.65 -0.47 2.54
C LEU A 81 4.07 -0.77 1.16
N ASP A 82 4.79 -1.55 0.34
CA ASP A 82 4.42 -1.89 -1.03
C ASP A 82 4.70 -3.37 -1.34
N VAL A 83 3.76 -4.03 -2.05
CA VAL A 83 3.75 -5.47 -2.30
C VAL A 83 3.19 -5.79 -3.69
N THR A 84 3.91 -6.61 -4.46
CA THR A 84 3.46 -7.13 -5.77
C THR A 84 3.48 -8.67 -5.91
N THR A 85 4.10 -9.36 -4.96
CA THR A 85 4.16 -10.84 -4.85
C THR A 85 4.14 -11.28 -3.38
N GLU A 86 3.87 -12.55 -3.09
CA GLU A 86 3.94 -13.07 -1.71
C GLU A 86 5.37 -13.09 -1.14
N GLU A 87 6.38 -13.21 -2.01
CA GLU A 87 7.79 -13.03 -1.63
C GLU A 87 8.09 -11.56 -1.26
N ASP A 88 7.40 -10.62 -1.92
CA ASP A 88 7.50 -9.18 -1.68
C ASP A 88 6.85 -8.81 -0.32
N LEU A 89 5.73 -9.46 0.02
CA LEU A 89 5.08 -9.36 1.33
C LEU A 89 6.03 -9.82 2.46
N GLU A 90 6.59 -11.03 2.34
CA GLU A 90 7.48 -11.56 3.39
C GLU A 90 8.77 -10.75 3.53
N GLU A 91 9.29 -10.21 2.44
CA GLU A 91 10.43 -9.28 2.47
C GLU A 91 10.11 -8.01 3.28
N VAL A 92 8.98 -7.34 3.01
CA VAL A 92 8.62 -6.13 3.78
C VAL A 92 8.21 -6.42 5.21
N LEU A 93 7.55 -7.55 5.50
CA LEU A 93 7.29 -7.98 6.88
C LEU A 93 8.59 -8.29 7.65
N ARG A 94 9.64 -8.81 6.98
CA ARG A 94 10.94 -9.03 7.62
C ARG A 94 11.63 -7.69 7.94
N ARG A 95 11.53 -6.71 7.03
CA ARG A 95 12.00 -5.33 7.24
C ARG A 95 11.27 -4.62 8.38
N ILE A 96 9.96 -4.83 8.55
CA ILE A 96 9.19 -4.29 9.68
C ILE A 96 9.76 -4.80 11.02
N LYS A 97 10.11 -6.09 11.13
CA LYS A 97 10.72 -6.68 12.33
C LYS A 97 12.18 -6.24 12.54
N LYS A 98 12.92 -5.97 11.46
CA LYS A 98 14.31 -5.46 11.48
C LYS A 98 14.42 -3.93 11.66
N GLY A 99 13.31 -3.20 11.67
CA GLY A 99 13.29 -1.73 11.80
C GLY A 99 13.63 -0.95 10.52
N SER A 100 13.60 -1.61 9.36
CA SER A 100 13.91 -1.03 8.03
C SER A 100 12.65 -0.52 7.31
N TRP A 101 11.80 0.22 8.03
CA TRP A 101 10.51 0.75 7.56
C TRP A 101 10.73 1.82 6.47
N SER A 102 9.88 1.85 5.44
CA SER A 102 10.05 2.75 4.29
C SER A 102 9.62 4.20 4.59
N LEU A 103 10.17 5.16 3.83
CA LEU A 103 10.07 6.61 4.06
C LEU A 103 10.64 7.04 5.42
N GLU A 104 11.83 6.53 5.72
CA GLU A 104 12.57 6.76 6.96
C GLU A 104 13.17 8.18 7.07
N HIS A 105 13.13 8.76 8.27
CA HIS A 105 13.80 10.00 8.73
C HIS A 105 13.60 11.30 7.92
N HIS A 106 12.75 11.32 6.88
CA HIS A 106 12.61 12.42 5.93
C HIS A 106 11.13 12.74 5.61
N HIS A 107 10.90 13.88 4.95
CA HIS A 107 9.60 14.25 4.37
C HIS A 107 9.72 15.06 3.05
N HIS A 108 10.76 15.90 2.92
CA HIS A 108 11.05 16.64 1.68
C HIS A 108 12.58 16.81 1.49
N HIS A 109 13.03 16.93 0.24
CA HIS A 109 14.44 17.17 -0.12
C HIS A 109 14.83 18.66 -0.03
N HIS A 110 16.12 18.96 -0.16
CA HIS A 110 16.70 20.31 -0.16
C HIS A 110 16.21 21.18 -1.36
N GLY A 1 -10.90 11.69 9.71
CA GLY A 1 -9.73 10.81 9.45
C GLY A 1 -9.13 11.09 8.08
N SER A 2 -7.81 11.34 8.04
CA SER A 2 -7.08 11.70 6.81
C SER A 2 -7.06 10.60 5.74
N ASP A 3 -7.34 9.35 6.12
CA ASP A 3 -7.53 8.21 5.22
C ASP A 3 -8.81 8.29 4.38
N GLU A 4 -9.90 8.85 4.93
CA GLU A 4 -11.14 9.10 4.18
C GLU A 4 -10.94 10.20 3.12
N GLU A 5 -10.01 11.13 3.36
CA GLU A 5 -9.62 12.17 2.41
C GLU A 5 -8.76 11.62 1.25
N ILE A 6 -8.01 10.53 1.45
CA ILE A 6 -7.36 9.80 0.35
C ILE A 6 -8.36 8.95 -0.43
N ARG A 7 -9.36 8.38 0.25
CA ARG A 7 -10.31 7.41 -0.34
C ARG A 7 -11.05 7.98 -1.57
N LYS A 8 -11.44 9.25 -1.51
CA LYS A 8 -12.03 10.00 -2.64
C LYS A 8 -11.09 10.17 -3.84
N LYS A 9 -9.77 10.31 -3.60
CA LYS A 9 -8.74 10.44 -4.64
C LYS A 9 -8.49 9.08 -5.30
N LEU A 10 -8.52 8.02 -4.49
CA LEU A 10 -8.38 6.64 -4.94
C LEU A 10 -9.52 6.18 -5.88
N GLU A 11 -10.75 6.62 -5.60
CA GLU A 11 -11.90 6.33 -6.45
C GLU A 11 -11.85 7.07 -7.80
N GLU A 12 -11.22 8.24 -7.89
CA GLU A 12 -10.96 8.86 -9.21
C GLU A 12 -9.75 8.21 -9.90
N LEU A 13 -8.77 7.71 -9.14
CA LEU A 13 -7.64 6.96 -9.68
C LEU A 13 -8.12 5.66 -10.38
N ALA A 14 -9.21 5.05 -9.88
CA ALA A 14 -9.86 3.93 -10.55
C ALA A 14 -10.30 4.24 -11.99
N LYS A 15 -10.82 5.46 -12.23
CA LYS A 15 -11.19 5.94 -13.57
C LYS A 15 -9.96 6.31 -14.43
N ARG A 16 -8.89 6.82 -13.80
CA ARG A 16 -7.63 7.21 -14.47
C ARG A 16 -6.84 5.99 -14.97
N LYS A 17 -6.75 4.94 -14.15
CA LYS A 17 -5.99 3.70 -14.44
C LYS A 17 -6.84 2.61 -15.10
N GLY A 18 -8.16 2.73 -15.08
CA GLY A 18 -9.10 1.75 -15.65
C GLY A 18 -9.18 0.42 -14.90
N LYS A 19 -8.79 0.40 -13.62
CA LYS A 19 -8.80 -0.76 -12.70
C LYS A 19 -9.60 -0.43 -11.43
N ASP A 20 -10.01 -1.46 -10.67
CA ASP A 20 -10.62 -1.28 -9.35
C ASP A 20 -9.54 -1.12 -8.26
N LEU A 21 -9.77 -0.19 -7.33
CA LEU A 21 -8.99 -0.03 -6.09
C LEU A 21 -9.95 -0.01 -4.88
N GLN A 22 -9.58 -0.67 -3.78
CA GLN A 22 -10.33 -0.65 -2.52
C GLN A 22 -9.39 -0.51 -1.32
N LEU A 23 -9.88 0.11 -0.24
CA LEU A 23 -9.11 0.44 0.97
C LEU A 23 -9.79 -0.11 2.24
N ARG A 24 -9.03 -0.75 3.14
CA ARG A 24 -9.50 -1.33 4.40
C ARG A 24 -8.54 -1.07 5.57
N ARG A 25 -9.04 -1.11 6.81
CA ARG A 25 -8.25 -1.03 8.06
C ARG A 25 -8.13 -2.41 8.72
N TYR A 26 -6.94 -2.77 9.20
CA TYR A 26 -6.62 -4.07 9.83
C TYR A 26 -5.87 -3.92 11.16
N ASN A 27 -6.03 -4.92 12.04
CA ASN A 27 -5.49 -4.91 13.41
C ASN A 27 -4.25 -5.81 13.61
N ASP A 28 -3.99 -6.79 12.75
CA ASP A 28 -2.85 -7.71 12.87
C ASP A 28 -2.26 -8.14 11.51
N PRO A 29 -0.93 -8.36 11.40
CA PRO A 29 -0.30 -9.01 10.25
C PRO A 29 -0.91 -10.37 9.88
N ASN A 30 -1.40 -11.15 10.87
CA ASN A 30 -2.00 -12.46 10.60
C ASN A 30 -3.35 -12.36 9.87
N GLU A 31 -4.13 -11.31 10.16
CA GLU A 31 -5.42 -11.07 9.49
C GLU A 31 -5.23 -10.43 8.12
N VAL A 32 -4.24 -9.54 8.00
CA VAL A 32 -4.00 -8.78 6.76
C VAL A 32 -3.41 -9.66 5.65
N GLU A 33 -2.57 -10.63 6.01
CA GLU A 33 -1.95 -11.62 5.11
C GLU A 33 -2.99 -12.26 4.16
N LYS A 34 -4.17 -12.58 4.70
CA LYS A 34 -5.25 -13.25 3.96
C LYS A 34 -5.83 -12.35 2.87
N SER A 35 -5.88 -11.03 3.12
CA SER A 35 -6.29 -10.01 2.16
C SER A 35 -5.27 -9.84 1.02
N ILE A 36 -3.96 -9.99 1.30
CA ILE A 36 -2.93 -9.82 0.28
C ILE A 36 -3.05 -10.90 -0.80
N ARG A 37 -3.17 -12.16 -0.38
CA ARG A 37 -3.19 -13.30 -1.30
C ARG A 37 -4.41 -13.29 -2.21
N GLU A 38 -5.56 -12.79 -1.72
CA GLU A 38 -6.76 -12.60 -2.54
C GLU A 38 -6.55 -11.54 -3.63
N ALA A 39 -5.99 -10.38 -3.27
CA ALA A 39 -5.67 -9.31 -4.21
C ALA A 39 -4.70 -9.77 -5.31
N LEU A 40 -3.65 -10.52 -4.94
CA LEU A 40 -2.63 -10.98 -5.86
C LEU A 40 -3.15 -12.07 -6.80
N LYS A 41 -3.95 -13.02 -6.27
CA LYS A 41 -4.55 -14.12 -7.02
C LYS A 41 -5.61 -13.66 -8.04
N LYS A 42 -6.26 -12.51 -7.79
CA LYS A 42 -7.20 -11.86 -8.71
C LYS A 42 -6.56 -10.79 -9.61
N GLY A 43 -5.29 -10.43 -9.41
CA GLY A 43 -4.60 -9.37 -10.17
C GLY A 43 -5.12 -7.96 -9.85
N ARG A 44 -5.60 -7.75 -8.62
CA ARG A 44 -6.29 -6.55 -8.12
C ARG A 44 -5.43 -5.72 -7.15
N THR A 45 -5.84 -4.47 -6.99
CA THR A 45 -5.22 -3.49 -6.08
C THR A 45 -6.04 -3.37 -4.79
N LEU A 46 -5.44 -3.72 -3.65
CA LEU A 46 -6.00 -3.46 -2.31
C LEU A 46 -5.00 -2.64 -1.49
N ILE A 47 -5.50 -1.66 -0.76
CA ILE A 47 -4.70 -0.84 0.16
C ILE A 47 -5.16 -1.11 1.59
N ILE A 48 -4.23 -1.32 2.50
CA ILE A 48 -4.50 -1.50 3.93
C ILE A 48 -3.82 -0.44 4.78
N ILE A 49 -4.50 -0.02 5.84
CA ILE A 49 -3.95 0.80 6.92
C ILE A 49 -3.88 -0.09 8.18
N ILE A 50 -2.68 -0.32 8.69
CA ILE A 50 -2.40 -1.16 9.86
C ILE A 50 -1.39 -0.48 10.78
N ASN A 51 -1.76 -0.32 12.06
CA ASN A 51 -0.97 0.40 13.08
C ASN A 51 -0.48 1.79 12.61
N GLY A 52 -1.28 2.46 11.77
CA GLY A 52 -0.99 3.74 11.14
C GLY A 52 -0.11 3.69 9.87
N VAL A 53 0.33 2.50 9.43
CA VAL A 53 1.18 2.29 8.24
C VAL A 53 0.31 1.94 7.04
N PHE A 54 0.58 2.53 5.87
CA PHE A 54 -0.09 2.19 4.62
C PHE A 54 0.63 1.03 3.91
N VAL A 55 -0.10 0.02 3.48
CA VAL A 55 0.37 -1.18 2.76
C VAL A 55 -0.39 -1.30 1.44
N VAL A 56 0.29 -1.11 0.31
CA VAL A 56 -0.31 -1.13 -1.04
C VAL A 56 -0.01 -2.47 -1.72
N VAL A 57 -1.02 -3.30 -1.94
CA VAL A 57 -0.91 -4.57 -2.67
C VAL A 57 -1.42 -4.39 -4.08
N SER A 58 -0.60 -4.70 -5.10
CA SER A 58 -1.04 -4.79 -6.50
C SER A 58 -0.02 -5.59 -7.31
N THR A 59 -0.47 -6.30 -8.34
CA THR A 59 0.39 -6.96 -9.32
C THR A 59 0.95 -5.98 -10.37
N ASP A 60 0.63 -4.69 -10.27
CA ASP A 60 1.06 -3.65 -11.20
C ASP A 60 1.78 -2.48 -10.49
N GLU A 61 3.09 -2.35 -10.71
CA GLU A 61 3.90 -1.28 -10.13
C GLU A 61 3.42 0.12 -10.59
N ASP A 62 2.85 0.24 -11.80
CA ASP A 62 2.24 1.46 -12.31
C ASP A 62 0.97 1.87 -11.54
N LEU A 63 0.32 0.94 -10.84
CA LEU A 63 -0.77 1.25 -9.89
C LEU A 63 -0.22 1.72 -8.53
N ILE A 64 0.74 1.00 -7.94
CA ILE A 64 1.36 1.40 -6.66
C ILE A 64 2.03 2.79 -6.76
N ARG A 65 2.83 3.04 -7.79
CA ARG A 65 3.62 4.29 -7.92
C ARG A 65 2.76 5.56 -8.00
N GLU A 66 1.53 5.44 -8.52
CA GLU A 66 0.52 6.50 -8.50
C GLU A 66 -0.14 6.66 -7.12
N ILE A 67 -0.44 5.54 -6.43
CA ILE A 67 -1.04 5.53 -5.09
C ILE A 67 -0.11 6.14 -4.04
N LYS A 68 1.20 5.89 -4.13
CA LYS A 68 2.18 6.43 -3.18
C LYS A 68 2.13 7.95 -3.12
N ARG A 69 1.95 8.63 -4.26
CA ARG A 69 1.74 10.08 -4.30
C ARG A 69 0.43 10.51 -3.65
N LEU A 70 -0.68 9.81 -3.92
CA LEU A 70 -1.98 10.09 -3.27
C LEU A 70 -1.87 10.08 -1.74
N ILE A 71 -1.17 9.07 -1.19
CA ILE A 71 -0.95 8.91 0.25
C ILE A 71 -0.03 10.01 0.78
N LYS A 72 1.08 10.26 0.08
CA LYS A 72 2.11 11.26 0.43
C LYS A 72 1.57 12.68 0.40
N GLU A 73 0.70 13.02 -0.55
CA GLU A 73 0.08 14.34 -0.67
C GLU A 73 -0.88 14.66 0.50
N SER A 74 -1.57 13.66 1.05
CA SER A 74 -2.44 13.83 2.23
C SER A 74 -1.70 13.67 3.55
N ASN A 75 -0.66 12.82 3.61
CA ASN A 75 0.14 12.53 4.80
C ASN A 75 1.64 12.42 4.45
N PRO A 76 2.38 13.55 4.31
CA PRO A 76 3.76 13.53 3.83
C PRO A 76 4.76 12.88 4.80
N ASN A 77 4.42 12.77 6.08
CA ASN A 77 5.24 12.14 7.12
C ASN A 77 4.95 10.64 7.35
N LYS A 78 3.90 10.07 6.73
CA LYS A 78 3.46 8.69 6.99
C LYS A 78 4.38 7.62 6.38
N LYS A 79 4.40 6.47 7.05
CA LYS A 79 5.08 5.24 6.62
C LYS A 79 4.24 4.51 5.56
N THR A 80 4.90 4.01 4.52
CA THR A 80 4.32 3.30 3.37
C THR A 80 5.10 2.03 3.02
N LEU A 81 4.36 1.04 2.52
CA LEU A 81 4.82 -0.29 2.12
C LEU A 81 4.14 -0.69 0.81
N ASP A 82 4.79 -1.52 0.00
CA ASP A 82 4.26 -2.06 -1.25
C ASP A 82 4.57 -3.57 -1.41
N VAL A 83 3.66 -4.29 -2.07
CA VAL A 83 3.65 -5.76 -2.20
C VAL A 83 3.14 -6.17 -3.58
N THR A 84 3.94 -6.91 -4.35
CA THR A 84 3.55 -7.41 -5.69
C THR A 84 3.47 -8.94 -5.83
N THR A 85 4.05 -9.68 -4.88
CA THR A 85 3.91 -11.14 -4.72
C THR A 85 3.77 -11.52 -3.24
N GLU A 86 3.36 -12.76 -2.95
CA GLU A 86 3.30 -13.27 -1.58
C GLU A 86 4.71 -13.45 -0.95
N GLU A 87 5.75 -13.54 -1.76
CA GLU A 87 7.15 -13.46 -1.31
C GLU A 87 7.58 -12.00 -1.04
N ASP A 88 7.08 -11.04 -1.82
CA ASP A 88 7.33 -9.60 -1.61
C ASP A 88 6.74 -9.10 -0.29
N LEU A 89 5.61 -9.69 0.16
CA LEU A 89 5.02 -9.47 1.48
C LEU A 89 6.01 -9.82 2.60
N GLU A 90 6.61 -11.02 2.54
CA GLU A 90 7.62 -11.46 3.52
C GLU A 90 8.89 -10.58 3.46
N GLU A 91 9.29 -10.13 2.27
CA GLU A 91 10.44 -9.25 2.06
C GLU A 91 10.25 -7.91 2.80
N VAL A 92 9.07 -7.29 2.70
CA VAL A 92 8.77 -6.04 3.43
C VAL A 92 8.48 -6.26 4.92
N LEU A 93 7.82 -7.35 5.32
CA LEU A 93 7.61 -7.68 6.74
C LEU A 93 8.93 -7.93 7.47
N ARG A 94 9.96 -8.45 6.79
CA ARG A 94 11.31 -8.60 7.39
C ARG A 94 11.95 -7.25 7.70
N ARG A 95 11.73 -6.23 6.85
CA ARG A 95 12.12 -4.83 7.09
C ARG A 95 11.33 -4.20 8.23
N ILE A 96 10.03 -4.50 8.34
CA ILE A 96 9.19 -4.05 9.46
C ILE A 96 9.69 -4.59 10.81
N LYS A 97 10.05 -5.89 10.89
CA LYS A 97 10.57 -6.50 12.12
C LYS A 97 11.98 -6.01 12.50
N LYS A 98 12.78 -5.60 11.51
CA LYS A 98 14.11 -5.01 11.71
C LYS A 98 14.10 -3.50 12.00
N GLY A 99 12.95 -2.83 11.89
CA GLY A 99 12.82 -1.37 12.07
C GLY A 99 13.29 -0.54 10.87
N SER A 100 13.61 -1.17 9.74
CA SER A 100 14.14 -0.54 8.52
C SER A 100 13.02 -0.09 7.57
N TRP A 101 12.00 0.59 8.13
CA TRP A 101 10.73 0.90 7.45
C TRP A 101 10.94 1.89 6.28
N SER A 102 11.60 3.00 6.56
CA SER A 102 12.04 4.02 5.59
C SER A 102 13.56 4.29 5.62
N LEU A 103 14.34 3.37 6.21
CA LEU A 103 15.78 3.55 6.46
C LEU A 103 16.60 3.16 5.22
N GLU A 104 16.77 4.12 4.31
CA GLU A 104 17.67 4.06 3.15
C GLU A 104 18.76 5.15 3.23
N HIS A 105 20.01 4.79 2.90
CA HIS A 105 21.17 5.69 2.92
C HIS A 105 22.30 5.18 2.01
N HIS A 106 23.21 6.07 1.58
CA HIS A 106 24.40 5.69 0.81
C HIS A 106 25.54 5.24 1.73
N HIS A 107 26.09 4.04 1.48
CA HIS A 107 27.11 3.43 2.35
C HIS A 107 28.46 4.18 2.36
N HIS A 108 28.75 4.96 1.30
CA HIS A 108 29.95 5.79 1.19
C HIS A 108 29.88 7.12 1.97
N HIS A 109 28.71 7.49 2.50
CA HIS A 109 28.48 8.70 3.29
C HIS A 109 28.41 8.41 4.80
N HIS A 110 28.88 9.36 5.62
CA HIS A 110 28.80 9.30 7.09
C HIS A 110 27.34 9.36 7.58
N GLY A 1 -10.54 9.50 9.24
CA GLY A 1 -9.70 10.72 9.23
C GLY A 1 -9.21 11.03 7.82
N SER A 2 -7.92 11.34 7.67
CA SER A 2 -7.27 11.64 6.39
C SER A 2 -7.31 10.49 5.37
N ASP A 3 -7.50 9.26 5.81
CA ASP A 3 -7.75 8.08 4.97
C ASP A 3 -9.08 8.17 4.18
N GLU A 4 -10.09 8.87 4.69
CA GLU A 4 -11.35 9.14 3.97
C GLU A 4 -11.14 10.19 2.87
N GLU A 5 -10.16 11.08 3.05
CA GLU A 5 -9.75 12.07 2.06
C GLU A 5 -8.84 11.47 1.00
N ILE A 6 -7.97 10.52 1.35
CA ILE A 6 -7.22 9.71 0.37
C ILE A 6 -8.17 8.86 -0.47
N ARG A 7 -9.24 8.31 0.13
CA ARG A 7 -10.19 7.43 -0.60
C ARG A 7 -10.74 8.09 -1.86
N LYS A 8 -11.08 9.38 -1.78
CA LYS A 8 -11.56 10.19 -2.91
C LYS A 8 -10.55 10.24 -4.08
N LYS A 9 -9.24 10.24 -3.77
CA LYS A 9 -8.14 10.28 -4.74
C LYS A 9 -8.02 8.93 -5.48
N LEU A 10 -8.25 7.85 -4.73
CA LEU A 10 -8.18 6.47 -5.21
C LEU A 10 -9.39 6.13 -6.11
N GLU A 11 -10.56 6.69 -5.81
CA GLU A 11 -11.75 6.53 -6.66
C GLU A 11 -11.67 7.28 -7.99
N GLU A 12 -11.01 8.45 -8.07
CA GLU A 12 -10.72 9.06 -9.37
C GLU A 12 -9.58 8.36 -10.12
N LEU A 13 -8.62 7.75 -9.41
CA LEU A 13 -7.58 6.91 -10.01
C LEU A 13 -8.18 5.66 -10.68
N ALA A 14 -9.25 5.11 -10.11
CA ALA A 14 -10.02 4.00 -10.70
C ALA A 14 -10.58 4.35 -12.10
N LYS A 15 -11.01 5.61 -12.30
CA LYS A 15 -11.49 6.11 -13.60
C LYS A 15 -10.35 6.35 -14.59
N ARG A 16 -9.16 6.73 -14.12
CA ARG A 16 -7.97 6.96 -14.98
C ARG A 16 -7.33 5.65 -15.45
N LYS A 17 -7.23 4.63 -14.58
CA LYS A 17 -6.63 3.33 -14.90
C LYS A 17 -7.65 2.29 -15.42
N GLY A 18 -8.95 2.54 -15.26
CA GLY A 18 -10.00 1.58 -15.65
C GLY A 18 -9.98 0.29 -14.83
N LYS A 19 -9.58 0.37 -13.56
CA LYS A 19 -9.35 -0.77 -12.64
C LYS A 19 -10.01 -0.58 -11.28
N ASP A 20 -10.13 -1.67 -10.52
CA ASP A 20 -10.68 -1.66 -9.16
C ASP A 20 -9.60 -1.31 -8.11
N LEU A 21 -9.88 -0.32 -7.26
CA LEU A 21 -9.09 0.03 -6.06
C LEU A 21 -10.04 0.12 -4.85
N GLN A 22 -9.66 -0.45 -3.71
CA GLN A 22 -10.47 -0.48 -2.47
C GLN A 22 -9.61 -0.28 -1.21
N LEU A 23 -10.19 0.31 -0.15
CA LEU A 23 -9.55 0.52 1.15
C LEU A 23 -10.14 -0.40 2.24
N ARG A 24 -9.26 -0.94 3.10
CA ARG A 24 -9.61 -1.70 4.32
C ARG A 24 -8.61 -1.42 5.48
N ARG A 25 -9.07 -1.57 6.73
CA ARG A 25 -8.27 -1.33 7.96
C ARG A 25 -8.07 -2.62 8.77
N TYR A 26 -6.86 -2.80 9.32
CA TYR A 26 -6.40 -4.00 10.03
C TYR A 26 -5.62 -3.67 11.33
N ASN A 27 -5.56 -4.64 12.26
CA ASN A 27 -4.89 -4.50 13.56
C ASN A 27 -3.62 -5.38 13.71
N ASP A 28 -3.55 -6.54 13.05
CA ASP A 28 -2.51 -7.55 13.23
C ASP A 28 -1.88 -8.02 11.91
N PRO A 29 -0.56 -8.28 11.87
CA PRO A 29 0.16 -8.69 10.66
C PRO A 29 -0.30 -10.07 10.14
N ASN A 30 -0.80 -10.92 11.03
CA ASN A 30 -1.30 -12.26 10.72
C ASN A 30 -2.62 -12.23 9.93
N GLU A 31 -3.52 -11.30 10.27
CA GLU A 31 -4.81 -11.14 9.61
C GLU A 31 -4.67 -10.37 8.29
N VAL A 32 -3.72 -9.42 8.25
CA VAL A 32 -3.54 -8.54 7.09
C VAL A 32 -2.90 -9.27 5.89
N GLU A 33 -1.98 -10.20 6.16
CA GLU A 33 -1.32 -11.05 5.15
C GLU A 33 -2.36 -11.75 4.24
N LYS A 34 -3.47 -12.21 4.82
CA LYS A 34 -4.54 -12.93 4.10
C LYS A 34 -5.25 -12.04 3.09
N SER A 35 -5.39 -10.75 3.39
CA SER A 35 -5.96 -9.74 2.49
C SER A 35 -5.07 -9.49 1.27
N ILE A 36 -3.74 -9.56 1.44
CA ILE A 36 -2.79 -9.39 0.33
C ILE A 36 -2.96 -10.56 -0.67
N ARG A 37 -3.07 -11.78 -0.16
CA ARG A 37 -3.19 -13.00 -0.98
C ARG A 37 -4.43 -12.98 -1.88
N GLU A 38 -5.53 -12.40 -1.43
CA GLU A 38 -6.73 -12.22 -2.28
C GLU A 38 -6.48 -11.23 -3.43
N ALA A 39 -5.87 -10.07 -3.12
CA ALA A 39 -5.54 -9.05 -4.11
C ALA A 39 -4.59 -9.58 -5.20
N LEU A 40 -3.56 -10.34 -4.80
CA LEU A 40 -2.57 -10.91 -5.71
C LEU A 40 -3.17 -12.02 -6.58
N LYS A 41 -4.03 -12.88 -6.00
CA LYS A 41 -4.68 -13.97 -6.72
C LYS A 41 -5.77 -13.51 -7.71
N LYS A 42 -6.42 -12.37 -7.41
CA LYS A 42 -7.41 -11.72 -8.30
C LYS A 42 -6.79 -10.73 -9.31
N GLY A 43 -5.51 -10.36 -9.15
CA GLY A 43 -4.86 -9.34 -9.98
C GLY A 43 -5.39 -7.92 -9.74
N ARG A 44 -5.83 -7.64 -8.50
CA ARG A 44 -6.49 -6.40 -8.05
C ARG A 44 -5.60 -5.55 -7.14
N THR A 45 -5.97 -4.29 -7.01
CA THR A 45 -5.31 -3.30 -6.14
C THR A 45 -6.09 -3.17 -4.82
N LEU A 46 -5.45 -3.46 -3.69
CA LEU A 46 -5.97 -3.17 -2.35
C LEU A 46 -5.02 -2.21 -1.62
N ILE A 47 -5.59 -1.22 -0.97
CA ILE A 47 -4.87 -0.23 -0.16
C ILE A 47 -5.29 -0.43 1.28
N ILE A 48 -4.35 -0.85 2.11
CA ILE A 48 -4.62 -1.32 3.46
C ILE A 48 -3.95 -0.41 4.49
N ILE A 49 -4.61 -0.19 5.62
CA ILE A 49 -4.07 0.58 6.74
C ILE A 49 -3.96 -0.33 7.96
N ILE A 50 -2.73 -0.55 8.45
CA ILE A 50 -2.46 -1.31 9.66
C ILE A 50 -1.71 -0.46 10.69
N ASN A 51 -2.34 -0.24 11.84
CA ASN A 51 -1.79 0.54 12.96
C ASN A 51 -1.23 1.92 12.53
N GLY A 52 -1.88 2.54 11.54
CA GLY A 52 -1.49 3.82 10.93
C GLY A 52 -0.50 3.74 9.75
N VAL A 53 0.04 2.55 9.42
CA VAL A 53 0.94 2.31 8.27
C VAL A 53 0.11 1.94 7.04
N PHE A 54 0.39 2.54 5.89
CA PHE A 54 -0.24 2.14 4.62
C PHE A 54 0.52 0.96 3.98
N VAL A 55 -0.21 -0.01 3.47
CA VAL A 55 0.29 -1.15 2.69
C VAL A 55 -0.44 -1.16 1.34
N VAL A 56 0.29 -0.90 0.25
CA VAL A 56 -0.27 -0.85 -1.11
C VAL A 56 0.04 -2.16 -1.83
N VAL A 57 -1.01 -2.95 -2.12
CA VAL A 57 -0.91 -4.23 -2.81
C VAL A 57 -1.46 -4.10 -4.22
N SER A 58 -0.68 -4.45 -5.24
CA SER A 58 -1.14 -4.60 -6.62
C SER A 58 -0.15 -5.43 -7.42
N THR A 59 -0.62 -6.16 -8.43
CA THR A 59 0.24 -6.86 -9.41
C THR A 59 0.77 -5.91 -10.48
N ASP A 60 0.47 -4.60 -10.40
CA ASP A 60 0.95 -3.58 -11.34
C ASP A 60 1.71 -2.44 -10.61
N GLU A 61 3.01 -2.35 -10.85
CA GLU A 61 3.86 -1.26 -10.32
C GLU A 61 3.34 0.14 -10.72
N ASP A 62 2.73 0.27 -11.90
CA ASP A 62 2.15 1.51 -12.41
C ASP A 62 0.94 2.00 -11.58
N LEU A 63 0.24 1.09 -10.90
CA LEU A 63 -0.79 1.39 -9.91
C LEU A 63 -0.17 1.87 -8.59
N ILE A 64 0.77 1.11 -7.99
CA ILE A 64 1.41 1.52 -6.72
C ILE A 64 2.15 2.87 -6.84
N ARG A 65 2.96 3.05 -7.90
CA ARG A 65 3.81 4.25 -8.07
C ARG A 65 3.03 5.57 -8.11
N GLU A 66 1.79 5.53 -8.58
CA GLU A 66 0.85 6.66 -8.53
C GLU A 66 0.11 6.79 -7.19
N ILE A 67 -0.28 5.66 -6.56
CA ILE A 67 -1.00 5.66 -5.26
C ILE A 67 -0.15 6.30 -4.17
N LYS A 68 1.16 6.02 -4.14
CA LYS A 68 2.09 6.57 -3.15
C LYS A 68 2.05 8.09 -3.10
N ARG A 69 1.90 8.76 -4.25
CA ARG A 69 1.74 10.22 -4.33
C ARG A 69 0.46 10.67 -3.64
N LEU A 70 -0.66 9.99 -3.91
CA LEU A 70 -1.98 10.37 -3.39
C LEU A 70 -2.09 10.18 -1.86
N ILE A 71 -1.41 9.15 -1.33
CA ILE A 71 -1.24 8.94 0.12
C ILE A 71 -0.40 10.07 0.71
N LYS A 72 0.76 10.36 0.10
CA LYS A 72 1.73 11.35 0.58
C LYS A 72 1.23 12.81 0.51
N GLU A 73 0.40 13.13 -0.47
CA GLU A 73 -0.27 14.43 -0.59
C GLU A 73 -1.19 14.74 0.60
N SER A 74 -1.88 13.72 1.13
CA SER A 74 -2.75 13.87 2.30
C SER A 74 -1.96 13.76 3.62
N ASN A 75 -0.98 12.84 3.68
CA ASN A 75 -0.14 12.59 4.85
C ASN A 75 1.36 12.55 4.46
N PRO A 76 2.05 13.70 4.40
CA PRO A 76 3.46 13.75 4.01
C PRO A 76 4.42 13.09 5.03
N ASN A 77 3.93 12.86 6.26
CA ASN A 77 4.66 12.24 7.37
C ASN A 77 4.47 10.71 7.49
N LYS A 78 3.54 10.10 6.74
CA LYS A 78 3.16 8.68 6.91
C LYS A 78 4.13 7.68 6.27
N LYS A 79 4.27 6.53 6.93
CA LYS A 79 4.96 5.33 6.43
C LYS A 79 4.10 4.58 5.41
N THR A 80 4.77 3.97 4.43
CA THR A 80 4.17 3.12 3.39
C THR A 80 5.01 1.86 3.13
N LEU A 81 4.32 0.76 2.85
CA LEU A 81 4.81 -0.52 2.35
C LEU A 81 4.17 -0.77 0.97
N ASP A 82 4.87 -1.48 0.09
CA ASP A 82 4.41 -1.88 -1.25
C ASP A 82 4.69 -3.36 -1.52
N VAL A 83 3.74 -4.05 -2.17
CA VAL A 83 3.74 -5.51 -2.38
C VAL A 83 3.18 -5.86 -3.76
N THR A 84 3.93 -6.65 -4.53
CA THR A 84 3.50 -7.16 -5.84
C THR A 84 3.47 -8.69 -5.99
N THR A 85 4.06 -9.41 -5.03
CA THR A 85 4.06 -10.88 -4.89
C THR A 85 4.11 -11.29 -3.42
N GLU A 86 3.83 -12.55 -3.09
CA GLU A 86 3.94 -13.05 -1.71
C GLU A 86 5.40 -13.09 -1.20
N GLU A 87 6.36 -13.25 -2.10
CA GLU A 87 7.80 -13.10 -1.81
C GLU A 87 8.16 -11.64 -1.44
N ASP A 88 7.45 -10.67 -2.04
CA ASP A 88 7.59 -9.24 -1.77
C ASP A 88 7.00 -8.90 -0.38
N LEU A 89 5.85 -9.48 -0.06
CA LEU A 89 5.11 -9.34 1.20
C LEU A 89 5.96 -9.76 2.42
N GLU A 90 6.52 -10.97 2.39
CA GLU A 90 7.32 -11.50 3.50
C GLU A 90 8.65 -10.77 3.67
N GLU A 91 9.24 -10.27 2.58
CA GLU A 91 10.45 -9.44 2.63
C GLU A 91 10.18 -8.10 3.34
N VAL A 92 9.10 -7.38 2.97
CA VAL A 92 8.78 -6.11 3.64
C VAL A 92 8.34 -6.28 5.09
N LEU A 93 7.67 -7.39 5.44
CA LEU A 93 7.40 -7.74 6.84
C LEU A 93 8.69 -8.07 7.62
N ARG A 94 9.65 -8.75 7.00
CA ARG A 94 10.90 -9.18 7.67
C ARG A 94 11.76 -7.99 8.09
N ARG A 95 11.80 -6.94 7.24
CA ARG A 95 12.41 -5.65 7.56
C ARG A 95 11.81 -5.06 8.84
N ILE A 96 10.48 -4.97 8.92
CA ILE A 96 9.74 -4.40 10.06
C ILE A 96 10.02 -5.17 11.36
N LYS A 97 10.14 -6.51 11.31
CA LYS A 97 10.47 -7.34 12.49
C LYS A 97 11.88 -7.11 13.02
N LYS A 98 12.84 -6.70 12.17
CA LYS A 98 14.24 -6.39 12.55
C LYS A 98 14.58 -4.90 12.67
N GLY A 99 13.60 -4.03 12.41
CA GLY A 99 13.65 -2.58 12.66
C GLY A 99 13.88 -1.70 11.42
N SER A 100 13.88 -2.26 10.22
CA SER A 100 13.97 -1.54 8.93
C SER A 100 12.59 -1.38 8.28
N TRP A 101 12.45 -0.39 7.39
CA TRP A 101 11.16 -0.01 6.77
C TRP A 101 11.33 0.20 5.26
N SER A 102 10.23 0.10 4.50
CA SER A 102 10.20 0.32 3.04
C SER A 102 10.28 1.81 2.63
N LEU A 103 10.67 2.69 3.55
CA LEU A 103 10.83 4.15 3.39
C LEU A 103 12.22 4.51 2.79
N GLU A 104 12.73 3.66 1.90
CA GLU A 104 14.07 3.75 1.28
C GLU A 104 13.96 3.94 -0.25
N HIS A 105 14.91 4.70 -0.83
CA HIS A 105 14.90 5.16 -2.22
C HIS A 105 13.61 5.94 -2.58
N HIS A 106 13.37 6.19 -3.87
CA HIS A 106 12.23 6.97 -4.39
C HIS A 106 11.53 6.26 -5.57
N HIS A 107 10.21 6.42 -5.68
CA HIS A 107 9.43 5.92 -6.82
C HIS A 107 9.59 6.82 -8.07
N HIS A 108 9.79 8.13 -7.86
CA HIS A 108 10.15 9.14 -8.87
C HIS A 108 9.20 9.15 -10.09
N HIS A 109 9.69 9.57 -11.26
CA HIS A 109 8.95 9.61 -12.54
C HIS A 109 9.76 9.09 -13.74
N HIS A 110 10.95 8.50 -13.49
CA HIS A 110 12.02 8.17 -14.45
C HIS A 110 12.66 9.43 -15.08
N GLY A 1 -10.50 8.46 9.35
CA GLY A 1 -9.63 9.60 9.70
C GLY A 1 -9.04 10.23 8.45
N SER A 2 -7.76 10.60 8.48
CA SER A 2 -7.03 11.22 7.35
C SER A 2 -7.01 10.36 6.08
N ASP A 3 -7.21 9.04 6.20
CA ASP A 3 -7.40 8.11 5.10
C ASP A 3 -8.62 8.44 4.20
N GLU A 4 -9.65 9.10 4.74
CA GLU A 4 -10.83 9.52 3.96
C GLU A 4 -10.51 10.63 2.94
N GLU A 5 -9.46 11.42 3.20
CA GLU A 5 -8.93 12.43 2.28
C GLU A 5 -8.13 11.79 1.13
N ILE A 6 -7.57 10.59 1.34
CA ILE A 6 -6.96 9.78 0.28
C ILE A 6 -8.01 8.96 -0.47
N ARG A 7 -9.08 8.52 0.20
CA ARG A 7 -10.12 7.65 -0.38
C ARG A 7 -10.78 8.24 -1.64
N LYS A 8 -11.00 9.57 -1.63
CA LYS A 8 -11.48 10.33 -2.80
C LYS A 8 -10.48 10.34 -3.97
N LYS A 9 -9.17 10.36 -3.69
CA LYS A 9 -8.11 10.34 -4.71
C LYS A 9 -7.95 8.94 -5.32
N LEU A 10 -8.08 7.90 -4.48
CA LEU A 10 -8.10 6.50 -4.90
C LEU A 10 -9.30 6.20 -5.82
N GLU A 11 -10.45 6.79 -5.52
CA GLU A 11 -11.65 6.64 -6.35
C GLU A 11 -11.51 7.37 -7.69
N GLU A 12 -10.83 8.51 -7.76
CA GLU A 12 -10.46 9.11 -9.05
C GLU A 12 -9.49 8.18 -9.81
N LEU A 13 -8.50 7.58 -9.12
CA LEU A 13 -7.48 6.75 -9.75
C LEU A 13 -8.07 5.48 -10.37
N ALA A 14 -9.13 4.94 -9.75
CA ALA A 14 -9.92 3.85 -10.31
C ALA A 14 -10.54 4.22 -11.69
N LYS A 15 -10.95 5.48 -11.89
CA LYS A 15 -11.44 5.98 -13.19
C LYS A 15 -10.30 6.25 -14.19
N ARG A 16 -9.13 6.69 -13.70
CA ARG A 16 -7.93 7.01 -14.52
C ARG A 16 -7.29 5.74 -15.10
N LYS A 17 -7.19 4.67 -14.30
CA LYS A 17 -6.58 3.39 -14.67
C LYS A 17 -7.58 2.32 -15.15
N GLY A 18 -8.88 2.51 -14.89
CA GLY A 18 -9.96 1.60 -15.25
C GLY A 18 -10.09 0.33 -14.38
N LYS A 19 -9.37 0.26 -13.25
CA LYS A 19 -9.33 -0.87 -12.32
C LYS A 19 -10.20 -0.65 -11.07
N ASP A 20 -10.54 -1.75 -10.38
CA ASP A 20 -11.18 -1.72 -9.07
C ASP A 20 -10.11 -1.61 -7.95
N LEU A 21 -10.14 -0.50 -7.22
CA LEU A 21 -9.28 -0.24 -6.05
C LEU A 21 -10.14 -0.31 -4.78
N GLN A 22 -9.67 -1.01 -3.73
CA GLN A 22 -10.38 -1.14 -2.45
C GLN A 22 -9.51 -0.67 -1.29
N LEU A 23 -10.11 0.02 -0.31
CA LEU A 23 -9.44 0.54 0.90
C LEU A 23 -9.97 -0.15 2.15
N ARG A 24 -9.09 -0.73 2.98
CA ARG A 24 -9.45 -1.49 4.20
C ARG A 24 -8.48 -1.24 5.36
N ARG A 25 -8.93 -1.47 6.60
CA ARG A 25 -8.16 -1.28 7.85
C ARG A 25 -8.05 -2.60 8.64
N TYR A 26 -6.87 -2.90 9.16
CA TYR A 26 -6.55 -4.19 9.81
C TYR A 26 -5.87 -4.03 11.19
N ASN A 27 -6.04 -5.05 12.03
CA ASN A 27 -5.64 -5.04 13.45
C ASN A 27 -4.44 -5.94 13.78
N ASP A 28 -4.10 -6.93 12.94
CA ASP A 28 -2.97 -7.86 13.16
C ASP A 28 -2.25 -8.25 11.85
N PRO A 29 -0.92 -8.44 11.87
CA PRO A 29 -0.16 -9.04 10.77
C PRO A 29 -0.72 -10.38 10.26
N ASN A 30 -1.32 -11.21 11.12
CA ASN A 30 -1.89 -12.49 10.71
C ASN A 30 -3.17 -12.35 9.88
N GLU A 31 -4.00 -11.36 10.20
CA GLU A 31 -5.25 -11.11 9.46
C GLU A 31 -4.97 -10.34 8.16
N VAL A 32 -3.99 -9.43 8.20
CA VAL A 32 -3.70 -8.53 7.06
C VAL A 32 -3.07 -9.28 5.88
N GLU A 33 -2.24 -10.29 6.17
CA GLU A 33 -1.62 -11.21 5.21
C GLU A 33 -2.66 -11.78 4.23
N LYS A 34 -3.83 -12.16 4.74
CA LYS A 34 -4.91 -12.80 3.96
C LYS A 34 -5.44 -11.90 2.85
N SER A 35 -5.57 -10.60 3.14
CA SER A 35 -5.97 -9.59 2.15
C SER A 35 -4.97 -9.50 0.99
N ILE A 36 -3.68 -9.70 1.26
CA ILE A 36 -2.65 -9.62 0.23
C ILE A 36 -2.76 -10.80 -0.74
N ARG A 37 -2.97 -12.03 -0.23
CA ARG A 37 -3.10 -13.24 -1.07
C ARG A 37 -4.30 -13.12 -2.02
N GLU A 38 -5.42 -12.58 -1.53
CA GLU A 38 -6.63 -12.38 -2.35
C GLU A 38 -6.44 -11.32 -3.43
N ALA A 39 -5.80 -10.20 -3.08
CA ALA A 39 -5.49 -9.12 -4.01
C ALA A 39 -4.58 -9.59 -5.14
N LEU A 40 -3.50 -10.32 -4.82
CA LEU A 40 -2.49 -10.76 -5.78
C LEU A 40 -3.00 -11.87 -6.70
N LYS A 41 -3.70 -12.87 -6.14
CA LYS A 41 -4.10 -14.07 -6.89
C LYS A 41 -5.19 -13.81 -7.94
N LYS A 42 -5.99 -12.75 -7.72
CA LYS A 42 -7.03 -12.26 -8.67
C LYS A 42 -6.65 -10.97 -9.41
N GLY A 43 -5.47 -10.41 -9.17
CA GLY A 43 -4.92 -9.25 -9.90
C GLY A 43 -5.62 -7.93 -9.58
N ARG A 44 -6.13 -7.76 -8.36
CA ARG A 44 -6.78 -6.55 -7.86
C ARG A 44 -5.80 -5.62 -7.12
N THR A 45 -6.19 -4.34 -7.03
CA THR A 45 -5.48 -3.32 -6.25
C THR A 45 -6.17 -3.15 -4.91
N LEU A 46 -5.42 -3.40 -3.83
CA LEU A 46 -5.90 -3.30 -2.47
C LEU A 46 -4.96 -2.42 -1.65
N ILE A 47 -5.54 -1.41 -1.02
CA ILE A 47 -4.87 -0.40 -0.21
C ILE A 47 -5.27 -0.65 1.23
N ILE A 48 -4.28 -0.87 2.08
CA ILE A 48 -4.50 -1.36 3.44
C ILE A 48 -3.80 -0.47 4.46
N ILE A 49 -4.43 -0.30 5.63
CA ILE A 49 -3.92 0.50 6.75
C ILE A 49 -3.85 -0.40 8.01
N ILE A 50 -2.66 -0.55 8.59
CA ILE A 50 -2.42 -1.32 9.82
C ILE A 50 -1.43 -0.59 10.73
N ASN A 51 -1.82 -0.35 11.99
CA ASN A 51 -0.97 0.28 13.03
C ASN A 51 -0.31 1.61 12.59
N GLY A 52 -1.02 2.38 11.76
CA GLY A 52 -0.53 3.63 11.15
C GLY A 52 0.35 3.46 9.90
N VAL A 53 0.54 2.23 9.40
CA VAL A 53 1.32 1.92 8.19
C VAL A 53 0.38 1.67 7.02
N PHE A 54 0.64 2.32 5.88
CA PHE A 54 -0.02 2.04 4.60
C PHE A 54 0.71 0.89 3.88
N VAL A 55 -0.05 -0.09 3.39
CA VAL A 55 0.44 -1.21 2.56
C VAL A 55 -0.35 -1.21 1.25
N VAL A 56 0.34 -1.01 0.13
CA VAL A 56 -0.26 -0.98 -1.22
C VAL A 56 0.03 -2.31 -1.94
N VAL A 57 -1.01 -3.04 -2.32
CA VAL A 57 -0.91 -4.34 -3.01
C VAL A 57 -1.52 -4.21 -4.41
N SER A 58 -0.75 -4.53 -5.45
CA SER A 58 -1.26 -4.67 -6.82
C SER A 58 -0.26 -5.46 -7.67
N THR A 59 -0.73 -6.13 -8.73
CA THR A 59 0.13 -6.75 -9.75
C THR A 59 0.60 -5.75 -10.81
N ASP A 60 0.25 -4.46 -10.69
CA ASP A 60 0.65 -3.39 -11.61
C ASP A 60 1.42 -2.27 -10.90
N GLU A 61 2.72 -2.15 -11.18
CA GLU A 61 3.59 -1.11 -10.62
C GLU A 61 3.09 0.32 -10.92
N ASP A 62 2.47 0.55 -12.08
CA ASP A 62 1.86 1.83 -12.45
C ASP A 62 0.68 2.21 -11.56
N LEU A 63 -0.02 1.22 -10.97
CA LEU A 63 -1.04 1.47 -9.94
C LEU A 63 -0.44 1.84 -8.59
N ILE A 64 0.54 1.08 -8.08
CA ILE A 64 1.20 1.39 -6.81
C ILE A 64 1.92 2.75 -6.85
N ARG A 65 2.73 3.01 -7.89
CA ARG A 65 3.56 4.22 -7.99
C ARG A 65 2.75 5.51 -7.96
N GLU A 66 1.54 5.48 -8.51
CA GLU A 66 0.58 6.59 -8.45
C GLU A 66 -0.10 6.69 -7.08
N ILE A 67 -0.48 5.56 -6.45
CA ILE A 67 -1.09 5.55 -5.10
C ILE A 67 -0.13 6.16 -4.08
N LYS A 68 1.17 5.84 -4.16
CA LYS A 68 2.21 6.40 -3.28
C LYS A 68 2.20 7.93 -3.30
N ARG A 69 2.01 8.56 -4.47
CA ARG A 69 1.83 10.01 -4.57
C ARG A 69 0.59 10.47 -3.79
N LEU A 70 -0.57 9.84 -4.02
CA LEU A 70 -1.84 10.25 -3.41
C LEU A 70 -1.84 10.11 -1.88
N ILE A 71 -1.11 9.10 -1.37
CA ILE A 71 -0.86 8.92 0.07
C ILE A 71 0.05 10.04 0.58
N LYS A 72 1.20 10.29 -0.06
CA LYS A 72 2.21 11.25 0.44
C LYS A 72 1.77 12.71 0.29
N GLU A 73 1.02 13.02 -0.76
CA GLU A 73 0.45 14.34 -0.99
C GLU A 73 -0.61 14.72 0.06
N SER A 74 -1.24 13.72 0.67
CA SER A 74 -2.15 13.91 1.81
C SER A 74 -1.43 13.84 3.16
N ASN A 75 -0.43 12.95 3.26
CA ASN A 75 0.33 12.66 4.50
C ASN A 75 1.80 12.30 4.18
N PRO A 76 2.73 13.27 4.10
CA PRO A 76 4.12 13.00 3.69
C PRO A 76 4.89 12.09 4.66
N ASN A 77 4.55 12.12 5.95
CA ASN A 77 5.23 11.39 7.02
C ASN A 77 4.67 9.96 7.26
N LYS A 78 3.59 9.57 6.57
CA LYS A 78 3.01 8.22 6.68
C LYS A 78 3.97 7.16 6.13
N LYS A 79 4.06 6.04 6.86
CA LYS A 79 4.91 4.89 6.56
C LYS A 79 4.25 4.07 5.46
N THR A 80 4.97 3.75 4.38
CA THR A 80 4.40 3.15 3.16
C THR A 80 5.19 1.95 2.66
N LEU A 81 4.47 0.84 2.47
CA LEU A 81 4.95 -0.44 1.93
C LEU A 81 4.24 -0.75 0.60
N ASP A 82 4.92 -1.52 -0.26
CA ASP A 82 4.42 -1.99 -1.56
C ASP A 82 4.67 -3.49 -1.77
N VAL A 83 3.71 -4.18 -2.38
CA VAL A 83 3.74 -5.63 -2.64
C VAL A 83 3.16 -5.95 -4.02
N THR A 84 3.87 -6.79 -4.80
CA THR A 84 3.42 -7.24 -6.13
C THR A 84 3.44 -8.77 -6.33
N THR A 85 4.12 -9.48 -5.44
CA THR A 85 4.10 -10.95 -5.30
C THR A 85 4.14 -11.33 -3.82
N GLU A 86 3.76 -12.56 -3.48
CA GLU A 86 3.63 -13.03 -2.09
C GLU A 86 4.99 -13.28 -1.40
N GLU A 87 6.08 -13.33 -2.17
CA GLU A 87 7.46 -13.32 -1.66
C GLU A 87 7.92 -11.91 -1.24
N ASP A 88 7.42 -10.85 -1.90
CA ASP A 88 7.69 -9.46 -1.58
C ASP A 88 7.00 -9.02 -0.28
N LEU A 89 5.83 -9.58 0.03
CA LEU A 89 5.14 -9.41 1.31
C LEU A 89 6.05 -9.74 2.50
N GLU A 90 6.70 -10.91 2.46
CA GLU A 90 7.62 -11.36 3.51
C GLU A 90 8.83 -10.43 3.65
N GLU A 91 9.35 -9.90 2.54
CA GLU A 91 10.50 -9.00 2.56
C GLU A 91 10.15 -7.64 3.20
N VAL A 92 8.97 -7.08 2.91
CA VAL A 92 8.51 -5.84 3.55
C VAL A 92 8.09 -6.03 5.01
N LEU A 93 7.56 -7.19 5.38
CA LEU A 93 7.29 -7.53 6.78
C LEU A 93 8.57 -7.79 7.59
N ARG A 94 9.65 -8.29 6.96
CA ARG A 94 10.94 -8.57 7.64
C ARG A 94 11.57 -7.29 8.18
N ARG A 95 11.57 -6.21 7.41
CA ARG A 95 12.06 -4.88 7.82
C ARG A 95 11.14 -4.19 8.84
N ILE A 96 9.82 -4.46 8.83
CA ILE A 96 8.89 -4.01 9.88
C ILE A 96 9.29 -4.58 11.25
N LYS A 97 9.61 -5.88 11.34
CA LYS A 97 10.05 -6.53 12.60
C LYS A 97 11.38 -5.97 13.12
N LYS A 98 12.27 -5.56 12.21
CA LYS A 98 13.59 -4.98 12.52
C LYS A 98 13.56 -3.47 12.84
N GLY A 99 12.42 -2.80 12.66
CA GLY A 99 12.26 -1.35 12.86
C GLY A 99 12.79 -0.48 11.71
N SER A 100 13.17 -1.09 10.58
CA SER A 100 13.74 -0.43 9.39
C SER A 100 12.64 0.05 8.43
N TRP A 101 11.66 0.79 8.95
CA TRP A 101 10.42 1.15 8.24
C TRP A 101 10.67 2.16 7.11
N SER A 102 11.10 3.37 7.48
CA SER A 102 11.46 4.47 6.55
C SER A 102 12.62 5.31 7.09
N LEU A 103 13.39 5.93 6.18
CA LEU A 103 14.53 6.81 6.48
C LEU A 103 14.52 8.15 5.72
N GLU A 104 13.42 8.48 5.05
CA GLU A 104 13.31 9.62 4.13
C GLU A 104 12.97 10.95 4.83
N HIS A 105 13.49 12.06 4.29
CA HIS A 105 13.13 13.44 4.66
C HIS A 105 13.41 14.41 3.51
N HIS A 106 12.51 15.38 3.27
CA HIS A 106 12.65 16.48 2.29
C HIS A 106 13.03 16.06 0.85
N HIS A 107 12.71 14.82 0.44
CA HIS A 107 13.14 14.24 -0.83
C HIS A 107 12.41 14.85 -2.04
N HIS A 108 11.08 14.94 -1.94
CA HIS A 108 10.18 15.60 -2.89
C HIS A 108 9.13 16.44 -2.14
N HIS A 109 8.72 17.58 -2.73
CA HIS A 109 7.66 18.44 -2.18
C HIS A 109 6.33 18.37 -2.96
N HIS A 110 6.36 17.95 -4.22
CA HIS A 110 5.22 17.78 -5.14
C HIS A 110 5.30 16.43 -5.88
N GLY A 1 -10.29 9.49 9.64
CA GLY A 1 -9.37 10.63 9.46
C GLY A 1 -8.98 10.78 7.99
N SER A 2 -7.68 11.03 7.72
CA SER A 2 -7.15 11.20 6.35
C SER A 2 -7.36 9.99 5.43
N ASP A 3 -7.53 8.80 6.00
CA ASP A 3 -7.88 7.57 5.29
C ASP A 3 -9.23 7.63 4.56
N GLU A 4 -10.18 8.42 5.06
CA GLU A 4 -11.46 8.69 4.39
C GLU A 4 -11.31 9.77 3.30
N GLU A 5 -10.34 10.68 3.45
CA GLU A 5 -10.06 11.77 2.51
C GLU A 5 -9.22 11.32 1.30
N ILE A 6 -8.26 10.41 1.48
CA ILE A 6 -7.44 9.84 0.39
C ILE A 6 -8.28 8.93 -0.50
N ARG A 7 -9.30 8.26 0.06
CA ARG A 7 -10.22 7.34 -0.62
C ARG A 7 -10.83 7.92 -1.90
N LYS A 8 -11.17 9.22 -1.92
CA LYS A 8 -11.73 9.91 -3.10
C LYS A 8 -10.73 10.00 -4.26
N LYS A 9 -9.43 10.09 -3.96
CA LYS A 9 -8.33 10.18 -4.94
C LYS A 9 -8.10 8.82 -5.61
N LEU A 10 -8.26 7.75 -4.84
CA LEU A 10 -8.23 6.36 -5.30
C LEU A 10 -9.43 6.01 -6.18
N GLU A 11 -10.63 6.50 -5.83
CA GLU A 11 -11.85 6.34 -6.63
C GLU A 11 -11.80 7.10 -7.97
N GLU A 12 -11.07 8.21 -8.07
CA GLU A 12 -10.78 8.88 -9.33
C GLU A 12 -9.90 8.01 -10.26
N LEU A 13 -8.88 7.34 -9.70
CA LEU A 13 -8.00 6.45 -10.45
C LEU A 13 -8.70 5.22 -11.01
N ALA A 14 -9.72 4.72 -10.31
CA ALA A 14 -10.55 3.62 -10.80
C ALA A 14 -11.17 3.90 -12.18
N LYS A 15 -11.53 5.17 -12.46
CA LYS A 15 -11.98 5.61 -13.79
C LYS A 15 -10.83 5.77 -14.79
N ARG A 16 -9.65 6.23 -14.34
CA ARG A 16 -8.49 6.51 -15.21
C ARG A 16 -7.83 5.22 -15.71
N LYS A 17 -7.68 4.21 -14.84
CA LYS A 17 -7.09 2.90 -15.17
C LYS A 17 -8.12 1.82 -15.54
N GLY A 18 -9.41 2.01 -15.25
CA GLY A 18 -10.47 1.03 -15.50
C GLY A 18 -10.42 -0.21 -14.60
N LYS A 19 -9.64 -0.17 -13.50
CA LYS A 19 -9.51 -1.21 -12.47
C LYS A 19 -10.35 -0.84 -11.24
N ASP A 20 -10.68 -1.82 -10.40
CA ASP A 20 -11.24 -1.58 -9.08
C ASP A 20 -10.09 -1.34 -8.06
N LEU A 21 -10.21 -0.31 -7.22
CA LEU A 21 -9.33 -0.07 -6.08
C LEU A 21 -10.18 0.13 -4.81
N GLN A 22 -9.74 -0.44 -3.68
CA GLN A 22 -10.51 -0.45 -2.41
C GLN A 22 -9.57 -0.23 -1.21
N LEU A 23 -10.06 0.50 -0.20
CA LEU A 23 -9.32 0.89 1.00
C LEU A 23 -9.90 0.22 2.27
N ARG A 24 -9.05 -0.46 3.05
CA ARG A 24 -9.45 -1.26 4.23
C ARG A 24 -8.46 -1.13 5.42
N ARG A 25 -8.91 -1.42 6.64
CA ARG A 25 -8.13 -1.34 7.89
C ARG A 25 -7.98 -2.70 8.59
N TYR A 26 -6.80 -2.97 9.15
CA TYR A 26 -6.40 -4.24 9.80
C TYR A 26 -5.61 -4.01 11.11
N ASN A 27 -5.51 -5.03 11.96
CA ASN A 27 -4.89 -4.93 13.29
C ASN A 27 -3.57 -5.72 13.41
N ASP A 28 -3.52 -6.93 12.83
CA ASP A 28 -2.39 -7.86 12.96
C ASP A 28 -1.90 -8.41 11.61
N PRO A 29 -0.59 -8.73 11.46
CA PRO A 29 0.00 -9.23 10.22
C PRO A 29 -0.63 -10.54 9.73
N ASN A 30 -1.13 -11.37 10.66
CA ASN A 30 -1.83 -12.61 10.35
C ASN A 30 -3.21 -12.39 9.70
N GLU A 31 -3.93 -11.33 10.08
CA GLU A 31 -5.21 -10.97 9.46
C GLU A 31 -4.99 -10.34 8.08
N VAL A 32 -3.97 -9.47 7.99
CA VAL A 32 -3.78 -8.61 6.82
C VAL A 32 -3.29 -9.40 5.60
N GLU A 33 -2.47 -10.43 5.83
CA GLU A 33 -2.00 -11.40 4.84
C GLU A 33 -3.14 -11.98 3.99
N LYS A 34 -4.32 -12.20 4.61
CA LYS A 34 -5.52 -12.73 3.93
C LYS A 34 -6.06 -11.79 2.85
N SER A 35 -5.94 -10.48 3.06
CA SER A 35 -6.32 -9.45 2.07
C SER A 35 -5.36 -9.44 0.88
N ILE A 36 -4.09 -9.76 1.09
CA ILE A 36 -3.06 -9.67 0.04
C ILE A 36 -3.30 -10.77 -1.00
N ARG A 37 -3.69 -11.97 -0.54
CA ARG A 37 -3.96 -13.11 -1.42
C ARG A 37 -5.03 -12.78 -2.45
N GLU A 38 -6.11 -12.12 -2.04
CA GLU A 38 -7.24 -11.82 -2.92
C GLU A 38 -6.88 -10.77 -3.98
N ALA A 39 -6.11 -9.75 -3.58
CA ALA A 39 -5.57 -8.75 -4.51
C ALA A 39 -4.67 -9.39 -5.58
N LEU A 40 -3.71 -10.22 -5.17
CA LEU A 40 -2.71 -10.81 -6.07
C LEU A 40 -3.32 -11.90 -6.97
N LYS A 41 -4.30 -12.67 -6.46
CA LYS A 41 -5.01 -13.72 -7.19
C LYS A 41 -5.84 -13.17 -8.35
N LYS A 42 -6.44 -11.99 -8.17
CA LYS A 42 -7.28 -11.29 -9.17
C LYS A 42 -6.54 -10.26 -10.04
N GLY A 43 -5.29 -9.94 -9.73
CA GLY A 43 -4.54 -8.85 -10.37
C GLY A 43 -5.08 -7.46 -10.02
N ARG A 44 -5.64 -7.32 -8.81
CA ARG A 44 -6.30 -6.11 -8.27
C ARG A 44 -5.36 -5.31 -7.37
N THR A 45 -5.72 -4.03 -7.18
CA THR A 45 -5.03 -3.09 -6.30
C THR A 45 -5.82 -2.88 -5.01
N LEU A 46 -5.24 -3.23 -3.86
CA LEU A 46 -5.82 -2.96 -2.54
C LEU A 46 -4.91 -2.04 -1.73
N ILE A 47 -5.53 -1.12 -1.00
CA ILE A 47 -4.86 -0.13 -0.16
C ILE A 47 -5.27 -0.41 1.28
N ILE A 48 -4.28 -0.70 2.10
CA ILE A 48 -4.51 -1.22 3.44
C ILE A 48 -3.83 -0.33 4.49
N ILE A 49 -4.42 -0.22 5.67
CA ILE A 49 -3.86 0.49 6.82
C ILE A 49 -3.78 -0.48 8.01
N ILE A 50 -2.58 -0.73 8.50
CA ILE A 50 -2.32 -1.55 9.69
C ILE A 50 -1.54 -0.76 10.73
N ASN A 51 -2.15 -0.56 11.91
CA ASN A 51 -1.59 0.21 13.03
C ASN A 51 -1.05 1.60 12.62
N GLY A 52 -1.73 2.24 11.65
CA GLY A 52 -1.36 3.53 11.06
C GLY A 52 -0.34 3.49 9.90
N VAL A 53 0.19 2.31 9.55
CA VAL A 53 1.10 2.11 8.40
C VAL A 53 0.29 1.77 7.16
N PHE A 54 0.54 2.46 6.04
CA PHE A 54 -0.10 2.14 4.76
C PHE A 54 0.63 0.96 4.07
N VAL A 55 -0.11 -0.01 3.54
CA VAL A 55 0.39 -1.13 2.74
C VAL A 55 -0.36 -1.14 1.40
N VAL A 56 0.36 -0.91 0.30
CA VAL A 56 -0.21 -0.89 -1.07
C VAL A 56 0.10 -2.22 -1.78
N VAL A 57 -0.93 -3.01 -2.08
CA VAL A 57 -0.79 -4.28 -2.83
C VAL A 57 -1.26 -4.08 -4.26
N SER A 58 -0.45 -4.46 -5.25
CA SER A 58 -0.86 -4.56 -6.66
C SER A 58 0.14 -5.45 -7.42
N THR A 59 -0.30 -6.05 -8.52
CA THR A 59 0.57 -6.74 -9.48
C THR A 59 1.21 -5.77 -10.49
N ASP A 60 0.92 -4.45 -10.39
CA ASP A 60 1.44 -3.42 -11.29
C ASP A 60 2.17 -2.30 -10.52
N GLU A 61 3.47 -2.14 -10.75
CA GLU A 61 4.28 -1.09 -10.12
C GLU A 61 3.77 0.33 -10.42
N ASP A 62 3.18 0.55 -11.61
CA ASP A 62 2.54 1.83 -11.98
C ASP A 62 1.36 2.18 -11.07
N LEU A 63 0.64 1.19 -10.54
CA LEU A 63 -0.46 1.39 -9.59
C LEU A 63 0.04 1.65 -8.17
N ILE A 64 1.14 1.02 -7.73
CA ILE A 64 1.74 1.32 -6.42
C ILE A 64 2.37 2.70 -6.41
N ARG A 65 3.28 2.98 -7.35
CA ARG A 65 4.09 4.22 -7.41
C ARG A 65 3.24 5.48 -7.42
N GLU A 66 2.06 5.40 -8.03
CA GLU A 66 1.14 6.53 -8.16
C GLU A 66 0.31 6.78 -6.90
N ILE A 67 -0.17 5.71 -6.27
CA ILE A 67 -0.92 5.74 -5.01
C ILE A 67 -0.05 6.34 -3.89
N LYS A 68 1.24 5.98 -3.86
CA LYS A 68 2.20 6.52 -2.89
C LYS A 68 2.24 8.05 -2.92
N ARG A 69 2.14 8.67 -4.09
CA ARG A 69 2.01 10.14 -4.20
C ARG A 69 0.72 10.63 -3.56
N LEU A 70 -0.43 10.01 -3.85
CA LEU A 70 -1.74 10.44 -3.35
C LEU A 70 -1.82 10.36 -1.82
N ILE A 71 -1.20 9.32 -1.22
CA ILE A 71 -1.04 9.15 0.23
C ILE A 71 -0.11 10.24 0.78
N LYS A 72 1.06 10.43 0.18
CA LYS A 72 2.09 11.36 0.66
C LYS A 72 1.68 12.84 0.53
N GLU A 73 0.85 13.20 -0.45
CA GLU A 73 0.27 14.53 -0.59
C GLU A 73 -0.63 14.91 0.60
N SER A 74 -1.37 13.93 1.14
CA SER A 74 -2.20 14.11 2.35
C SER A 74 -1.35 14.05 3.62
N ASN A 75 -0.46 13.05 3.72
CA ASN A 75 0.36 12.78 4.91
C ASN A 75 1.83 12.56 4.49
N PRO A 76 2.66 13.62 4.42
CA PRO A 76 4.01 13.54 3.83
C PRO A 76 5.02 12.73 4.65
N ASN A 77 4.82 12.62 5.97
CA ASN A 77 5.70 11.92 6.92
C ASN A 77 5.24 10.50 7.28
N LYS A 78 4.11 10.01 6.73
CA LYS A 78 3.56 8.68 7.06
C LYS A 78 4.43 7.53 6.54
N LYS A 79 4.38 6.41 7.27
CA LYS A 79 5.02 5.14 6.90
C LYS A 79 4.20 4.44 5.81
N THR A 80 4.87 3.99 4.75
CA THR A 80 4.28 3.15 3.68
C THR A 80 5.10 1.89 3.42
N LEU A 81 4.40 0.88 2.92
CA LEU A 81 4.90 -0.41 2.46
C LEU A 81 4.22 -0.76 1.13
N ASP A 82 4.86 -1.60 0.32
CA ASP A 82 4.34 -2.08 -0.96
C ASP A 82 4.65 -3.56 -1.20
N VAL A 83 3.76 -4.23 -1.94
CA VAL A 83 3.73 -5.70 -2.09
C VAL A 83 3.26 -6.07 -3.51
N THR A 84 4.02 -6.90 -4.22
CA THR A 84 3.62 -7.48 -5.52
C THR A 84 3.54 -9.00 -5.59
N THR A 85 4.13 -9.69 -4.60
CA THR A 85 3.98 -11.15 -4.36
C THR A 85 3.80 -11.44 -2.86
N GLU A 86 3.35 -12.65 -2.51
CA GLU A 86 3.27 -13.06 -1.09
C GLU A 86 4.67 -13.22 -0.44
N GLU A 87 5.72 -13.44 -1.23
CA GLU A 87 7.11 -13.39 -0.76
C GLU A 87 7.57 -11.94 -0.52
N ASP A 88 7.10 -10.99 -1.34
CA ASP A 88 7.36 -9.55 -1.15
C ASP A 88 6.74 -9.04 0.16
N LEU A 89 5.55 -9.52 0.53
CA LEU A 89 4.91 -9.26 1.83
C LEU A 89 5.80 -9.71 3.00
N GLU A 90 6.24 -10.97 2.98
CA GLU A 90 7.10 -11.52 4.03
C GLU A 90 8.45 -10.78 4.12
N GLU A 91 9.01 -10.36 2.98
CA GLU A 91 10.26 -9.62 2.93
C GLU A 91 10.13 -8.19 3.50
N VAL A 92 9.05 -7.46 3.21
CA VAL A 92 8.83 -6.14 3.83
C VAL A 92 8.48 -6.24 5.31
N LEU A 93 7.76 -7.29 5.75
CA LEU A 93 7.55 -7.55 7.17
C LEU A 93 8.86 -7.90 7.89
N ARG A 94 9.77 -8.66 7.25
CA ARG A 94 11.11 -8.97 7.79
C ARG A 94 11.92 -7.70 8.00
N ARG A 95 11.87 -6.77 7.04
CA ARG A 95 12.52 -5.45 7.09
C ARG A 95 11.93 -4.56 8.20
N ILE A 96 10.60 -4.53 8.35
CA ILE A 96 9.91 -3.81 9.43
C ILE A 96 10.32 -4.31 10.82
N LYS A 97 10.40 -5.63 11.03
CA LYS A 97 10.83 -6.21 12.32
C LYS A 97 12.32 -6.02 12.60
N LYS A 98 13.14 -5.85 11.55
CA LYS A 98 14.58 -5.50 11.63
C LYS A 98 14.86 -3.99 11.68
N GLY A 99 13.83 -3.14 11.74
CA GLY A 99 13.96 -1.69 11.94
C GLY A 99 14.11 -0.85 10.67
N SER A 100 13.91 -1.43 9.48
CA SER A 100 13.89 -0.73 8.19
C SER A 100 12.44 -0.39 7.80
N TRP A 101 12.05 0.87 8.00
CA TRP A 101 10.69 1.40 7.77
C TRP A 101 10.67 2.41 6.60
N SER A 102 9.54 2.51 5.90
CA SER A 102 9.36 3.21 4.60
C SER A 102 10.21 2.64 3.45
N LEU A 103 9.76 2.86 2.20
CA LEU A 103 10.36 2.28 0.99
C LEU A 103 10.39 3.24 -0.22
N GLU A 104 10.38 4.56 0.03
CA GLU A 104 10.57 5.58 -1.02
C GLU A 104 12.05 5.83 -1.36
N HIS A 105 12.33 6.22 -2.61
CA HIS A 105 13.69 6.36 -3.17
C HIS A 105 14.00 7.80 -3.65
N HIS A 106 13.33 8.80 -3.07
CA HIS A 106 13.46 10.23 -3.38
C HIS A 106 13.41 11.12 -2.13
N HIS A 107 13.95 12.34 -2.22
CA HIS A 107 13.99 13.30 -1.11
C HIS A 107 12.59 13.75 -0.64
N HIS A 108 11.65 13.92 -1.58
CA HIS A 108 10.23 14.18 -1.28
C HIS A 108 9.27 13.71 -2.41
N HIS A 109 9.64 13.95 -3.68
CA HIS A 109 8.87 13.52 -4.85
C HIS A 109 9.77 13.32 -6.10
N HIS A 110 9.21 12.66 -7.13
CA HIS A 110 9.78 12.45 -8.47
C HIS A 110 11.25 11.92 -8.47
N GLY A 1 -10.21 9.43 9.40
CA GLY A 1 -9.39 10.65 9.51
C GLY A 1 -8.94 11.12 8.13
N SER A 2 -7.67 11.53 8.00
CA SER A 2 -7.08 12.01 6.72
C SER A 2 -7.00 10.93 5.63
N ASP A 3 -7.13 9.65 5.98
CA ASP A 3 -7.29 8.54 5.02
C ASP A 3 -8.54 8.69 4.14
N GLU A 4 -9.61 9.35 4.61
CA GLU A 4 -10.80 9.65 3.79
C GLU A 4 -10.49 10.66 2.66
N GLU A 5 -9.51 11.55 2.86
CA GLU A 5 -9.08 12.53 1.87
C GLU A 5 -8.25 11.90 0.73
N ILE A 6 -7.61 10.76 1.00
CA ILE A 6 -6.96 9.89 0.02
C ILE A 6 -7.96 8.94 -0.65
N ARG A 7 -8.96 8.44 0.10
CA ARG A 7 -9.94 7.44 -0.37
C ARG A 7 -10.71 7.91 -1.62
N LYS A 8 -11.03 9.20 -1.68
CA LYS A 8 -11.64 9.84 -2.86
C LYS A 8 -10.72 9.85 -4.08
N LYS A 9 -9.40 9.94 -3.87
CA LYS A 9 -8.35 9.95 -4.90
C LYS A 9 -8.18 8.55 -5.49
N LEU A 10 -8.22 7.54 -4.62
CA LEU A 10 -8.18 6.13 -4.96
C LEU A 10 -9.39 5.73 -5.84
N GLU A 11 -10.58 6.27 -5.55
CA GLU A 11 -11.78 6.03 -6.35
C GLU A 11 -11.85 6.77 -7.69
N GLU A 12 -11.37 8.02 -7.81
CA GLU A 12 -11.32 8.67 -9.13
C GLU A 12 -10.26 8.04 -10.04
N LEU A 13 -9.18 7.49 -9.46
CA LEU A 13 -8.12 6.77 -10.16
C LEU A 13 -8.63 5.46 -10.78
N ALA A 14 -9.61 4.81 -10.15
CA ALA A 14 -10.26 3.61 -10.70
C ALA A 14 -10.93 3.88 -12.07
N LYS A 15 -11.51 5.08 -12.25
CA LYS A 15 -12.09 5.52 -13.54
C LYS A 15 -11.02 5.94 -14.56
N ARG A 16 -9.89 6.47 -14.09
CA ARG A 16 -8.74 6.90 -14.92
C ARG A 16 -8.04 5.70 -15.56
N LYS A 17 -7.79 4.64 -14.77
CA LYS A 17 -7.05 3.44 -15.21
C LYS A 17 -7.93 2.26 -15.62
N GLY A 18 -9.20 2.23 -15.23
CA GLY A 18 -10.12 1.11 -15.48
C GLY A 18 -9.87 -0.13 -14.59
N LYS A 19 -9.06 -0.01 -13.52
CA LYS A 19 -8.78 -1.05 -12.52
C LYS A 19 -9.68 -0.91 -11.28
N ASP A 20 -9.83 -1.99 -10.53
CA ASP A 20 -10.48 -1.97 -9.20
C ASP A 20 -9.45 -1.58 -8.12
N LEU A 21 -9.72 -0.47 -7.41
CA LEU A 21 -9.00 -0.05 -6.20
C LEU A 21 -9.99 -0.05 -5.02
N GLN A 22 -9.64 -0.68 -3.90
CA GLN A 22 -10.49 -0.79 -2.71
C GLN A 22 -9.67 -0.56 -1.42
N LEU A 23 -10.31 -0.05 -0.36
CA LEU A 23 -9.67 0.33 0.90
C LEU A 23 -10.25 -0.42 2.11
N ARG A 24 -9.37 -0.87 3.01
CA ARG A 24 -9.73 -1.51 4.29
C ARG A 24 -8.73 -1.22 5.42
N ARG A 25 -9.16 -1.34 6.67
CA ARG A 25 -8.33 -1.16 7.89
C ARG A 25 -8.18 -2.47 8.68
N TYR A 26 -7.00 -2.70 9.24
CA TYR A 26 -6.59 -3.93 9.94
C TYR A 26 -5.83 -3.64 11.25
N ASN A 27 -5.72 -4.65 12.12
CA ASN A 27 -5.10 -4.53 13.45
C ASN A 27 -3.90 -5.48 13.68
N ASP A 28 -3.83 -6.62 12.99
CA ASP A 28 -2.78 -7.64 13.17
C ASP A 28 -2.19 -8.10 11.83
N PRO A 29 -0.86 -8.38 11.77
CA PRO A 29 -0.18 -8.80 10.54
C PRO A 29 -0.67 -10.18 10.05
N ASN A 30 -1.13 -11.02 10.97
CA ASN A 30 -1.67 -12.35 10.70
C ASN A 30 -2.99 -12.31 9.91
N GLU A 31 -3.85 -11.33 10.21
CA GLU A 31 -5.15 -11.16 9.54
C GLU A 31 -4.99 -10.43 8.21
N VAL A 32 -4.04 -9.48 8.16
CA VAL A 32 -3.81 -8.66 6.96
C VAL A 32 -3.15 -9.44 5.82
N GLU A 33 -2.27 -10.38 6.16
CA GLU A 33 -1.63 -11.34 5.25
C GLU A 33 -2.65 -12.01 4.30
N LYS A 34 -3.80 -12.40 4.85
CA LYS A 34 -4.88 -13.09 4.11
C LYS A 34 -5.52 -12.19 3.04
N SER A 35 -5.59 -10.88 3.29
CA SER A 35 -6.06 -9.88 2.32
C SER A 35 -5.09 -9.72 1.13
N ILE A 36 -3.78 -9.90 1.36
CA ILE A 36 -2.77 -9.80 0.31
C ILE A 36 -2.93 -10.96 -0.69
N ARG A 37 -3.22 -12.17 -0.21
CA ARG A 37 -3.43 -13.35 -1.05
C ARG A 37 -4.54 -13.14 -2.08
N GLU A 38 -5.63 -12.49 -1.67
CA GLU A 38 -6.78 -12.19 -2.55
C GLU A 38 -6.38 -11.23 -3.68
N ALA A 39 -5.71 -10.13 -3.34
CA ALA A 39 -5.27 -9.11 -4.30
C ALA A 39 -4.30 -9.67 -5.35
N LEU A 40 -3.34 -10.51 -4.93
CA LEU A 40 -2.34 -11.11 -5.81
C LEU A 40 -2.94 -12.21 -6.71
N LYS A 41 -3.88 -13.00 -6.20
CA LYS A 41 -4.55 -14.05 -6.98
C LYS A 41 -5.57 -13.50 -7.99
N LYS A 42 -6.29 -12.43 -7.63
CA LYS A 42 -7.36 -11.80 -8.45
C LYS A 42 -6.88 -10.65 -9.34
N GLY A 43 -5.61 -10.24 -9.23
CA GLY A 43 -5.01 -9.17 -10.05
C GLY A 43 -5.55 -7.78 -9.72
N ARG A 44 -5.93 -7.55 -8.45
CA ARG A 44 -6.60 -6.34 -7.95
C ARG A 44 -5.69 -5.48 -7.07
N THR A 45 -6.05 -4.21 -6.93
CA THR A 45 -5.37 -3.25 -6.07
C THR A 45 -6.11 -3.10 -4.74
N LEU A 46 -5.46 -3.44 -3.63
CA LEU A 46 -5.96 -3.19 -2.28
C LEU A 46 -5.04 -2.21 -1.55
N ILE A 47 -5.64 -1.18 -0.97
CA ILE A 47 -4.96 -0.18 -0.15
C ILE A 47 -5.40 -0.37 1.29
N ILE A 48 -4.44 -0.75 2.11
CA ILE A 48 -4.70 -1.21 3.47
C ILE A 48 -4.02 -0.29 4.49
N ILE A 49 -4.66 -0.08 5.64
CA ILE A 49 -4.09 0.67 6.77
C ILE A 49 -4.06 -0.25 7.99
N ILE A 50 -2.86 -0.55 8.49
CA ILE A 50 -2.63 -1.36 9.69
C ILE A 50 -1.87 -0.57 10.74
N ASN A 51 -2.50 -0.35 11.90
CA ASN A 51 -1.94 0.37 13.05
C ASN A 51 -1.31 1.74 12.68
N GLY A 52 -1.90 2.42 11.69
CA GLY A 52 -1.45 3.70 11.13
C GLY A 52 -0.46 3.59 9.95
N VAL A 53 0.03 2.40 9.59
CA VAL A 53 0.93 2.16 8.44
C VAL A 53 0.12 1.81 7.20
N PHE A 54 0.42 2.41 6.05
CA PHE A 54 -0.21 2.04 4.77
C PHE A 54 0.51 0.85 4.13
N VAL A 55 -0.24 -0.10 3.57
CA VAL A 55 0.24 -1.23 2.77
C VAL A 55 -0.51 -1.25 1.43
N VAL A 56 0.20 -1.17 0.31
CA VAL A 56 -0.38 -1.14 -1.05
C VAL A 56 -0.08 -2.45 -1.78
N VAL A 57 -1.10 -3.28 -2.03
CA VAL A 57 -0.95 -4.51 -2.81
C VAL A 57 -1.54 -4.31 -4.19
N SER A 58 -0.79 -4.58 -5.26
CA SER A 58 -1.29 -4.64 -6.63
C SER A 58 -0.36 -5.46 -7.51
N THR A 59 -0.87 -6.06 -8.58
CA THR A 59 -0.06 -6.68 -9.64
C THR A 59 0.39 -5.66 -10.70
N ASP A 60 0.09 -4.35 -10.52
CA ASP A 60 0.49 -3.28 -11.45
C ASP A 60 1.34 -2.22 -10.76
N GLU A 61 2.64 -2.18 -11.06
CA GLU A 61 3.59 -1.22 -10.47
C GLU A 61 3.20 0.24 -10.75
N ASP A 62 2.58 0.52 -11.91
CA ASP A 62 2.03 1.83 -12.26
C ASP A 62 0.92 2.29 -11.30
N LEU A 63 0.18 1.35 -10.69
CA LEU A 63 -0.80 1.68 -9.65
C LEU A 63 -0.16 1.91 -8.27
N ILE A 64 0.85 1.15 -7.88
CA ILE A 64 1.54 1.36 -6.59
C ILE A 64 2.30 2.69 -6.59
N ARG A 65 3.14 2.92 -7.61
CA ARG A 65 4.02 4.11 -7.71
C ARG A 65 3.25 5.43 -7.62
N GLU A 66 1.99 5.42 -8.07
CA GLU A 66 1.12 6.58 -8.13
C GLU A 66 0.27 6.77 -6.86
N ILE A 67 -0.19 5.67 -6.27
CA ILE A 67 -0.86 5.66 -4.95
C ILE A 67 0.07 6.25 -3.89
N LYS A 68 1.36 5.89 -3.93
CA LYS A 68 2.39 6.45 -3.04
C LYS A 68 2.41 7.97 -3.05
N ARG A 69 2.17 8.61 -4.20
CA ARG A 69 2.04 10.07 -4.31
C ARG A 69 0.84 10.58 -3.54
N LEU A 70 -0.35 10.02 -3.74
CA LEU A 70 -1.57 10.46 -3.04
C LEU A 70 -1.45 10.30 -1.52
N ILE A 71 -0.84 9.21 -1.04
CA ILE A 71 -0.62 8.97 0.39
C ILE A 71 0.38 10.01 0.93
N LYS A 72 1.49 10.23 0.22
CA LYS A 72 2.55 11.17 0.63
C LYS A 72 2.07 12.63 0.61
N GLU A 73 1.28 13.02 -0.37
CA GLU A 73 0.76 14.39 -0.52
C GLU A 73 -0.23 14.78 0.60
N SER A 74 -0.99 13.82 1.12
CA SER A 74 -1.90 14.04 2.26
C SER A 74 -1.19 13.85 3.61
N ASN A 75 -0.27 12.89 3.69
CA ASN A 75 0.47 12.51 4.90
C ASN A 75 1.97 12.32 4.61
N PRO A 76 2.78 13.40 4.55
CA PRO A 76 4.19 13.31 4.16
C PRO A 76 5.11 12.59 5.16
N ASN A 77 4.66 12.42 6.41
CA ASN A 77 5.40 11.73 7.47
C ASN A 77 5.00 10.24 7.64
N LYS A 78 3.93 9.77 6.97
CA LYS A 78 3.40 8.40 7.13
C LYS A 78 4.27 7.32 6.52
N LYS A 79 4.22 6.15 7.16
CA LYS A 79 4.90 4.90 6.75
C LYS A 79 4.06 4.18 5.70
N THR A 80 4.73 3.69 4.66
CA THR A 80 4.15 3.08 3.45
C THR A 80 4.95 1.84 3.01
N LEU A 81 4.23 0.75 2.78
CA LEU A 81 4.72 -0.53 2.25
C LEU A 81 4.04 -0.82 0.90
N ASP A 82 4.69 -1.59 0.03
CA ASP A 82 4.12 -2.09 -1.23
C ASP A 82 4.45 -3.56 -1.51
N VAL A 83 3.55 -4.24 -2.22
CA VAL A 83 3.62 -5.67 -2.53
C VAL A 83 3.09 -5.95 -3.96
N THR A 84 3.84 -6.71 -4.75
CA THR A 84 3.41 -7.26 -6.05
C THR A 84 3.53 -8.78 -6.18
N THR A 85 4.26 -9.42 -5.26
CA THR A 85 4.46 -10.87 -5.15
C THR A 85 4.54 -11.30 -3.68
N GLU A 86 4.35 -12.59 -3.39
CA GLU A 86 4.48 -13.12 -2.02
C GLU A 86 5.92 -13.09 -1.47
N GLU A 87 6.92 -13.11 -2.35
CA GLU A 87 8.33 -12.88 -1.97
C GLU A 87 8.55 -11.43 -1.49
N ASP A 88 7.85 -10.46 -2.10
CA ASP A 88 7.89 -9.05 -1.71
C ASP A 88 7.15 -8.79 -0.39
N LEU A 89 6.02 -9.47 -0.15
CA LEU A 89 5.29 -9.46 1.13
C LEU A 89 6.21 -9.85 2.30
N GLU A 90 6.92 -10.97 2.18
CA GLU A 90 7.85 -11.45 3.22
C GLU A 90 8.99 -10.46 3.47
N GLU A 91 9.54 -9.85 2.43
CA GLU A 91 10.58 -8.82 2.55
C GLU A 91 10.10 -7.59 3.31
N VAL A 92 8.94 -7.03 2.94
CA VAL A 92 8.40 -5.83 3.63
C VAL A 92 7.95 -6.11 5.07
N LEU A 93 7.43 -7.31 5.36
CA LEU A 93 7.17 -7.73 6.74
C LEU A 93 8.48 -7.95 7.53
N ARG A 94 9.54 -8.47 6.90
CA ARG A 94 10.86 -8.61 7.53
C ARG A 94 11.46 -7.25 7.89
N ARG A 95 11.33 -6.26 6.99
CA ARG A 95 11.73 -4.86 7.23
C ARG A 95 10.98 -4.23 8.40
N ILE A 96 9.67 -4.51 8.55
CA ILE A 96 8.89 -4.09 9.72
C ILE A 96 9.41 -4.74 11.02
N LYS A 97 9.69 -6.06 11.02
CA LYS A 97 10.18 -6.79 12.21
C LYS A 97 11.62 -6.39 12.60
N LYS A 98 12.44 -6.00 11.63
CA LYS A 98 13.84 -5.53 11.84
C LYS A 98 13.94 -4.04 12.24
N GLY A 99 12.85 -3.29 12.21
CA GLY A 99 12.82 -1.84 12.48
C GLY A 99 13.32 -0.98 11.31
N SER A 100 13.49 -1.56 10.13
CA SER A 100 13.97 -0.93 8.89
C SER A 100 12.79 -0.36 8.07
N TRP A 101 11.95 0.46 8.70
CA TRP A 101 10.68 0.97 8.14
C TRP A 101 10.92 1.99 7.00
N SER A 102 9.84 2.36 6.30
CA SER A 102 9.81 3.15 5.05
C SER A 102 10.86 4.26 4.93
N LEU A 103 11.70 4.17 3.89
CA LEU A 103 12.87 5.04 3.67
C LEU A 103 13.22 5.23 2.18
N GLU A 104 12.30 4.91 1.27
CA GLU A 104 12.59 4.85 -0.16
C GLU A 104 12.90 6.24 -0.78
N HIS A 105 14.11 6.38 -1.34
CA HIS A 105 14.62 7.61 -1.98
C HIS A 105 15.52 7.28 -3.18
N HIS A 106 15.37 8.05 -4.26
CA HIS A 106 16.25 8.07 -5.44
C HIS A 106 16.41 9.51 -5.95
N HIS A 107 17.59 9.87 -6.46
CA HIS A 107 17.88 11.22 -6.97
C HIS A 107 17.19 11.50 -8.33
N HIS A 108 17.14 10.47 -9.19
CA HIS A 108 16.61 10.55 -10.58
C HIS A 108 17.23 11.74 -11.37
N HIS A 109 16.57 12.21 -12.43
CA HIS A 109 16.90 13.45 -13.17
C HIS A 109 18.31 13.49 -13.83
N HIS A 110 18.94 12.34 -14.04
CA HIS A 110 20.28 12.16 -14.63
C HIS A 110 20.27 11.08 -15.73
#